data_7AU2
#
_entry.id   7AU2
#
_cell.length_a   1.00
_cell.length_b   1.00
_cell.length_c   1.00
_cell.angle_alpha   90.00
_cell.angle_beta   90.00
_cell.angle_gamma   90.00
#
_symmetry.space_group_name_H-M   'P 1'
#
loop_
_entity.id
_entity.type
_entity.pdbx_description
1 polymer 'Exostosin-like 3'
2 branched 2-acetamido-2-deoxy-beta-D-glucopyranose-(1-4)-2-acetamido-2-deoxy-beta-D-glucopyranose
3 branched alpha-D-mannopyranose-(1-3)-beta-D-mannopyranose-(1-4)-2-acetamido-2-deoxy-beta-D-glucopyranose-(1-4)-2-acetamido-2-deoxy-beta-D-glucopyranose
#
_entity_poly.entity_id   1
_entity_poly.type   'polypeptide(L)'
_entity_poly.pdbx_seq_one_letter_code
;APQLHHHHHHDLYENLYFQGKLTTLDEADEAGKRIFGPRVGNELCEVKHVLDLCRIRESVSEELLQLEAKRQELNSEIAK
LNLKIEACKKSIENAKQDLLQLKNVISQTEHSYKELMAQNQPKLSLPIRLLPEKDDAGLPPPKATRGCRLHNCFDYSRCP
LTSGFPVYVYDSDQFVFGSYLDPLVKQAFQATARANVYVTENADIACLYVILVGEMQEPVVLRPAELEKQLYSLPHWRTD
GHNHVIINLSRKSDTQNLLYNVSTGRAMVAQSTFYTVQYRPGFDLVVSPLVHAMSEPNFMEIPPQVPVKRKYLFTFQGEK
IESLRSSLQEARSFEEEMEGDPPADYDDRIIATLKAVQDSKLDQVLVEFTCKNQPKPSLPTEWALCGEREDRLELLKLST
FALIITPGDPRLVISSGCATRLFEALEVGAVPVVLGEQVQLPYQDMLQWNEAALVVPKPRVTEVHFLLRSLSDSDLLAMR
RQGRFLWETYFSTADSIFNTVLAMIRTRIQIPAAPIREEAAAEIPHRSGKAAGTDPNMADNGDLDLGPVETEPPYASPRY
LRNFTLTVTDFYRSWNCAPGPFHLFPHTPFDPVLPSEAKFLGSGTGFRPIGGGAGGSGKEFQAALGGNVPREQFTVVMLT
YEREEVLMNSLERLNGLPYLNKVVVVWNSPKLPSEDLLWPDIGVPIMVVRTEKNSLNNRFLPWNEIETEAILSIDDDAHL
RHDEIMFGFRVWREARDRIVGFPGRYHAWDIPHQSWLYNSNYSCELSMVLTGAAFFHKYYAYLYSYVMPQAIRDMVDEYI
NCEDIAMNFLVSHITRKPPIKVTSRWTFRCPGCPQALSHDDSHFHERHKCINFFVKVYGYMPLLYTQFRVDSVLFKTRLP
HDKTKCFKFI
;
_entity_poly.pdbx_strand_id   A,B
#
# COMPACT_ATOMS: atom_id res chain seq x y z
N GLY A 147 -18.59 2.50 30.01
CA GLY A 147 -17.26 3.17 30.04
C GLY A 147 -17.16 4.26 28.99
N CYS A 148 -16.30 5.25 29.22
CA CYS A 148 -16.20 6.36 28.30
C CYS A 148 -15.68 5.89 26.94
N ARG A 149 -16.35 6.37 25.90
CA ARG A 149 -15.88 6.22 24.53
C ARG A 149 -15.93 7.59 23.88
N LEU A 150 -15.28 7.71 22.73
CA LEU A 150 -15.17 9.01 22.08
C LEU A 150 -16.52 9.56 21.65
N HIS A 151 -17.54 8.71 21.49
CA HIS A 151 -18.85 9.18 21.05
C HIS A 151 -19.79 9.52 22.18
N ASN A 152 -19.40 9.29 23.44
CA ASN A 152 -20.24 9.66 24.58
C ASN A 152 -19.50 10.40 25.68
N CYS A 153 -18.23 10.77 25.47
CA CYS A 153 -17.48 11.57 26.42
C CYS A 153 -16.64 12.67 25.79
N PHE A 154 -16.75 12.89 24.49
CA PHE A 154 -16.02 13.96 23.81
C PHE A 154 -16.99 14.98 23.26
N ASP A 155 -16.65 16.25 23.41
CA ASP A 155 -17.47 17.36 22.92
C ASP A 155 -16.92 17.81 21.57
N TYR A 156 -17.63 17.46 20.50
CA TYR A 156 -17.20 17.85 19.17
C TYR A 156 -17.53 19.31 18.85
N SER A 157 -18.42 19.93 19.61
CA SER A 157 -18.77 21.32 19.34
C SER A 157 -17.59 22.25 19.53
N ARG A 158 -16.60 21.86 20.33
CA ARG A 158 -15.39 22.65 20.49
C ARG A 158 -14.43 22.51 19.32
N CYS A 159 -14.64 21.54 18.43
CA CYS A 159 -13.63 21.11 17.47
C CYS A 159 -14.25 20.97 16.08
N PRO A 160 -14.54 22.10 15.43
CA PRO A 160 -15.02 22.03 14.04
C PRO A 160 -13.94 21.52 13.10
N LEU A 161 -14.38 20.97 11.97
CA LEU A 161 -13.44 20.34 11.04
C LEU A 161 -12.51 21.36 10.40
N THR A 162 -12.98 22.60 10.21
CA THR A 162 -12.22 23.60 9.47
C THR A 162 -11.39 24.52 10.36
N SER A 163 -11.63 24.53 11.67
CA SER A 163 -11.03 25.51 12.55
C SER A 163 -9.65 25.12 13.05
N GLY A 164 -9.06 24.05 12.51
CA GLY A 164 -7.78 23.63 13.01
C GLY A 164 -7.91 22.84 14.30
N PHE A 165 -6.77 22.66 14.95
CA PHE A 165 -6.66 21.81 16.15
C PHE A 165 -5.90 22.58 17.23
N PRO A 166 -6.51 23.64 17.79
CA PRO A 166 -5.84 24.41 18.84
C PRO A 166 -5.75 23.62 20.13
N VAL A 167 -4.56 23.62 20.74
CA VAL A 167 -4.28 22.86 21.96
C VAL A 167 -3.80 23.80 23.04
N TYR A 168 -4.31 23.61 24.25
CA TYR A 168 -3.85 24.34 25.42
C TYR A 168 -3.15 23.37 26.37
N VAL A 169 -1.94 23.74 26.78
CA VAL A 169 -1.13 22.93 27.70
C VAL A 169 -1.06 23.66 29.04
N TYR A 170 -1.44 22.97 30.10
CA TYR A 170 -1.29 23.52 31.44
C TYR A 170 0.19 23.63 31.81
N ASP A 171 0.52 24.68 32.54
CA ASP A 171 1.86 24.82 33.12
C ASP A 171 1.86 24.06 34.45
N SER A 172 2.57 22.92 34.47
CA SER A 172 2.54 22.04 35.63
C SER A 172 3.24 22.65 36.84
N ASP A 173 4.10 23.65 36.62
CA ASP A 173 4.75 24.31 37.74
C ASP A 173 3.76 25.04 38.65
N GLN A 174 2.58 25.38 38.15
CA GLN A 174 1.57 26.09 38.92
C GLN A 174 0.61 25.16 39.63
N PHE A 175 0.99 23.91 39.84
CA PHE A 175 0.13 22.91 40.47
C PHE A 175 0.99 21.93 41.26
N VAL A 176 0.34 21.19 42.16
CA VAL A 176 1.08 20.36 43.11
C VAL A 176 1.87 19.26 42.41
N PHE A 177 1.48 18.89 41.18
CA PHE A 177 2.24 17.87 40.46
C PHE A 177 3.67 18.32 40.21
N GLY A 178 3.88 19.61 39.96
CA GLY A 178 5.12 20.06 39.36
C GLY A 178 6.35 19.73 40.17
N SER A 179 6.29 19.87 41.50
CA SER A 179 7.47 19.66 42.32
C SER A 179 7.83 18.20 42.49
N TYR A 180 6.91 17.28 42.21
CA TYR A 180 7.17 15.86 42.34
C TYR A 180 7.50 15.17 41.03
N LEU A 181 7.42 15.88 39.91
CA LEU A 181 7.70 15.28 38.62
C LEU A 181 9.18 14.91 38.51
N ASP A 182 9.47 13.89 37.71
CA ASP A 182 10.85 13.60 37.38
C ASP A 182 11.41 14.75 36.55
N PRO A 183 12.50 15.39 36.97
CA PRO A 183 12.90 16.66 36.33
C PRO A 183 13.16 16.55 34.84
N LEU A 184 13.74 15.45 34.37
CA LEU A 184 14.07 15.36 32.94
C LEU A 184 12.82 15.24 32.09
N VAL A 185 11.84 14.46 32.55
CA VAL A 185 10.56 14.36 31.84
C VAL A 185 9.91 15.74 31.75
N LYS A 186 9.82 16.43 32.88
CA LYS A 186 9.23 17.77 32.92
C LYS A 186 9.94 18.70 31.95
N GLN A 187 11.27 18.71 32.01
CA GLN A 187 12.08 19.58 31.17
C GLN A 187 11.83 19.32 29.69
N ALA A 188 11.94 18.05 29.27
CA ALA A 188 11.76 17.71 27.87
C ALA A 188 10.35 18.04 27.39
N PHE A 189 9.34 17.71 28.20
CA PHE A 189 7.96 17.94 27.79
C PHE A 189 7.69 19.44 27.65
N GLN A 190 8.17 20.24 28.58
CA GLN A 190 7.97 21.69 28.47
C GLN A 190 8.67 22.22 27.23
N ALA A 191 9.88 21.74 26.96
CA ALA A 191 10.60 22.20 25.78
C ALA A 191 9.83 21.89 24.50
N THR A 192 9.31 20.66 24.38
CA THR A 192 8.63 20.29 23.15
C THR A 192 7.27 20.98 23.01
N ALA A 193 6.56 21.15 24.13
CA ALA A 193 5.26 21.82 24.08
C ALA A 193 5.43 23.29 23.72
N ARG A 194 6.50 23.93 24.21
CA ARG A 194 6.75 25.32 23.86
C ARG A 194 6.91 25.50 22.35
N ALA A 195 7.49 24.50 21.67
CA ALA A 195 7.83 24.64 20.26
C ALA A 195 6.71 24.17 19.32
N ASN A 196 5.66 23.57 19.83
CA ASN A 196 4.70 22.88 18.97
C ASN A 196 3.79 23.88 18.26
N VAL A 197 3.46 23.55 17.00
CA VAL A 197 2.69 24.47 16.17
C VAL A 197 1.24 24.54 16.59
N TYR A 198 0.67 23.45 17.13
CA TYR A 198 -0.74 23.43 17.47
C TYR A 198 -1.05 24.16 18.78
N VAL A 199 -0.04 24.43 19.60
CA VAL A 199 -0.30 24.91 20.95
C VAL A 199 -0.69 26.38 20.94
N THR A 200 -1.65 26.73 21.78
CA THR A 200 -2.11 28.10 21.94
C THR A 200 -2.17 28.46 23.41
N GLU A 201 -2.03 29.75 23.69
CA GLU A 201 -2.22 30.28 25.05
C GLU A 201 -3.65 30.69 25.33
N ASN A 202 -4.52 30.69 24.32
CA ASN A 202 -5.90 31.14 24.44
C ASN A 202 -6.75 29.94 24.86
N ALA A 203 -7.05 29.86 26.15
CA ALA A 203 -7.76 28.70 26.69
C ALA A 203 -9.20 28.62 26.20
N ASP A 204 -9.79 29.74 25.78
CA ASP A 204 -11.21 29.73 25.42
C ASP A 204 -11.46 29.06 24.08
N ILE A 205 -10.48 29.07 23.17
CA ILE A 205 -10.67 28.50 21.84
C ILE A 205 -10.19 27.06 21.74
N ALA A 206 -9.59 26.52 22.79
CA ALA A 206 -8.88 25.26 22.70
C ALA A 206 -9.85 24.11 22.47
N CYS A 207 -9.48 23.20 21.57
CA CYS A 207 -10.25 21.97 21.36
C CYS A 207 -9.84 20.90 22.35
N LEU A 208 -8.59 20.91 22.77
CA LEU A 208 -8.03 19.89 23.64
C LEU A 208 -7.20 20.56 24.73
N TYR A 209 -7.22 19.97 25.92
CA TYR A 209 -6.42 20.44 27.05
C TYR A 209 -5.49 19.33 27.50
N VAL A 210 -4.24 19.69 27.78
CA VAL A 210 -3.18 18.73 28.09
C VAL A 210 -2.62 19.06 29.46
N ILE A 211 -2.58 18.06 30.33
CA ILE A 211 -1.98 18.18 31.66
C ILE A 211 -1.00 17.03 31.83
N LEU A 212 0.23 17.36 32.23
CA LEU A 212 1.26 16.38 32.48
C LEU A 212 1.29 16.06 33.97
N VAL A 213 0.93 14.82 34.31
CA VAL A 213 1.15 14.33 35.67
C VAL A 213 2.41 13.46 35.73
N GLY A 214 2.82 12.89 34.60
CA GLY A 214 4.17 12.38 34.42
C GLY A 214 4.59 11.29 35.38
N GLU A 215 5.76 10.72 35.10
CA GLU A 215 6.42 9.86 36.07
C GLU A 215 6.88 10.72 37.24
N MET A 216 6.58 10.25 38.46
CA MET A 216 6.94 10.98 39.66
C MET A 216 8.18 10.38 40.30
N GLN A 217 8.87 11.20 41.10
CA GLN A 217 10.07 10.74 41.77
C GLN A 217 9.74 9.61 42.74
N GLU A 218 10.64 8.63 42.80
CA GLU A 218 10.46 7.50 43.68
C GLU A 218 11.13 7.75 45.04
N PRO A 219 10.47 7.39 46.16
CA PRO A 219 9.11 6.87 46.27
C PRO A 219 8.07 7.97 46.09
N VAL A 220 6.87 7.60 45.65
CA VAL A 220 5.85 8.58 45.29
C VAL A 220 5.24 9.15 46.57
N VAL A 221 5.53 10.42 46.84
CA VAL A 221 5.00 11.08 48.03
C VAL A 221 3.49 11.31 47.88
N LEU A 222 3.04 11.66 46.68
CA LEU A 222 1.66 12.09 46.50
C LEU A 222 0.71 10.92 46.63
N ARG A 223 -0.47 11.19 47.19
CA ARG A 223 -1.48 10.17 47.40
C ARG A 223 -2.50 10.21 46.26
N PRO A 224 -3.08 9.05 45.89
CA PRO A 224 -4.05 9.06 44.77
C PRO A 224 -5.21 10.02 44.97
N ALA A 225 -5.75 10.09 46.20
CA ALA A 225 -6.87 10.97 46.45
C ALA A 225 -6.49 12.44 46.24
N GLU A 226 -5.28 12.82 46.63
CA GLU A 226 -4.87 14.21 46.49
C GLU A 226 -4.55 14.55 45.04
N LEU A 227 -4.03 13.57 44.27
CA LEU A 227 -3.91 13.75 42.83
C LEU A 227 -5.27 13.97 42.18
N GLU A 228 -6.26 13.16 42.58
CA GLU A 228 -7.63 13.36 42.12
C GLU A 228 -8.14 14.75 42.49
N LYS A 229 -7.84 15.18 43.72
CA LYS A 229 -8.28 16.49 44.18
C LYS A 229 -7.70 17.60 43.32
N GLN A 230 -6.43 17.47 42.95
CA GLN A 230 -5.82 18.50 42.10
C GLN A 230 -6.39 18.45 40.69
N LEU A 231 -6.64 17.26 40.14
CA LEU A 231 -7.23 17.18 38.81
C LEU A 231 -8.56 17.92 38.74
N TYR A 232 -9.46 17.60 39.66
CA TYR A 232 -10.81 18.19 39.65
C TYR A 232 -10.81 19.66 40.01
N SER A 233 -9.65 20.26 40.29
CA SER A 233 -9.54 21.67 40.61
C SER A 233 -8.89 22.48 39.50
N LEU A 234 -8.59 21.87 38.37
CA LEU A 234 -7.92 22.59 37.30
C LEU A 234 -8.82 23.69 36.76
N PRO A 235 -8.26 24.81 36.29
CA PRO A 235 -9.11 25.96 35.92
C PRO A 235 -10.19 25.64 34.91
N HIS A 236 -9.91 24.82 33.91
CA HIS A 236 -10.87 24.54 32.85
C HIS A 236 -11.40 23.11 32.90
N TRP A 237 -11.12 22.39 34.00
CA TRP A 237 -11.79 21.12 34.30
C TRP A 237 -13.20 21.48 34.77
N ARG A 238 -14.10 21.64 33.79
CA ARG A 238 -15.34 22.33 34.06
C ARG A 238 -16.16 21.62 35.13
N THR A 239 -16.61 20.40 34.87
CA THR A 239 -17.11 19.56 35.95
C THR A 239 -16.62 18.13 35.84
N ASP A 240 -16.24 17.69 34.63
CA ASP A 240 -15.93 16.30 34.38
C ASP A 240 -14.67 16.09 33.56
N GLY A 241 -14.04 17.15 33.07
CA GLY A 241 -12.77 17.00 32.38
C GLY A 241 -12.89 16.51 30.96
N HIS A 242 -13.99 16.84 30.27
CA HIS A 242 -14.11 16.46 28.87
C HIS A 242 -13.12 17.23 28.02
N ASN A 243 -12.61 16.56 26.99
CA ASN A 243 -11.60 17.13 26.09
C ASN A 243 -10.28 17.40 26.81
N HIS A 244 -9.99 16.59 27.83
CA HIS A 244 -8.71 16.60 28.51
C HIS A 244 -7.98 15.29 28.24
N VAL A 245 -6.67 15.36 28.07
CA VAL A 245 -5.81 14.18 28.00
C VAL A 245 -4.78 14.28 29.10
N ILE A 246 -4.71 13.25 29.94
CA ILE A 246 -3.75 13.17 31.02
C ILE A 246 -2.56 12.36 30.54
N ILE A 247 -1.38 12.97 30.56
CA ILE A 247 -0.16 12.37 30.03
C ILE A 247 0.73 11.96 31.20
N ASN A 248 1.15 10.69 31.20
CA ASN A 248 2.00 10.12 32.24
C ASN A 248 3.10 9.32 31.53
N LEU A 249 4.25 9.96 31.32
CA LEU A 249 5.34 9.37 30.56
C LEU A 249 6.27 8.61 31.49
N SER A 250 6.68 7.41 31.06
CA SER A 250 7.57 6.58 31.87
C SER A 250 9.01 6.71 31.39
N ARG A 251 9.92 6.96 32.34
CA ARG A 251 11.34 7.06 32.02
C ARG A 251 12.20 6.07 32.79
N LYS A 252 12.04 6.03 34.11
CA LYS A 252 12.97 5.33 34.97
C LYS A 252 12.34 4.16 35.72
N SER A 253 11.05 4.22 36.02
CA SER A 253 10.38 3.19 36.81
C SER A 253 9.48 2.34 35.91
N ASP A 254 9.48 1.03 36.15
CA ASP A 254 8.60 0.10 35.48
C ASP A 254 7.59 -0.52 36.43
N THR A 255 7.40 0.08 37.62
CA THR A 255 6.42 -0.40 38.59
C THR A 255 5.48 0.70 39.05
N GLN A 256 5.54 1.89 38.46
CA GLN A 256 4.69 2.99 38.88
C GLN A 256 3.38 2.99 38.11
N ASN A 257 2.27 3.07 38.83
CA ASN A 257 0.93 2.97 38.27
C ASN A 257 0.03 4.05 38.88
N LEU A 258 0.49 5.30 38.83
CA LEU A 258 -0.13 6.39 39.57
C LEU A 258 -1.66 6.34 39.54
N LEU A 259 -2.25 6.29 38.35
CA LEU A 259 -3.65 6.61 38.16
C LEU A 259 -4.59 5.43 38.37
N TYR A 260 -4.13 4.35 39.02
CA TYR A 260 -4.95 3.15 39.13
C TYR A 260 -6.18 3.38 40.00
N ASN A 261 -6.02 4.11 41.10
CA ASN A 261 -7.12 4.39 42.02
C ASN A 261 -7.62 5.82 41.90
N VAL A 262 -7.53 6.43 40.72
CA VAL A 262 -7.87 7.83 40.51
C VAL A 262 -9.01 7.92 39.53
N SER A 263 -10.03 8.72 39.89
CA SER A 263 -11.13 8.97 38.97
C SER A 263 -10.74 10.08 38.00
N THR A 264 -10.83 9.79 36.71
CA THR A 264 -10.43 10.73 35.67
C THR A 264 -11.63 11.31 34.93
N GLY A 265 -12.84 10.97 35.35
CA GLY A 265 -14.02 11.53 34.70
C GLY A 265 -14.07 11.16 33.24
N ARG A 266 -14.17 12.18 32.40
CA ARG A 266 -14.28 12.00 30.95
C ARG A 266 -12.96 12.25 30.23
N ALA A 267 -11.86 12.34 30.96
CA ALA A 267 -10.58 12.64 30.36
C ALA A 267 -9.94 11.40 29.76
N MET A 268 -9.18 11.59 28.68
CA MET A 268 -8.37 10.53 28.12
C MET A 268 -7.06 10.41 28.87
N VAL A 269 -6.47 9.23 28.81
CA VAL A 269 -5.22 8.93 29.51
C VAL A 269 -4.24 8.35 28.51
N ALA A 270 -3.02 8.91 28.50
CA ALA A 270 -1.93 8.43 27.65
C ALA A 270 -0.78 7.99 28.54
N GLN A 271 -0.48 6.71 28.52
CA GLN A 271 0.58 6.15 29.34
C GLN A 271 1.01 4.81 28.75
N SER A 272 1.95 4.16 29.43
CA SER A 272 2.58 2.94 28.95
C SER A 272 2.14 1.69 29.70
N THR A 273 1.45 1.84 30.83
CA THR A 273 1.00 0.71 31.63
C THR A 273 -0.51 0.79 31.81
N PHE A 274 -1.20 -0.30 31.48
CA PHE A 274 -2.64 -0.37 31.60
C PHE A 274 -3.04 -1.73 32.16
N TYR A 275 -3.99 -1.73 33.09
CA TYR A 275 -4.74 -2.92 33.44
C TYR A 275 -6.10 -2.88 32.75
N THR A 276 -6.69 -4.06 32.58
CA THR A 276 -7.93 -4.17 31.82
C THR A 276 -9.02 -3.28 32.41
N VAL A 277 -9.04 -3.10 33.74
CA VAL A 277 -10.08 -2.29 34.38
C VAL A 277 -9.94 -0.81 34.09
N GLN A 278 -8.81 -0.37 33.55
CA GLN A 278 -8.59 1.05 33.31
C GLN A 278 -8.19 1.37 31.87
N TYR A 279 -8.26 0.41 30.95
CA TYR A 279 -8.03 0.67 29.54
C TYR A 279 -9.37 0.72 28.82
N ARG A 280 -9.59 1.81 28.08
CA ARG A 280 -10.79 2.01 27.30
C ARG A 280 -10.42 2.10 25.83
N PRO A 281 -10.57 1.02 25.05
CA PRO A 281 -10.05 1.02 23.68
C PRO A 281 -10.69 2.11 22.82
N GLY A 282 -9.86 2.69 21.95
CA GLY A 282 -10.30 3.78 21.10
C GLY A 282 -10.41 5.12 21.78
N PHE A 283 -10.20 5.18 23.09
CA PHE A 283 -10.33 6.40 23.85
C PHE A 283 -9.01 6.70 24.55
N ASP A 284 -8.42 5.70 25.18
CA ASP A 284 -7.11 5.84 25.78
C ASP A 284 -6.01 5.57 24.76
N LEU A 285 -4.80 6.00 25.09
CA LEU A 285 -3.65 5.89 24.21
C LEU A 285 -2.53 5.15 24.92
N VAL A 286 -1.96 4.17 24.23
CA VAL A 286 -0.73 3.51 24.69
C VAL A 286 0.44 4.16 23.98
N VAL A 287 1.37 4.70 24.76
CA VAL A 287 2.48 5.48 24.23
C VAL A 287 3.79 4.84 24.64
N SER A 288 4.86 5.21 23.93
CA SER A 288 6.17 4.66 24.20
C SER A 288 6.82 5.39 25.38
N PRO A 289 7.76 4.74 26.06
CA PRO A 289 8.47 5.41 27.16
C PRO A 289 9.45 6.44 26.66
N LEU A 290 9.77 7.39 27.54
CA LEU A 290 10.65 8.51 27.20
C LEU A 290 12.08 8.14 27.60
N VAL A 291 12.82 7.61 26.63
CA VAL A 291 14.19 7.18 26.89
C VAL A 291 15.16 8.34 26.69
N HIS A 292 15.16 8.91 25.49
CA HIS A 292 16.10 9.97 25.14
C HIS A 292 15.56 11.34 25.56
N ALA A 293 15.54 11.55 26.87
CA ALA A 293 15.13 12.84 27.41
C ALA A 293 16.34 13.77 27.53
N MET A 294 16.22 14.96 26.93
CA MET A 294 17.33 15.91 26.90
C MET A 294 18.60 15.26 26.38
N SER A 295 18.45 14.49 25.31
CA SER A 295 19.57 13.83 24.66
C SER A 295 19.14 13.48 23.25
N GLU A 296 20.12 13.15 22.41
CA GLU A 296 19.85 12.86 21.02
C GLU A 296 20.26 11.42 20.69
N PRO A 297 19.40 10.67 19.99
CA PRO A 297 19.85 9.38 19.45
C PRO A 297 20.68 9.58 18.19
N ASN A 298 21.90 9.08 18.21
CA ASN A 298 22.80 9.21 17.06
C ASN A 298 22.74 7.94 16.22
N PHE A 299 22.53 8.11 14.91
CA PHE A 299 22.48 6.97 14.00
C PHE A 299 23.83 6.29 13.85
N MET A 300 24.92 6.97 14.22
CA MET A 300 26.25 6.40 14.02
C MET A 300 26.47 5.14 14.84
N GLU A 301 25.73 4.97 15.94
CA GLU A 301 25.88 3.80 16.79
C GLU A 301 24.91 2.68 16.45
N ILE A 302 23.96 2.91 15.56
CA ILE A 302 23.03 1.85 15.13
C ILE A 302 23.78 0.93 14.18
N PRO A 303 23.74 -0.39 14.40
CA PRO A 303 24.44 -1.30 13.50
C PRO A 303 23.77 -1.33 12.13
N PRO A 304 24.52 -1.65 11.07
CA PRO A 304 23.92 -1.65 9.74
C PRO A 304 22.88 -2.74 9.56
N GLN A 305 21.92 -2.46 8.67
CA GLN A 305 20.84 -3.41 8.41
C GLN A 305 21.33 -4.69 7.74
N VAL A 306 22.42 -4.60 6.98
CA VAL A 306 22.99 -5.76 6.31
C VAL A 306 24.35 -6.05 6.95
N PRO A 307 24.72 -7.32 7.18
CA PRO A 307 24.05 -8.57 6.82
C PRO A 307 22.77 -8.88 7.60
N VAL A 308 21.88 -9.63 6.93
CA VAL A 308 20.60 -9.98 7.52
C VAL A 308 20.81 -10.86 8.75
N LYS A 309 21.61 -11.91 8.61
CA LYS A 309 21.85 -12.83 9.71
C LYS A 309 23.03 -12.35 10.55
N ARG A 310 22.80 -12.24 11.85
CA ARG A 310 23.82 -11.83 12.81
C ARG A 310 24.28 -13.06 13.60
N LYS A 311 25.12 -12.81 14.60
CA LYS A 311 25.71 -13.91 15.37
C LYS A 311 24.64 -14.84 15.93
N TYR A 312 23.66 -14.28 16.62
CA TYR A 312 22.61 -15.04 17.27
C TYR A 312 21.31 -14.93 16.49
N LEU A 313 20.58 -16.05 16.41
CA LEU A 313 19.27 -16.02 15.77
C LEU A 313 18.26 -15.25 16.60
N PHE A 314 18.20 -15.54 17.91
CA PHE A 314 17.40 -14.76 18.84
C PHE A 314 18.02 -14.84 20.22
N THR A 315 17.68 -13.85 21.04
CA THR A 315 18.23 -13.70 22.38
C THR A 315 17.14 -13.29 23.34
N PHE A 316 17.35 -13.62 24.62
CA PHE A 316 16.44 -13.20 25.68
C PHE A 316 17.21 -13.14 27.00
N GLN A 317 16.93 -12.11 27.78
CA GLN A 317 17.45 -11.95 29.13
C GLN A 317 16.33 -11.47 30.03
N GLY A 318 16.07 -12.22 31.10
CA GLY A 318 15.02 -11.83 32.02
C GLY A 318 15.00 -12.74 33.23
N GLU A 319 14.26 -12.30 34.24
CA GLU A 319 14.12 -13.03 35.49
C GLU A 319 12.69 -12.89 35.99
N LYS A 320 12.21 -13.92 36.67
CA LYS A 320 10.83 -13.94 37.15
C LYS A 320 10.74 -14.69 38.48
N ASP A 345 -1.21 -21.25 31.86
CA ASP A 345 0.17 -21.14 32.31
C ASP A 345 1.11 -21.86 31.34
N TYR A 346 2.13 -21.13 30.86
CA TYR A 346 3.04 -21.64 29.86
C TYR A 346 4.51 -21.39 30.18
N ASP A 347 4.83 -20.93 31.40
CA ASP A 347 6.20 -20.56 31.70
C ASP A 347 7.16 -21.73 31.53
N ASP A 348 6.84 -22.87 32.16
CA ASP A 348 7.71 -24.03 32.07
C ASP A 348 7.82 -24.54 30.63
N ARG A 349 6.70 -24.56 29.90
CA ARG A 349 6.73 -24.98 28.51
C ARG A 349 7.71 -24.12 27.69
N ILE A 350 7.59 -22.81 27.83
CA ILE A 350 8.44 -21.90 27.06
C ILE A 350 9.90 -22.11 27.44
N ILE A 351 10.18 -22.19 28.74
CA ILE A 351 11.56 -22.33 29.19
C ILE A 351 12.16 -23.61 28.64
N ALA A 352 11.43 -24.71 28.75
CA ALA A 352 11.94 -25.99 28.26
C ALA A 352 12.16 -25.96 26.77
N THR A 353 11.21 -25.41 26.01
CA THR A 353 11.34 -25.38 24.56
C THR A 353 12.55 -24.56 24.13
N LEU A 354 12.74 -23.38 24.74
CA LEU A 354 13.84 -22.53 24.32
C LEU A 354 15.19 -23.09 24.79
N LYS A 355 15.23 -23.70 25.97
CA LYS A 355 16.45 -24.38 26.40
C LYS A 355 16.80 -25.54 25.47
N ALA A 356 15.79 -26.28 25.01
CA ALA A 356 16.03 -27.34 24.04
C ALA A 356 16.59 -26.77 22.74
N VAL A 357 16.02 -25.66 22.27
CA VAL A 357 16.55 -25.01 21.07
C VAL A 357 18.02 -24.65 21.27
N GLN A 358 18.34 -24.09 22.44
CA GLN A 358 19.72 -23.74 22.72
C GLN A 358 20.63 -24.97 22.74
N ASP A 359 20.18 -26.05 23.37
CA ASP A 359 21.00 -27.25 23.48
C ASP A 359 21.24 -27.90 22.13
N SER A 360 20.22 -27.95 21.27
CA SER A 360 20.36 -28.63 19.99
C SER A 360 21.42 -28.00 19.10
N LYS A 361 21.58 -26.67 19.16
CA LYS A 361 22.63 -25.97 18.44
C LYS A 361 22.51 -26.16 16.93
N LEU A 362 21.28 -26.22 16.42
CA LEU A 362 21.07 -26.03 14.99
C LEU A 362 21.39 -24.60 14.58
N ASP A 363 21.10 -23.64 15.46
CA ASP A 363 21.50 -22.25 15.27
C ASP A 363 21.95 -21.70 16.62
N GLN A 364 22.72 -20.63 16.57
CA GLN A 364 23.25 -20.02 17.78
C GLN A 364 22.20 -19.12 18.42
N VAL A 365 21.87 -19.41 19.68
CA VAL A 365 20.97 -18.59 20.47
C VAL A 365 21.57 -18.40 21.85
N LEU A 366 21.15 -17.33 22.52
CA LEU A 366 21.58 -17.03 23.88
C LEU A 366 20.34 -16.65 24.67
N VAL A 367 19.85 -17.57 25.49
CA VAL A 367 18.63 -17.39 26.25
C VAL A 367 18.97 -17.56 27.72
N GLU A 368 18.73 -16.51 28.51
CA GLU A 368 18.98 -16.52 29.94
C GLU A 368 17.69 -16.20 30.67
N PHE A 369 17.36 -17.03 31.67
CA PHE A 369 16.18 -16.83 32.49
C PHE A 369 16.53 -16.41 33.91
N THR A 370 17.78 -16.02 34.14
CA THR A 370 18.19 -15.31 35.36
C THR A 370 19.08 -14.15 34.96
N CYS A 371 19.08 -13.11 35.78
CA CYS A 371 19.85 -11.91 35.48
C CYS A 371 21.21 -11.99 36.15
N LYS A 372 22.28 -11.83 35.35
CA LYS A 372 23.62 -11.76 35.92
C LYS A 372 23.81 -10.45 36.66
N ASN A 373 23.34 -9.34 36.08
CA ASN A 373 23.32 -8.05 36.76
C ASN A 373 21.97 -7.89 37.44
N GLN A 374 21.97 -7.23 38.60
CA GLN A 374 20.80 -7.21 39.46
C GLN A 374 19.57 -6.82 38.67
N PRO A 375 18.44 -7.53 38.83
CA PRO A 375 17.25 -7.20 38.04
C PRO A 375 16.61 -5.88 38.46
N LYS A 376 15.91 -5.27 37.51
CA LYS A 376 15.15 -4.07 37.80
C LYS A 376 13.80 -4.46 38.40
N PRO A 377 13.25 -3.64 39.29
CA PRO A 377 11.93 -3.94 39.85
C PRO A 377 10.88 -4.04 38.76
N SER A 378 9.92 -4.95 38.95
CA SER A 378 8.96 -5.29 37.91
C SER A 378 7.60 -5.52 38.53
N LEU A 379 6.58 -5.50 37.67
CA LEU A 379 5.23 -5.84 38.09
C LEU A 379 5.16 -7.31 38.47
N PRO A 380 4.15 -7.70 39.24
CA PRO A 380 4.20 -9.00 39.92
C PRO A 380 4.46 -10.19 39.01
N THR A 381 3.85 -10.25 37.83
CA THR A 381 3.93 -11.44 36.98
C THR A 381 4.68 -11.19 35.69
N GLU A 382 5.60 -10.23 35.68
CA GLU A 382 6.29 -9.81 34.47
C GLU A 382 7.75 -10.26 34.52
N TRP A 383 8.31 -10.54 33.34
CA TRP A 383 9.74 -10.84 33.22
C TRP A 383 10.53 -9.55 33.40
N ALA A 384 11.44 -9.55 34.37
CA ALA A 384 12.13 -8.33 34.75
C ALA A 384 13.31 -8.04 33.83
N LEU A 385 13.57 -6.75 33.64
CA LEU A 385 14.72 -6.33 32.84
C LEU A 385 16.01 -6.53 33.62
N CYS A 386 17.04 -7.00 32.94
CA CYS A 386 18.32 -7.26 33.56
C CYS A 386 19.31 -6.13 33.28
N GLY A 387 20.07 -5.76 34.31
CA GLY A 387 21.19 -4.87 34.12
C GLY A 387 20.76 -3.46 33.73
N GLU A 388 21.70 -2.76 33.10
CA GLU A 388 21.48 -1.41 32.60
C GLU A 388 21.17 -1.45 31.10
N ARG A 389 20.71 -0.29 30.60
CA ARG A 389 20.32 -0.20 29.20
C ARG A 389 21.50 -0.48 28.28
N GLU A 390 22.70 -0.05 28.66
CA GLU A 390 23.87 -0.29 27.83
C GLU A 390 24.24 -1.77 27.77
N ASP A 391 24.01 -2.50 28.86
CA ASP A 391 24.31 -3.92 28.87
C ASP A 391 23.43 -4.68 27.88
N ARG A 392 22.16 -4.29 27.79
CA ARG A 392 21.21 -5.01 26.95
C ARG A 392 21.48 -4.76 25.47
N LEU A 393 21.74 -3.51 25.10
CA LEU A 393 21.97 -3.17 23.70
C LEU A 393 23.15 -3.94 23.14
N GLU A 394 24.16 -4.22 23.97
CA GLU A 394 25.33 -4.94 23.49
C GLU A 394 24.95 -6.31 22.95
N LEU A 395 24.09 -7.03 23.65
CA LEU A 395 23.65 -8.33 23.17
C LEU A 395 22.62 -8.20 22.06
N LEU A 396 21.74 -7.19 22.14
CA LEU A 396 20.74 -7.00 21.09
C LEU A 396 21.37 -6.64 19.75
N LYS A 397 22.51 -5.95 19.76
CA LYS A 397 23.18 -5.61 18.52
C LYS A 397 23.68 -6.82 17.77
N LEU A 398 23.81 -7.96 18.44
CA LEU A 398 24.36 -9.18 17.85
C LEU A 398 23.30 -10.18 17.45
N SER A 399 22.02 -9.84 17.52
CA SER A 399 20.94 -10.80 17.37
C SER A 399 20.02 -10.41 16.23
N THR A 400 19.66 -11.41 15.42
CA THR A 400 18.73 -11.20 14.32
C THR A 400 17.33 -10.90 14.85
N PHE A 401 16.86 -11.69 15.81
CA PHE A 401 15.55 -11.51 16.40
C PHE A 401 15.70 -11.20 17.88
N ALA A 402 14.67 -10.57 18.45
CA ALA A 402 14.60 -10.28 19.88
C ALA A 402 13.29 -10.84 20.41
N LEU A 403 13.39 -11.63 21.48
CA LEU A 403 12.22 -12.27 22.06
C LEU A 403 11.60 -11.37 23.13
N ILE A 404 10.27 -11.32 23.14
CA ILE A 404 9.50 -10.53 24.09
C ILE A 404 8.39 -11.41 24.63
N ILE A 405 8.53 -11.88 25.86
CA ILE A 405 7.55 -12.74 26.49
C ILE A 405 6.63 -11.86 27.35
N THR A 406 5.33 -11.96 27.12
CA THR A 406 4.37 -11.10 27.79
C THR A 406 4.05 -11.62 29.20
N PRO A 407 3.48 -10.77 30.05
CA PRO A 407 3.20 -11.18 31.43
C PRO A 407 2.17 -12.30 31.50
N GLY A 408 2.29 -13.11 32.55
CA GLY A 408 1.35 -14.19 32.77
C GLY A 408 0.00 -13.76 33.31
N ASP A 409 -0.07 -12.59 33.94
CA ASP A 409 -1.33 -12.09 34.46
C ASP A 409 -2.25 -11.71 33.32
N PRO A 410 -3.46 -12.29 33.23
CA PRO A 410 -4.33 -11.96 32.08
C PRO A 410 -4.94 -10.58 32.14
N ARG A 411 -4.93 -9.92 33.31
CA ARG A 411 -5.52 -8.60 33.43
C ARG A 411 -4.58 -7.48 32.97
N LEU A 412 -3.30 -7.78 32.77
CA LEU A 412 -2.33 -6.76 32.42
C LEU A 412 -2.27 -6.61 30.90
N VAL A 413 -2.72 -5.46 30.40
CA VAL A 413 -2.83 -5.25 28.96
C VAL A 413 -1.46 -4.95 28.36
N ILE A 414 -0.73 -4.00 28.95
CA ILE A 414 0.59 -3.62 28.46
C ILE A 414 1.37 -3.07 29.63
N SER A 415 2.67 -3.35 29.66
CA SER A 415 3.54 -2.92 30.74
C SER A 415 4.66 -2.06 30.17
N SER A 416 5.19 -1.18 31.02
CA SER A 416 6.31 -0.33 30.61
C SER A 416 7.54 -1.16 30.25
N GLY A 417 7.71 -2.31 30.89
CA GLY A 417 8.85 -3.16 30.61
C GLY A 417 8.82 -3.77 29.22
N CYS A 418 7.67 -4.29 28.80
CA CYS A 418 7.56 -4.84 27.46
C CYS A 418 7.74 -3.76 26.40
N ALA A 419 7.20 -2.57 26.66
CA ALA A 419 7.43 -1.44 25.75
C ALA A 419 8.89 -1.05 25.70
N THR A 420 9.59 -1.09 26.83
CA THR A 420 11.02 -0.79 26.83
C THR A 420 11.80 -1.82 26.03
N ARG A 421 11.44 -3.10 26.18
CA ARG A 421 12.06 -4.14 25.37
C ARG A 421 11.84 -3.90 23.88
N LEU A 422 10.61 -3.54 23.51
CA LEU A 422 10.31 -3.25 22.12
C LEU A 422 11.11 -2.07 21.60
N PHE A 423 11.22 -1.01 22.41
CA PHE A 423 12.01 0.15 22.04
C PHE A 423 13.46 -0.24 21.77
N GLU A 424 14.05 -1.01 22.69
CA GLU A 424 15.45 -1.37 22.56
C GLU A 424 15.68 -2.29 21.37
N ALA A 425 14.75 -3.20 21.09
CA ALA A 425 14.87 -4.04 19.91
C ALA A 425 14.79 -3.22 18.62
N LEU A 426 13.80 -2.33 18.52
CA LEU A 426 13.65 -1.55 17.30
C LEU A 426 14.82 -0.61 17.09
N GLU A 427 15.45 -0.16 18.18
CA GLU A 427 16.54 0.80 18.04
C GLU A 427 17.72 0.21 17.27
N VAL A 428 18.09 -1.04 17.55
CA VAL A 428 19.30 -1.64 16.99
C VAL A 428 18.98 -2.68 15.93
N GLY A 429 17.74 -2.74 15.44
CA GLY A 429 17.44 -3.55 14.29
C GLY A 429 17.19 -5.02 14.55
N ALA A 430 16.95 -5.41 15.80
CA ALA A 430 16.56 -6.78 16.10
C ALA A 430 15.05 -6.89 15.98
N VAL A 431 14.59 -7.81 15.14
CA VAL A 431 13.16 -7.90 14.82
C VAL A 431 12.43 -8.51 16.00
N PRO A 432 11.46 -7.82 16.60
CA PRO A 432 10.80 -8.36 17.79
C PRO A 432 9.98 -9.60 17.50
N VAL A 433 10.03 -10.55 18.41
CA VAL A 433 9.20 -11.74 18.39
C VAL A 433 8.43 -11.75 19.70
N VAL A 434 7.12 -11.52 19.62
CA VAL A 434 6.26 -11.37 20.78
C VAL A 434 5.51 -12.67 20.99
N LEU A 435 5.60 -13.23 22.19
CA LEU A 435 4.84 -14.41 22.59
C LEU A 435 3.64 -13.95 23.41
N GLY A 436 2.45 -14.05 22.80
CA GLY A 436 1.24 -13.56 23.44
C GLY A 436 0.52 -12.52 22.60
N GLU A 437 -0.73 -12.80 22.24
CA GLU A 437 -1.49 -11.91 21.38
C GLU A 437 -2.39 -10.95 22.14
N GLN A 438 -2.58 -11.14 23.44
CA GLN A 438 -3.46 -10.26 24.20
C GLN A 438 -2.87 -8.89 24.43
N VAL A 439 -1.60 -8.68 24.11
CA VAL A 439 -0.94 -7.41 24.42
C VAL A 439 -1.40 -6.33 23.45
N GLN A 440 -1.49 -5.09 23.94
CA GLN A 440 -1.73 -3.92 23.12
C GLN A 440 -0.42 -3.16 22.98
N LEU A 441 0.16 -3.18 21.79
CA LEU A 441 1.40 -2.47 21.55
C LEU A 441 1.15 -0.97 21.40
N PRO A 442 2.19 -0.16 21.57
CA PRO A 442 2.01 1.30 21.46
C PRO A 442 1.48 1.71 20.09
N TYR A 443 0.56 2.67 20.10
CA TYR A 443 -0.02 3.24 18.90
C TYR A 443 -0.63 2.17 17.99
N GLN A 444 -1.10 1.07 18.57
CA GLN A 444 -1.55 -0.07 17.78
C GLN A 444 -2.80 0.23 16.98
N ASP A 445 -3.56 1.27 17.35
CA ASP A 445 -4.74 1.62 16.59
C ASP A 445 -4.39 2.12 15.19
N MET A 446 -3.22 2.75 15.04
CA MET A 446 -2.79 3.33 13.77
C MET A 446 -1.77 2.47 13.04
N LEU A 447 -0.88 1.81 13.76
CA LEU A 447 0.26 1.12 13.18
C LEU A 447 -0.06 -0.34 12.93
N GLN A 448 0.42 -0.85 11.78
CA GLN A 448 0.36 -2.28 11.47
C GLN A 448 1.64 -2.93 11.98
N TRP A 449 1.60 -3.36 13.24
CA TRP A 449 2.78 -3.93 13.88
C TRP A 449 3.18 -5.25 13.25
N ASN A 450 2.26 -5.91 12.55
CA ASN A 450 2.59 -7.14 11.86
C ASN A 450 3.66 -6.94 10.79
N GLU A 451 3.80 -5.72 10.27
CA GLU A 451 4.81 -5.42 9.27
C GLU A 451 6.20 -5.29 9.87
N ALA A 452 6.32 -5.05 11.17
CA ALA A 452 7.60 -4.85 11.81
C ALA A 452 7.92 -5.88 12.90
N ALA A 453 6.94 -6.65 13.37
CA ALA A 453 7.15 -7.61 14.43
C ALA A 453 6.38 -8.88 14.14
N LEU A 454 6.87 -9.98 14.70
CA LEU A 454 6.17 -11.26 14.67
C LEU A 454 5.49 -11.48 16.02
N VAL A 455 4.18 -11.71 15.98
CA VAL A 455 3.37 -11.91 17.17
C VAL A 455 2.86 -13.35 17.12
N VAL A 456 3.21 -14.13 18.14
CA VAL A 456 2.98 -15.57 18.13
C VAL A 456 2.24 -15.97 19.41
N PRO A 457 1.20 -16.81 19.33
CA PRO A 457 0.59 -17.31 20.55
C PRO A 457 1.54 -18.19 21.35
N LYS A 458 1.40 -18.13 22.67
CA LYS A 458 2.21 -18.97 23.54
C LYS A 458 2.04 -20.46 23.25
N PRO A 459 0.84 -20.97 22.95
CA PRO A 459 0.72 -22.38 22.59
C PRO A 459 1.58 -22.79 21.41
N ARG A 460 1.94 -21.86 20.53
CA ARG A 460 2.75 -22.15 19.36
C ARG A 460 4.24 -21.97 19.60
N VAL A 461 4.67 -21.88 20.85
CA VAL A 461 6.09 -21.68 21.15
C VAL A 461 6.93 -22.80 20.56
N THR A 462 6.38 -24.01 20.49
CA THR A 462 7.12 -25.15 19.95
C THR A 462 7.36 -25.03 18.45
N GLU A 463 6.72 -24.10 17.76
CA GLU A 463 6.90 -23.91 16.33
C GLU A 463 7.70 -22.66 15.99
N VAL A 464 8.24 -21.97 17.00
CA VAL A 464 8.87 -20.67 16.76
C VAL A 464 10.18 -20.84 16.00
N HIS A 465 10.98 -21.84 16.37
CA HIS A 465 12.27 -22.05 15.73
C HIS A 465 12.12 -22.32 14.23
N PHE A 466 11.21 -23.22 13.88
CA PHE A 466 10.93 -23.51 12.48
C PHE A 466 10.47 -22.26 11.75
N LEU A 467 9.58 -21.49 12.36
CA LEU A 467 9.03 -20.30 11.73
C LEU A 467 10.12 -19.27 11.48
N LEU A 468 10.99 -19.04 12.46
CA LEU A 468 12.06 -18.07 12.29
C LEU A 468 13.08 -18.54 11.27
N ARG A 469 13.31 -19.85 11.16
CA ARG A 469 14.22 -20.34 10.14
C ARG A 469 13.61 -20.26 8.75
N SER A 470 12.28 -20.28 8.65
CA SER A 470 11.64 -20.32 7.33
C SER A 470 11.68 -18.97 6.61
N LEU A 471 11.70 -17.86 7.34
CA LEU A 471 11.56 -16.56 6.72
C LEU A 471 12.74 -16.26 5.80
N SER A 472 12.46 -15.57 4.70
CA SER A 472 13.48 -15.25 3.72
C SER A 472 14.25 -14.00 4.13
N ASP A 473 15.42 -13.82 3.50
CA ASP A 473 16.28 -12.68 3.83
C ASP A 473 15.62 -11.36 3.46
N SER A 474 15.00 -11.28 2.29
CA SER A 474 14.41 -10.01 1.85
C SER A 474 13.23 -9.61 2.71
N ASP A 475 12.39 -10.56 3.10
CA ASP A 475 11.25 -10.24 3.98
C ASP A 475 11.72 -9.80 5.35
N LEU A 476 12.71 -10.50 5.91
CA LEU A 476 13.30 -10.12 7.19
C LEU A 476 13.91 -8.72 7.14
N LEU A 477 14.60 -8.42 6.04
CA LEU A 477 15.18 -7.10 5.86
C LEU A 477 14.11 -6.02 5.72
N ALA A 478 13.02 -6.33 5.04
CA ALA A 478 11.90 -5.38 4.96
C ALA A 478 11.32 -5.12 6.33
N MET A 479 11.19 -6.16 7.15
CA MET A 479 10.72 -5.98 8.52
C MET A 479 11.65 -5.07 9.31
N ARG A 480 12.96 -5.31 9.19
CA ARG A 480 13.93 -4.47 9.87
C ARG A 480 13.82 -3.02 9.44
N ARG A 481 13.68 -2.78 8.14
CA ARG A 481 13.56 -1.43 7.63
C ARG A 481 12.31 -0.74 8.15
N GLN A 482 11.18 -1.46 8.15
CA GLN A 482 9.94 -0.88 8.67
C GLN A 482 10.05 -0.57 10.15
N GLY A 483 10.70 -1.45 10.91
CA GLY A 483 10.93 -1.15 12.32
C GLY A 483 11.77 0.09 12.53
N ARG A 484 12.81 0.26 11.71
CA ARG A 484 13.61 1.48 11.77
C ARG A 484 12.76 2.71 11.50
N PHE A 485 11.93 2.65 10.46
CA PHE A 485 11.03 3.78 10.16
C PHE A 485 10.13 4.09 11.35
N LEU A 486 9.47 3.06 11.91
CA LEU A 486 8.55 3.29 13.01
C LEU A 486 9.27 3.90 14.21
N TRP A 487 10.42 3.34 14.55
CA TRP A 487 11.17 3.84 15.70
C TRP A 487 11.55 5.30 15.50
N GLU A 488 12.16 5.62 14.36
CA GLU A 488 12.61 6.99 14.14
C GLU A 488 11.44 7.96 14.10
N THR A 489 10.30 7.55 13.55
CA THR A 489 9.20 8.49 13.39
C THR A 489 8.40 8.68 14.68
N TYR A 490 8.21 7.64 15.49
CA TYR A 490 7.26 7.71 16.60
C TYR A 490 7.85 7.46 17.98
N PHE A 491 9.06 6.89 18.10
CA PHE A 491 9.59 6.46 19.38
C PHE A 491 10.77 7.28 19.87
N SER A 492 11.56 7.86 18.96
CA SER A 492 12.93 8.21 19.28
C SER A 492 13.06 9.39 20.24
N THR A 493 12.21 10.40 20.12
CA THR A 493 12.35 11.61 20.90
C THR A 493 11.04 11.94 21.60
N ALA A 494 11.15 12.80 22.62
CA ALA A 494 9.96 13.30 23.31
C ALA A 494 9.06 14.09 22.37
N ASP A 495 9.67 14.87 21.47
CA ASP A 495 8.90 15.62 20.49
C ASP A 495 8.07 14.69 19.62
N SER A 496 8.67 13.58 19.18
CA SER A 496 7.93 12.61 18.37
C SER A 496 6.76 12.00 19.16
N ILE A 497 6.98 11.68 20.43
CA ILE A 497 5.92 11.09 21.25
C ILE A 497 4.75 12.07 21.39
N PHE A 498 5.07 13.33 21.69
CA PHE A 498 4.02 14.34 21.85
C PHE A 498 3.27 14.56 20.55
N ASN A 499 4.00 14.64 19.43
CA ASN A 499 3.35 14.81 18.14
C ASN A 499 2.47 13.61 17.81
N THR A 500 2.92 12.40 18.15
CA THR A 500 2.12 11.21 17.89
C THR A 500 0.83 11.23 18.72
N VAL A 501 0.92 11.62 19.98
CA VAL A 501 -0.29 11.72 20.81
C VAL A 501 -1.28 12.70 20.18
N LEU A 502 -0.79 13.89 19.84
CA LEU A 502 -1.66 14.91 19.27
C LEU A 502 -2.26 14.43 17.95
N ALA A 503 -1.44 13.77 17.12
CA ALA A 503 -1.92 13.33 15.81
C ALA A 503 -2.95 12.22 15.94
N MET A 504 -2.75 11.29 16.88
CA MET A 504 -3.74 10.25 17.12
C MET A 504 -5.07 10.87 17.52
N ILE A 505 -5.06 11.81 18.46
CA ILE A 505 -6.32 12.41 18.89
C ILE A 505 -6.95 13.20 17.74
N ARG A 506 -6.14 13.96 17.01
CA ARG A 506 -6.65 14.75 15.90
C ARG A 506 -7.25 13.88 14.81
N THR A 507 -6.63 12.74 14.52
CA THR A 507 -7.13 11.84 13.49
C THR A 507 -8.39 11.14 13.94
N ARG A 508 -8.48 10.76 15.21
CA ARG A 508 -9.68 10.11 15.71
C ARG A 508 -10.91 10.98 15.51
N ILE A 509 -10.77 12.30 15.67
CA ILE A 509 -11.88 13.22 15.49
C ILE A 509 -11.85 13.87 14.11
N GLN A 510 -11.03 13.33 13.20
CA GLN A 510 -11.12 13.61 11.76
C GLN A 510 -10.76 15.04 11.40
N ILE A 511 -9.72 15.61 12.01
CA ILE A 511 -9.28 16.96 11.66
C ILE A 511 -7.95 16.86 10.91
N PRO A 512 -7.75 17.65 9.85
CA PRO A 512 -6.50 17.55 9.09
C PRO A 512 -5.30 18.11 9.85
N ALA A 513 -4.12 17.70 9.39
CA ALA A 513 -2.87 18.18 9.95
C ALA A 513 -2.59 19.62 9.55
N ALA A 514 -1.68 20.25 10.28
CA ALA A 514 -1.33 21.63 10.00
C ALA A 514 -0.49 21.71 8.72
N PRO A 515 -0.68 22.73 7.89
CA PRO A 515 0.12 22.84 6.67
C PRO A 515 1.59 23.04 6.97
N ILE A 516 2.43 22.47 6.10
CA ILE A 516 3.87 22.58 6.26
C ILE A 516 4.34 23.96 5.82
N ARG A 517 5.35 24.48 6.50
CA ARG A 517 5.81 25.84 6.24
C ARG A 517 6.55 25.95 4.93
N GLU A 518 6.41 27.08 4.27
CA GLU A 518 7.15 27.40 3.06
C GLU A 518 8.30 28.35 3.38
N GLU A 519 9.26 28.41 2.45
CA GLU A 519 10.43 29.27 2.61
C GLU A 519 10.09 30.64 2.04
N ALA A 520 9.69 31.56 2.92
CA ALA A 520 9.46 32.94 2.50
C ALA A 520 10.79 33.58 2.14
N ALA A 521 10.79 34.40 1.09
CA ALA A 521 12.02 34.93 0.55
C ALA A 521 11.85 36.37 0.12
N ALA A 522 12.97 37.10 0.16
CA ALA A 522 13.01 38.47 -0.34
C ALA A 522 13.44 38.45 -1.80
N GLU A 523 12.66 39.12 -2.66
CA GLU A 523 13.01 39.21 -4.08
C GLU A 523 13.91 40.41 -4.31
N ILE A 524 15.07 40.17 -4.90
CA ILE A 524 16.02 41.25 -5.22
C ILE A 524 15.47 42.01 -6.42
N PRO A 525 15.17 43.30 -6.29
CA PRO A 525 14.66 44.05 -7.45
C PRO A 525 15.72 44.16 -8.54
N HIS A 526 15.25 44.16 -9.78
CA HIS A 526 16.14 44.21 -10.93
C HIS A 526 15.43 44.88 -12.09
N ARG A 527 16.21 45.34 -13.06
CA ARG A 527 15.72 46.01 -14.24
C ARG A 527 15.85 45.10 -15.45
N SER A 528 14.76 44.93 -16.20
CA SER A 528 14.76 44.06 -17.36
C SER A 528 15.12 44.83 -18.63
N PRO A 553 0.34 32.23 -20.85
CA PRO A 553 0.20 32.88 -19.54
C PRO A 553 0.38 31.92 -18.36
N PRO A 554 1.30 32.23 -17.44
CA PRO A 554 1.44 31.42 -16.22
C PRO A 554 0.11 30.94 -15.65
N TYR A 555 0.02 29.63 -15.44
CA TYR A 555 -1.10 29.00 -14.76
C TYR A 555 -0.57 28.27 -13.54
N ALA A 556 -1.15 28.52 -12.38
CA ALA A 556 -0.69 27.93 -11.13
C ALA A 556 -1.51 26.69 -10.79
N SER A 557 -0.82 25.64 -10.36
CA SER A 557 -1.49 24.39 -10.04
C SER A 557 -2.29 24.53 -8.74
N PRO A 558 -3.46 23.91 -8.65
CA PRO A 558 -4.27 24.05 -7.44
C PRO A 558 -3.64 23.37 -6.23
N ARG A 559 -3.99 23.87 -5.05
CA ARG A 559 -3.36 23.47 -3.80
C ARG A 559 -4.39 23.01 -2.79
N TYR A 560 -3.97 22.08 -1.93
CA TYR A 560 -4.76 21.63 -0.78
C TYR A 560 -6.16 21.19 -1.20
N LEU A 561 -6.21 20.16 -2.04
CA LEU A 561 -7.47 19.63 -2.55
C LEU A 561 -7.88 18.31 -1.89
N ARG A 562 -7.05 17.76 -1.00
CA ARG A 562 -7.26 16.43 -0.45
C ARG A 562 -7.10 16.39 1.06
N ASN A 563 -7.64 17.37 1.77
CA ASN A 563 -7.43 17.46 3.21
C ASN A 563 -8.01 16.23 3.92
N PHE A 564 -9.32 16.05 3.81
CA PHE A 564 -9.98 14.95 4.51
C PHE A 564 -9.53 13.60 3.99
N THR A 565 -9.39 13.46 2.68
CA THR A 565 -8.95 12.19 2.10
C THR A 565 -7.65 11.72 2.73
N LEU A 566 -6.68 12.63 2.86
CA LEU A 566 -5.35 12.24 3.33
C LEU A 566 -5.34 11.86 4.81
N THR A 567 -6.22 12.46 5.63
CA THR A 567 -6.18 12.17 7.06
C THR A 567 -7.03 10.96 7.43
N VAL A 568 -8.08 10.66 6.67
CA VAL A 568 -9.05 9.64 7.03
C VAL A 568 -9.07 8.50 6.01
N THR A 569 -9.16 8.82 4.72
CA THR A 569 -9.32 7.80 3.69
C THR A 569 -8.02 7.05 3.44
N ASP A 570 -6.88 7.76 3.42
CA ASP A 570 -5.57 7.18 3.17
C ASP A 570 -4.82 6.91 4.47
N PHE A 571 -5.59 6.46 5.47
CA PHE A 571 -5.09 6.25 6.82
C PHE A 571 -3.83 5.37 6.83
N TYR A 572 -3.88 4.24 6.13
CA TYR A 572 -2.78 3.28 6.18
C TYR A 572 -1.50 3.87 5.60
N ARG A 573 -1.58 4.46 4.41
CA ARG A 573 -0.38 5.06 3.82
C ARG A 573 0.13 6.19 4.69
N SER A 574 -0.77 6.97 5.27
CA SER A 574 -0.36 8.11 6.07
C SER A 574 0.46 7.67 7.29
N TRP A 575 0.04 6.58 7.94
CA TRP A 575 0.69 6.21 9.19
C TRP A 575 1.77 5.14 9.06
N ASN A 576 1.77 4.34 8.00
CA ASN A 576 2.71 3.23 7.87
C ASN A 576 3.72 3.40 6.76
N CYS A 577 3.74 4.56 6.09
CA CYS A 577 4.71 4.84 5.05
C CYS A 577 5.33 6.21 5.28
N ALA A 578 6.60 6.32 4.94
CA ALA A 578 7.29 7.60 5.06
C ALA A 578 6.61 8.63 4.15
N PRO A 579 6.62 9.92 4.51
CA PRO A 579 7.29 10.55 5.67
C PRO A 579 6.53 10.49 6.98
N GLY A 580 5.26 10.12 6.95
CA GLY A 580 4.45 10.09 8.14
C GLY A 580 3.27 11.03 8.09
N PRO A 581 2.49 11.06 9.17
CA PRO A 581 1.22 11.78 9.19
C PRO A 581 1.25 13.19 9.77
N PHE A 582 2.42 13.76 10.06
CA PHE A 582 2.47 14.96 10.87
C PHE A 582 2.29 16.24 10.08
N HIS A 583 2.33 16.19 8.75
CA HIS A 583 2.27 17.39 7.93
C HIS A 583 1.25 17.23 6.81
N LEU A 584 0.70 18.37 6.40
CA LEU A 584 -0.21 18.45 5.26
C LEU A 584 0.50 19.19 4.13
N PHE A 585 0.65 18.54 2.98
CA PHE A 585 1.36 19.13 1.87
C PHE A 585 0.39 19.68 0.82
N PRO A 586 0.73 20.78 0.17
CA PRO A 586 -0.17 21.32 -0.87
C PRO A 586 -0.35 20.38 -2.05
N HIS A 587 0.68 19.64 -2.42
CA HIS A 587 0.59 18.68 -3.52
C HIS A 587 1.32 17.42 -3.10
N THR A 588 1.06 16.35 -3.83
CA THR A 588 1.68 15.07 -3.56
C THR A 588 1.79 14.30 -4.87
N PRO A 589 2.94 13.67 -5.14
CA PRO A 589 3.10 12.95 -6.42
C PRO A 589 2.34 11.64 -6.48
N PHE A 590 1.74 11.20 -5.39
CA PHE A 590 0.99 9.95 -5.32
C PHE A 590 -0.52 10.17 -5.39
N ASP A 591 -0.96 11.35 -5.80
CA ASP A 591 -2.38 11.61 -5.91
C ASP A 591 -2.99 10.71 -7.00
N PRO A 592 -4.15 10.11 -6.75
CA PRO A 592 -4.74 9.20 -7.76
C PRO A 592 -5.07 9.95 -9.04
N VAL A 593 -4.88 9.26 -10.16
CA VAL A 593 -5.21 9.83 -11.46
C VAL A 593 -6.58 9.33 -11.90
N LEU A 594 -7.25 10.11 -12.75
CA LEU A 594 -8.54 9.70 -13.27
C LEU A 594 -8.38 8.66 -14.36
N PRO A 595 -9.42 7.87 -14.61
CA PRO A 595 -9.41 6.98 -15.77
C PRO A 595 -9.48 7.77 -17.07
N SER A 596 -9.22 7.06 -18.16
CA SER A 596 -9.19 7.69 -19.48
C SER A 596 -10.54 8.28 -19.86
N GLU A 597 -11.64 7.66 -19.40
CA GLU A 597 -12.97 8.07 -19.83
C GLU A 597 -13.46 9.34 -19.13
N ALA A 598 -13.00 9.61 -17.91
CA ALA A 598 -13.59 10.67 -17.11
C ALA A 598 -13.50 12.04 -17.79
N LYS A 599 -12.36 12.34 -18.42
CA LYS A 599 -12.21 13.64 -19.05
C LYS A 599 -13.22 13.90 -20.14
N PHE A 600 -13.83 12.83 -20.69
CA PHE A 600 -14.89 12.99 -21.67
C PHE A 600 -16.28 12.94 -21.07
N LEU A 601 -16.43 12.39 -19.86
CA LEU A 601 -17.75 12.17 -19.29
C LEU A 601 -17.96 12.89 -17.97
N GLY A 602 -17.53 14.15 -17.89
CA GLY A 602 -17.90 15.02 -16.79
C GLY A 602 -16.77 15.53 -15.93
N SER A 603 -15.53 15.15 -16.21
CA SER A 603 -14.37 15.63 -15.46
C SER A 603 -13.28 16.13 -16.39
N GLY A 604 -13.67 16.78 -17.49
CA GLY A 604 -12.72 17.24 -18.49
C GLY A 604 -12.04 18.55 -18.18
N THR A 605 -12.36 19.18 -17.06
CA THR A 605 -11.77 20.46 -16.71
C THR A 605 -10.24 20.36 -16.66
N GLY A 606 -9.58 21.13 -17.52
CA GLY A 606 -8.13 21.20 -17.54
C GLY A 606 -7.44 20.20 -18.44
N PHE A 607 -8.16 19.25 -19.01
CA PHE A 607 -7.54 18.25 -19.88
C PHE A 607 -7.38 18.78 -21.29
N ARG A 608 -6.29 18.36 -21.94
CA ARG A 608 -6.00 18.73 -23.32
C ARG A 608 -5.66 17.46 -24.09
N PRO A 609 -6.66 16.69 -24.51
CA PRO A 609 -6.39 15.45 -25.24
C PRO A 609 -5.73 15.71 -26.58
N ILE A 610 -5.06 14.69 -27.10
CA ILE A 610 -4.41 14.76 -28.39
C ILE A 610 -5.41 14.40 -29.47
N GLY A 611 -5.58 15.30 -30.45
CA GLY A 611 -6.53 15.07 -31.51
C GLY A 611 -7.97 15.04 -31.06
N GLY A 612 -8.27 15.63 -29.90
CA GLY A 612 -9.61 15.59 -29.36
C GLY A 612 -10.02 14.25 -28.82
N GLY A 613 -9.08 13.33 -28.61
CA GLY A 613 -9.38 11.97 -28.21
C GLY A 613 -9.18 10.94 -29.30
N ALA A 614 -9.05 11.37 -30.55
CA ALA A 614 -8.79 10.47 -31.66
C ALA A 614 -7.32 10.10 -31.79
N GLY A 615 -6.43 10.77 -31.06
CA GLY A 615 -5.01 10.54 -31.22
C GLY A 615 -4.51 11.16 -32.51
N GLY A 616 -3.26 10.83 -32.83
CA GLY A 616 -2.68 11.31 -34.07
C GLY A 616 -1.16 11.22 -34.03
N SER A 617 -0.56 11.86 -35.04
CA SER A 617 0.87 11.83 -35.28
C SER A 617 1.52 13.13 -34.77
N GLY A 618 2.78 13.34 -35.15
CA GLY A 618 3.56 14.46 -34.61
C GLY A 618 2.76 15.73 -34.42
N LYS A 619 1.99 16.14 -35.42
CA LYS A 619 1.24 17.39 -35.31
C LYS A 619 0.34 17.38 -34.08
N GLU A 620 -0.61 16.45 -34.03
CA GLU A 620 -1.53 16.39 -32.91
C GLU A 620 -0.79 16.22 -31.58
N PHE A 621 0.37 15.56 -31.62
CA PHE A 621 1.17 15.40 -30.41
C PHE A 621 1.76 16.72 -29.96
N GLN A 622 2.32 17.50 -30.89
CA GLN A 622 2.92 18.78 -30.54
C GLN A 622 1.87 19.83 -30.15
N ALA A 623 0.61 19.63 -30.53
CA ALA A 623 -0.42 20.62 -30.26
C ALA A 623 -1.04 20.49 -28.88
N ALA A 624 -0.84 19.37 -28.19
CA ALA A 624 -1.44 19.17 -26.88
C ALA A 624 -0.53 18.32 -26.03
N LEU A 625 -0.62 18.51 -24.71
CA LEU A 625 0.16 17.70 -23.77
C LEU A 625 -0.29 16.25 -23.77
N GLY A 626 -1.60 16.02 -23.82
CA GLY A 626 -2.12 14.68 -23.72
C GLY A 626 -1.84 14.08 -22.36
N GLY A 627 -1.62 12.77 -22.34
CA GLY A 627 -1.33 12.07 -21.11
C GLY A 627 -2.56 11.78 -20.29
N ASN A 628 -2.32 11.44 -19.02
CA ASN A 628 -3.36 10.98 -18.12
C ASN A 628 -3.73 12.00 -17.05
N VAL A 629 -3.18 13.21 -17.11
CA VAL A 629 -3.45 14.23 -16.09
C VAL A 629 -3.69 15.57 -16.75
N PRO A 630 -4.33 16.49 -16.03
CA PRO A 630 -4.66 17.79 -16.62
C PRO A 630 -3.43 18.60 -17.03
N ARG A 631 -3.69 19.73 -17.69
CA ARG A 631 -2.61 20.57 -18.20
C ARG A 631 -1.80 21.15 -17.05
N GLU A 632 -0.53 21.44 -17.34
CA GLU A 632 0.45 21.72 -16.29
C GLU A 632 1.56 22.59 -16.86
N GLN A 633 2.21 23.33 -15.96
CA GLN A 633 3.41 24.10 -16.28
C GLN A 633 4.52 23.70 -15.32
N PHE A 634 5.72 24.21 -15.59
CA PHE A 634 6.89 23.94 -14.76
C PHE A 634 7.67 25.21 -14.52
N THR A 635 8.44 25.21 -13.44
CA THR A 635 9.25 26.35 -13.02
C THR A 635 10.73 25.96 -13.05
N VAL A 636 11.56 26.88 -13.54
CA VAL A 636 13.00 26.67 -13.59
C VAL A 636 13.64 27.30 -12.37
N VAL A 637 14.47 26.52 -11.68
CA VAL A 637 15.21 26.99 -10.51
C VAL A 637 16.69 26.93 -10.86
N MET A 638 17.38 28.06 -10.71
CA MET A 638 18.76 28.21 -11.16
C MET A 638 19.60 28.78 -10.04
N LEU A 639 20.64 28.05 -9.65
CA LEU A 639 21.59 28.50 -8.64
C LEU A 639 22.80 29.12 -9.32
N THR A 640 23.20 30.30 -8.86
CA THR A 640 24.28 31.05 -9.49
C THR A 640 25.25 31.56 -8.43
N TYR A 641 26.52 31.67 -8.81
CA TYR A 641 27.56 32.10 -7.89
C TYR A 641 28.77 32.58 -8.69
N GLU A 642 29.07 33.88 -8.62
CA GLU A 642 30.23 34.48 -9.27
C GLU A 642 30.32 34.10 -10.76
N ARG A 643 29.17 33.96 -11.42
CA ARG A 643 29.13 33.66 -12.85
C ARG A 643 28.13 34.58 -13.54
N GLU A 644 28.28 35.88 -13.31
CA GLU A 644 27.24 36.85 -13.63
C GLU A 644 26.92 36.91 -15.13
N GLU A 645 27.88 36.58 -15.98
CA GLU A 645 27.70 36.77 -17.43
C GLU A 645 27.05 35.54 -18.06
N VAL A 646 27.57 34.35 -17.75
CA VAL A 646 26.98 33.13 -18.26
C VAL A 646 25.51 33.04 -17.84
N LEU A 647 25.19 33.61 -16.68
CA LEU A 647 23.81 33.62 -16.22
C LEU A 647 22.91 34.37 -17.20
N MET A 648 23.35 35.54 -17.67
CA MET A 648 22.58 36.28 -18.65
C MET A 648 22.38 35.45 -19.91
N ASN A 649 23.44 34.85 -20.42
CA ASN A 649 23.32 34.09 -21.66
C ASN A 649 22.36 32.90 -21.49
N SER A 650 22.52 32.16 -20.40
CA SER A 650 21.65 30.99 -20.16
C SER A 650 20.20 31.40 -19.99
N LEU A 651 19.95 32.50 -19.28
CA LEU A 651 18.57 32.99 -19.15
C LEU A 651 18.00 33.36 -20.50
N GLU A 652 18.81 34.01 -21.35
CA GLU A 652 18.34 34.34 -22.69
C GLU A 652 17.98 33.09 -23.47
N ARG A 653 18.74 32.00 -23.30
CA ARG A 653 18.42 30.76 -24.00
C ARG A 653 17.04 30.22 -23.65
N LEU A 654 16.49 30.57 -22.49
CA LEU A 654 15.19 30.07 -22.08
C LEU A 654 14.04 30.79 -22.75
N ASN A 655 14.32 31.81 -23.55
CA ASN A 655 13.26 32.58 -24.20
C ASN A 655 12.45 31.69 -25.13
N GLY A 656 11.14 31.61 -24.88
CA GLY A 656 10.24 30.90 -25.75
C GLY A 656 9.88 29.49 -25.34
N LEU A 657 10.29 29.04 -24.15
CA LEU A 657 9.89 27.71 -23.70
C LEU A 657 8.37 27.64 -23.59
N PRO A 658 7.71 26.67 -24.23
CA PRO A 658 6.24 26.70 -24.28
C PRO A 658 5.55 26.60 -22.93
N TYR A 659 6.04 25.76 -22.01
CA TYR A 659 5.31 25.49 -20.77
C TYR A 659 6.04 26.01 -19.54
N LEU A 660 6.72 27.15 -19.67
CA LEU A 660 7.48 27.72 -18.56
C LEU A 660 6.61 28.71 -17.79
N ASN A 661 6.57 28.57 -16.47
CA ASN A 661 5.76 29.46 -15.64
C ASN A 661 6.56 30.68 -15.20
N LYS A 662 7.74 30.46 -14.64
CA LYS A 662 8.64 31.53 -14.27
C LYS A 662 10.01 30.93 -14.00
N VAL A 663 11.01 31.80 -13.91
CA VAL A 663 12.38 31.40 -13.61
C VAL A 663 12.74 31.98 -12.26
N VAL A 664 13.24 31.12 -11.37
CA VAL A 664 13.67 31.50 -10.04
C VAL A 664 15.18 31.41 -9.99
N VAL A 665 15.85 32.54 -9.79
CA VAL A 665 17.29 32.61 -9.70
C VAL A 665 17.66 32.77 -8.24
N VAL A 666 18.40 31.80 -7.71
CA VAL A 666 18.77 31.75 -6.31
C VAL A 666 20.16 32.36 -6.19
N TRP A 667 20.21 33.59 -5.67
CA TRP A 667 21.46 34.34 -5.58
C TRP A 667 22.20 33.92 -4.31
N ASN A 668 23.30 33.19 -4.49
CA ASN A 668 24.07 32.66 -3.37
C ASN A 668 25.22 33.56 -2.95
N SER A 669 25.74 34.39 -3.85
CA SER A 669 26.94 35.15 -3.55
C SER A 669 26.69 36.13 -2.42
N PRO A 670 27.68 36.38 -1.56
CA PRO A 670 27.48 37.39 -0.50
C PRO A 670 27.21 38.78 -1.04
N LYS A 671 27.76 39.11 -2.21
CA LYS A 671 27.54 40.41 -2.83
C LYS A 671 26.30 40.38 -3.71
N LEU A 672 25.50 41.43 -3.61
CA LEU A 672 24.28 41.53 -4.40
C LEU A 672 24.60 41.80 -5.87
N PRO A 673 23.66 41.52 -6.77
CA PRO A 673 23.87 41.87 -8.17
C PRO A 673 23.95 43.37 -8.37
N SER A 674 24.77 43.79 -9.33
CA SER A 674 24.99 45.20 -9.57
C SER A 674 23.79 45.82 -10.28
N GLU A 675 23.62 47.14 -10.09
CA GLU A 675 22.49 47.84 -10.65
C GLU A 675 22.60 48.01 -12.17
N ASP A 676 23.81 47.91 -12.73
CA ASP A 676 24.01 48.08 -14.16
C ASP A 676 23.73 46.81 -14.95
N LEU A 677 23.42 45.71 -14.29
CA LEU A 677 23.22 44.43 -14.96
C LEU A 677 21.81 44.40 -15.55
N LEU A 678 21.72 44.35 -16.87
CA LEU A 678 20.42 44.32 -17.55
C LEU A 678 19.98 42.87 -17.72
N TRP A 679 18.88 42.51 -17.07
CA TRP A 679 18.37 41.16 -17.18
C TRP A 679 17.51 41.03 -18.43
N PRO A 680 17.61 39.91 -19.14
CA PRO A 680 16.89 39.79 -20.42
C PRO A 680 15.38 39.67 -20.22
N ASP A 681 14.66 39.93 -21.30
CA ASP A 681 13.21 39.80 -21.33
C ASP A 681 12.87 38.52 -22.08
N ILE A 682 12.57 37.47 -21.32
CA ILE A 682 12.44 36.12 -21.87
C ILE A 682 10.98 35.72 -21.95
N GLY A 683 10.07 36.66 -21.71
CA GLY A 683 8.66 36.42 -21.83
C GLY A 683 7.98 35.92 -20.57
N VAL A 684 8.74 35.54 -19.55
CA VAL A 684 8.16 35.10 -18.29
C VAL A 684 8.85 35.86 -17.16
N PRO A 685 8.20 35.94 -15.99
CA PRO A 685 8.83 36.63 -14.86
C PRO A 685 10.16 35.98 -14.48
N ILE A 686 11.12 36.82 -14.12
CA ILE A 686 12.37 36.39 -13.51
C ILE A 686 12.38 36.93 -12.09
N MET A 687 12.49 36.03 -11.12
CA MET A 687 12.46 36.39 -9.71
C MET A 687 13.78 35.99 -9.08
N VAL A 688 14.52 36.97 -8.58
CA VAL A 688 15.81 36.76 -7.94
C VAL A 688 15.58 36.78 -6.43
N VAL A 689 15.89 35.67 -5.77
CA VAL A 689 15.58 35.48 -4.37
C VAL A 689 16.88 35.53 -3.58
N ARG A 690 16.85 36.25 -2.46
CA ARG A 690 18.04 36.48 -1.65
C ARG A 690 18.19 35.36 -0.62
N THR A 691 19.35 34.72 -0.64
CA THR A 691 19.64 33.64 0.29
C THR A 691 20.28 34.20 1.56
N GLU A 692 19.89 33.64 2.70
CA GLU A 692 20.40 34.12 3.98
C GLU A 692 21.80 33.60 4.27
N LYS A 693 22.22 32.50 3.64
CA LYS A 693 23.59 32.04 3.74
C LYS A 693 23.93 31.19 2.53
N ASN A 694 25.21 31.13 2.22
CA ASN A 694 25.70 30.45 1.00
C ASN A 694 25.73 28.96 1.24
N SER A 695 24.93 28.22 0.47
CA SER A 695 24.79 26.78 0.65
C SER A 695 24.18 26.19 -0.61
N LEU A 696 24.68 25.00 -1.00
CA LEU A 696 24.09 24.28 -2.11
C LEU A 696 22.71 23.72 -1.78
N ASN A 697 22.36 23.65 -0.49
CA ASN A 697 21.03 23.18 -0.12
C ASN A 697 19.95 24.18 -0.46
N ASN A 698 20.32 25.40 -0.87
CA ASN A 698 19.33 26.42 -1.15
C ASN A 698 18.55 26.14 -2.43
N ARG A 699 19.11 25.34 -3.34
CA ARG A 699 18.39 25.05 -4.57
C ARG A 699 17.19 24.14 -4.35
N PHE A 700 17.16 23.43 -3.22
CA PHE A 700 16.02 22.56 -2.89
C PHE A 700 15.14 23.16 -1.81
N LEU A 701 15.27 24.44 -1.51
CA LEU A 701 14.35 25.08 -0.57
C LEU A 701 13.01 25.29 -1.25
N PRO A 702 11.90 24.97 -0.57
CA PRO A 702 10.57 25.14 -1.19
C PRO A 702 10.15 26.61 -1.20
N TRP A 703 10.72 27.35 -2.15
CA TRP A 703 10.51 28.77 -2.21
C TRP A 703 9.03 29.10 -2.41
N ASN A 704 8.57 30.14 -1.71
CA ASN A 704 7.22 30.63 -1.88
C ASN A 704 6.93 31.03 -3.33
N GLU A 705 7.96 31.38 -4.09
CA GLU A 705 7.76 31.86 -5.45
C GLU A 705 7.37 30.75 -6.41
N ILE A 706 7.60 29.49 -6.03
CA ILE A 706 7.33 28.36 -6.93
C ILE A 706 5.84 28.05 -6.88
N GLU A 707 5.16 28.26 -8.00
CA GLU A 707 3.71 28.08 -8.11
C GLU A 707 3.33 26.77 -8.79
N THR A 708 4.29 25.92 -9.12
CA THR A 708 4.05 24.70 -9.88
C THR A 708 4.48 23.48 -9.10
N GLU A 709 3.85 22.34 -9.42
CA GLU A 709 4.28 21.07 -8.87
C GLU A 709 5.66 20.68 -9.39
N ALA A 710 5.90 20.89 -10.69
CA ALA A 710 7.13 20.47 -11.32
C ALA A 710 8.21 21.54 -11.18
N ILE A 711 9.43 21.10 -10.88
CA ILE A 711 10.60 21.96 -10.83
C ILE A 711 11.62 21.40 -11.81
N LEU A 712 12.14 22.26 -12.68
CA LEU A 712 13.28 21.93 -13.52
C LEU A 712 14.52 22.56 -12.91
N SER A 713 15.41 21.73 -12.39
CA SER A 713 16.62 22.20 -11.74
C SER A 713 17.76 22.15 -12.75
N ILE A 714 18.34 23.32 -13.02
CA ILE A 714 19.34 23.47 -14.07
C ILE A 714 20.47 24.36 -13.57
N ASP A 715 21.70 23.93 -13.83
CA ASP A 715 22.86 24.77 -13.56
C ASP A 715 22.88 25.97 -14.49
N ASP A 716 23.50 27.05 -14.03
CA ASP A 716 23.49 28.31 -14.78
C ASP A 716 24.35 28.26 -16.03
N ASP A 717 25.09 27.17 -16.24
CA ASP A 717 25.94 27.03 -17.42
C ASP A 717 25.58 25.80 -18.27
N ALA A 718 24.41 25.21 -18.06
CA ALA A 718 24.02 24.04 -18.83
C ALA A 718 23.35 24.44 -20.13
N HIS A 719 23.54 23.60 -21.15
CA HIS A 719 22.98 23.83 -22.48
C HIS A 719 22.00 22.71 -22.80
N LEU A 720 20.71 23.04 -22.82
CA LEU A 720 19.65 22.11 -23.18
C LEU A 720 18.82 22.70 -24.32
N ARG A 721 18.55 21.88 -25.32
CA ARG A 721 17.64 22.28 -26.38
C ARG A 721 16.19 22.23 -25.91
N HIS A 722 15.36 23.07 -26.51
CA HIS A 722 13.96 23.17 -26.09
C HIS A 722 13.23 21.84 -26.23
N ASP A 723 13.57 21.06 -27.26
CA ASP A 723 12.84 19.81 -27.50
C ASP A 723 13.21 18.72 -26.49
N GLU A 724 14.41 18.78 -25.92
CA GLU A 724 14.76 17.85 -24.86
C GLU A 724 13.96 18.16 -23.59
N ILE A 725 13.87 19.45 -23.25
CA ILE A 725 13.16 19.86 -22.05
C ILE A 725 11.69 19.45 -22.12
N MET A 726 11.06 19.66 -23.27
CA MET A 726 9.64 19.36 -23.41
C MET A 726 9.36 17.87 -23.30
N PHE A 727 10.19 17.04 -23.95
CA PHE A 727 10.01 15.60 -23.84
C PHE A 727 10.24 15.13 -22.40
N GLY A 728 11.25 15.68 -21.74
CA GLY A 728 11.45 15.37 -20.32
C GLY A 728 10.25 15.75 -19.47
N PHE A 729 9.65 16.89 -19.77
CA PHE A 729 8.46 17.32 -19.04
C PHE A 729 7.31 16.34 -19.24
N ARG A 730 7.11 15.88 -20.47
CA ARG A 730 6.05 14.90 -20.71
C ARG A 730 6.32 13.60 -19.96
N VAL A 731 7.56 13.12 -20.00
CA VAL A 731 7.92 11.91 -19.27
C VAL A 731 7.64 12.09 -17.78
N TRP A 732 8.05 13.22 -17.21
CA TRP A 732 7.81 13.47 -15.80
C TRP A 732 6.32 13.50 -15.50
N ARG A 733 5.53 14.16 -16.35
CA ARG A 733 4.09 14.14 -16.19
C ARG A 733 3.58 12.71 -16.11
N GLU A 734 4.23 11.79 -16.82
CA GLU A 734 3.88 10.38 -16.73
C GLU A 734 4.54 9.67 -15.54
N ALA A 735 5.54 10.27 -14.90
CA ALA A 735 6.33 9.61 -13.87
C ALA A 735 6.58 10.54 -12.69
N ARG A 736 5.51 11.12 -12.15
CA ARG A 736 5.63 12.27 -11.26
C ARG A 736 6.45 12.00 -10.00
N ASP A 737 6.56 10.73 -9.57
CA ASP A 737 7.28 10.42 -8.36
C ASP A 737 8.75 10.10 -8.56
N ARG A 738 9.25 10.19 -9.79
CA ARG A 738 10.64 9.88 -10.08
C ARG A 738 11.43 11.14 -10.37
N ILE A 739 12.76 11.03 -10.27
CA ILE A 739 13.65 12.01 -10.83
C ILE A 739 13.85 11.69 -12.31
N VAL A 740 13.55 12.65 -13.17
CA VAL A 740 13.63 12.48 -14.61
C VAL A 740 14.65 13.50 -15.12
N GLY A 741 15.77 13.02 -15.63
CA GLY A 741 16.82 13.94 -16.01
C GLY A 741 17.84 13.32 -16.94
N PHE A 742 18.69 14.18 -17.45
CA PHE A 742 19.64 13.91 -18.52
C PHE A 742 20.97 13.31 -18.06
N PRO A 743 21.64 13.86 -17.04
CA PRO A 743 22.96 13.32 -16.67
C PRO A 743 22.86 12.07 -15.82
N GLY A 744 23.66 11.06 -16.13
CA GLY A 744 23.59 9.77 -15.45
C GLY A 744 24.91 9.39 -14.80
N ARG A 745 24.80 8.75 -13.64
CA ARG A 745 25.96 8.24 -12.91
C ARG A 745 25.55 6.92 -12.26
N TYR A 746 26.53 6.22 -11.70
CA TYR A 746 26.25 4.95 -11.04
C TYR A 746 27.25 4.72 -9.91
N HIS A 747 26.86 3.83 -8.99
CA HIS A 747 27.65 3.50 -7.82
C HIS A 747 28.20 2.09 -7.95
N ALA A 748 29.42 1.89 -7.48
CA ALA A 748 30.16 0.67 -7.68
C ALA A 748 30.72 0.16 -6.36
N TRP A 749 30.98 -1.15 -6.31
CA TRP A 749 31.47 -1.80 -5.09
C TRP A 749 32.97 -1.98 -5.18
N ASP A 750 33.67 -1.57 -4.12
CA ASP A 750 35.13 -1.70 -4.03
C ASP A 750 35.42 -2.93 -3.17
N ILE A 751 35.84 -4.02 -3.82
CA ILE A 751 36.02 -5.28 -3.12
C ILE A 751 37.14 -5.20 -2.09
N PRO A 752 38.32 -4.65 -2.40
CA PRO A 752 39.40 -4.62 -1.39
C PRO A 752 39.02 -3.90 -0.12
N HIS A 753 38.13 -2.92 -0.18
CA HIS A 753 37.74 -2.14 0.98
C HIS A 753 36.30 -2.34 1.42
N GLN A 754 35.51 -3.11 0.69
CA GLN A 754 34.13 -3.40 1.05
C GLN A 754 33.35 -2.10 1.28
N SER A 755 33.55 -1.16 0.36
CA SER A 755 32.88 0.13 0.41
C SER A 755 32.40 0.50 -0.99
N TRP A 756 31.68 1.61 -1.07
CA TRP A 756 31.10 2.07 -2.31
C TRP A 756 31.97 3.12 -2.98
N LEU A 757 31.87 3.19 -4.31
CA LEU A 757 32.57 4.19 -5.11
C LEU A 757 31.60 4.91 -6.02
N TYR A 758 31.86 6.19 -6.24
CA TYR A 758 31.15 6.99 -7.22
C TYR A 758 31.85 6.88 -8.57
N ASN A 759 31.07 6.62 -9.62
CA ASN A 759 31.63 6.38 -10.94
C ASN A 759 30.89 7.23 -11.98
N SER A 760 31.66 7.75 -12.94
CA SER A 760 31.10 8.61 -13.98
C SER A 760 31.55 8.22 -15.39
N ASN A 761 32.20 7.07 -15.54
CA ASN A 761 32.52 6.57 -16.87
C ASN A 761 31.22 6.40 -17.66
N TYR A 762 31.33 6.17 -18.97
CA TYR A 762 30.15 5.71 -19.68
C TYR A 762 29.83 4.29 -19.22
N SER A 763 28.54 3.98 -19.15
CA SER A 763 28.09 2.72 -18.57
C SER A 763 26.82 2.26 -19.27
N CYS A 764 26.54 0.97 -19.17
CA CYS A 764 25.31 0.40 -19.69
C CYS A 764 24.22 0.32 -18.63
N GLU A 765 24.53 0.60 -17.37
CA GLU A 765 23.53 0.68 -16.31
C GLU A 765 23.83 1.88 -15.43
N LEU A 766 22.76 2.45 -14.87
CA LEU A 766 22.84 3.68 -14.10
C LEU A 766 22.09 3.53 -12.78
N SER A 767 22.43 4.41 -11.84
CA SER A 767 21.70 4.48 -10.57
C SER A 767 21.38 5.89 -10.11
N MET A 768 21.97 6.93 -10.69
CA MET A 768 21.72 8.30 -10.27
C MET A 768 21.53 9.19 -11.49
N VAL A 769 20.63 10.16 -11.35
CA VAL A 769 20.46 11.24 -12.32
C VAL A 769 20.73 12.55 -11.59
N LEU A 770 21.79 13.23 -11.99
CA LEU A 770 22.19 14.45 -11.30
C LEU A 770 21.21 15.58 -11.55
N THR A 771 20.92 16.33 -10.50
CA THR A 771 20.00 17.46 -10.57
C THR A 771 20.57 18.66 -11.31
N GLY A 772 21.79 18.56 -11.85
CA GLY A 772 22.27 19.60 -12.73
C GLY A 772 21.37 19.86 -13.91
N ALA A 773 20.62 18.84 -14.35
CA ALA A 773 19.55 19.01 -15.32
C ALA A 773 18.55 17.87 -15.09
N ALA A 774 17.47 18.17 -14.36
CA ALA A 774 16.51 17.15 -13.99
C ALA A 774 15.20 17.78 -13.54
N PHE A 775 14.11 17.05 -13.78
CA PHE A 775 12.79 17.39 -13.27
C PHE A 775 12.53 16.63 -11.97
N PHE A 776 11.81 17.28 -11.05
CA PHE A 776 11.32 16.58 -9.87
C PHE A 776 10.18 17.38 -9.23
N HIS A 777 9.46 16.70 -8.35
CA HIS A 777 8.30 17.28 -7.68
C HIS A 777 8.74 18.11 -6.48
N LYS A 778 8.04 19.25 -6.28
CA LYS A 778 8.35 20.14 -5.17
C LYS A 778 8.20 19.47 -3.81
N TYR A 779 7.28 18.51 -3.71
CA TYR A 779 7.13 17.69 -2.51
C TYR A 779 8.48 17.27 -1.95
N TYR A 780 9.37 16.79 -2.82
CA TYR A 780 10.69 16.37 -2.37
C TYR A 780 11.53 17.53 -1.88
N ALA A 781 11.27 18.76 -2.32
CA ALA A 781 11.96 19.90 -1.75
C ALA A 781 11.57 20.11 -0.29
N TYR A 782 10.28 20.04 0.02
CA TYR A 782 9.85 20.09 1.41
C TYR A 782 10.50 18.98 2.22
N LEU A 783 10.49 17.76 1.70
CA LEU A 783 11.09 16.64 2.43
C LEU A 783 12.59 16.87 2.67
N TYR A 784 13.31 17.31 1.63
CA TYR A 784 14.74 17.55 1.76
C TYR A 784 15.02 18.62 2.81
N SER A 785 14.22 19.69 2.81
CA SER A 785 14.52 20.82 3.67
C SER A 785 14.10 20.57 5.12
N TYR A 786 13.01 19.82 5.36
CA TYR A 786 12.42 19.78 6.69
C TYR A 786 12.23 18.39 7.30
N VAL A 787 12.35 17.30 6.54
CA VAL A 787 12.09 15.97 7.07
C VAL A 787 13.32 15.08 6.97
N MET A 788 14.21 15.37 6.02
CA MET A 788 15.43 14.59 5.87
C MET A 788 16.35 14.85 7.05
N PRO A 789 17.19 13.88 7.44
CA PRO A 789 18.08 14.08 8.59
C PRO A 789 19.00 15.28 8.42
N GLN A 790 19.27 15.95 9.55
CA GLN A 790 20.09 17.16 9.54
C GLN A 790 21.54 16.87 9.20
N ALA A 791 22.04 15.70 9.58
CA ALA A 791 23.44 15.35 9.33
C ALA A 791 23.77 15.42 7.84
N ILE A 792 22.85 15.02 6.98
CA ILE A 792 23.10 15.03 5.54
C ILE A 792 23.30 16.45 5.05
N ARG A 793 22.43 17.36 5.46
CA ARG A 793 22.56 18.76 5.06
C ARG A 793 23.83 19.39 5.63
N ASP A 794 24.16 19.05 6.88
CA ASP A 794 25.41 19.56 7.46
C ASP A 794 26.62 19.07 6.65
N MET A 795 26.61 17.81 6.21
CA MET A 795 27.71 17.33 5.38
C MET A 795 27.74 18.04 4.03
N VAL A 796 26.59 18.28 3.42
CA VAL A 796 26.56 19.02 2.17
C VAL A 796 27.22 20.38 2.37
N ASP A 797 26.92 21.04 3.49
CA ASP A 797 27.55 22.32 3.78
C ASP A 797 29.06 22.18 3.97
N GLU A 798 29.50 21.11 4.64
CA GLU A 798 30.92 20.96 4.98
C GLU A 798 31.79 20.83 3.74
N TYR A 799 31.38 20.00 2.79
CA TYR A 799 32.17 19.83 1.58
C TYR A 799 31.77 20.79 0.46
N ILE A 800 30.65 21.52 0.63
CA ILE A 800 30.10 22.43 -0.41
C ILE A 800 29.98 21.60 -1.69
N ASN A 801 29.52 20.35 -1.53
CA ASN A 801 29.40 19.32 -2.58
C ASN A 801 28.36 18.27 -2.16
N CYS A 802 27.98 17.39 -3.09
CA CYS A 802 27.13 16.18 -2.93
C CYS A 802 25.66 16.48 -2.64
N GLU A 803 25.09 17.60 -3.07
CA GLU A 803 23.67 17.81 -2.83
C GLU A 803 22.79 16.97 -3.76
N ASP A 804 23.26 16.71 -4.98
CA ASP A 804 22.50 15.86 -5.90
C ASP A 804 22.43 14.42 -5.43
N ILE A 805 23.55 13.89 -4.93
CA ILE A 805 23.58 12.52 -4.41
C ILE A 805 22.58 12.37 -3.28
N ALA A 806 22.50 13.37 -2.41
CA ALA A 806 21.56 13.33 -1.30
C ALA A 806 20.12 13.24 -1.78
N MET A 807 19.77 14.02 -2.80
CA MET A 807 18.41 13.99 -3.33
C MET A 807 18.10 12.65 -3.98
N ASN A 808 19.05 12.08 -4.70
CA ASN A 808 18.83 10.74 -5.25
C ASN A 808 18.61 9.72 -4.14
N PHE A 809 19.43 9.79 -3.08
CA PHE A 809 19.23 8.92 -1.93
C PHE A 809 17.82 9.06 -1.37
N LEU A 810 17.37 10.30 -1.18
CA LEU A 810 16.05 10.55 -0.61
C LEU A 810 14.95 9.94 -1.49
N VAL A 811 14.98 10.25 -2.79
CA VAL A 811 13.89 9.83 -3.65
C VAL A 811 13.88 8.31 -3.81
N SER A 812 15.05 7.68 -3.87
CA SER A 812 15.08 6.22 -3.91
C SER A 812 14.59 5.62 -2.60
N HIS A 813 14.91 6.25 -1.46
CA HIS A 813 14.41 5.76 -0.18
C HIS A 813 12.89 5.82 -0.11
N ILE A 814 12.30 6.90 -0.62
CA ILE A 814 10.84 7.03 -0.57
C ILE A 814 10.17 6.03 -1.50
N THR A 815 10.65 5.92 -2.74
CA THR A 815 9.94 5.16 -3.76
C THR A 815 10.43 3.75 -3.95
N ARG A 816 11.70 3.48 -3.63
CA ARG A 816 12.33 2.18 -3.93
C ARG A 816 12.29 1.89 -5.43
N LYS A 817 12.46 2.93 -6.22
CA LYS A 817 12.55 2.82 -7.67
C LYS A 817 13.71 3.67 -8.18
N PRO A 818 14.34 3.27 -9.28
CA PRO A 818 15.46 4.05 -9.82
C PRO A 818 14.97 5.24 -10.60
N PRO A 819 15.86 6.17 -10.95
CA PRO A 819 15.44 7.33 -11.75
C PRO A 819 15.31 6.96 -13.22
N ILE A 820 14.92 7.96 -14.01
CA ILE A 820 14.66 7.80 -15.43
C ILE A 820 15.62 8.69 -16.21
N LYS A 821 16.37 8.07 -17.13
CA LYS A 821 17.28 8.76 -18.02
C LYS A 821 16.56 9.09 -19.32
N VAL A 822 16.68 10.34 -19.78
CA VAL A 822 15.76 10.83 -20.78
C VAL A 822 16.32 10.77 -22.21
N THR A 823 17.57 11.16 -22.43
CA THR A 823 18.10 11.21 -23.79
C THR A 823 19.44 10.51 -23.85
N SER A 824 20.06 10.59 -25.04
CA SER A 824 21.32 9.91 -25.32
C SER A 824 22.54 10.72 -24.91
N ARG A 825 22.37 12.00 -24.59
CA ARG A 825 23.52 12.85 -24.36
C ARG A 825 24.12 12.60 -22.97
N TRP A 826 25.44 12.75 -22.89
CA TRP A 826 26.18 12.54 -21.66
C TRP A 826 26.93 13.75 -21.17
N THR A 827 27.13 14.77 -22.03
CA THR A 827 27.78 16.01 -21.65
C THR A 827 26.92 17.17 -22.12
N PHE A 828 26.89 18.24 -21.33
CA PHE A 828 25.98 19.36 -21.55
C PHE A 828 26.70 20.70 -21.49
N ARG A 829 27.86 20.79 -22.13
CA ARG A 829 28.62 22.02 -22.19
C ARG A 829 28.27 22.80 -23.45
N ASP A 840 37.59 19.08 -9.98
CA ASP A 840 38.94 18.66 -9.64
C ASP A 840 38.93 17.31 -8.94
N ASP A 841 40.13 16.78 -8.65
CA ASP A 841 40.22 15.44 -8.09
C ASP A 841 39.64 15.38 -6.68
N SER A 842 39.95 16.36 -5.83
CA SER A 842 39.38 16.37 -4.48
C SER A 842 37.86 16.43 -4.54
N HIS A 843 37.33 17.21 -5.48
CA HIS A 843 35.89 17.25 -5.70
C HIS A 843 35.34 15.88 -6.05
N PHE A 844 36.19 14.98 -6.52
CA PHE A 844 35.77 13.64 -6.92
C PHE A 844 35.84 12.67 -5.76
N HIS A 845 36.89 12.76 -4.94
CA HIS A 845 37.02 11.89 -3.77
C HIS A 845 35.99 12.25 -2.69
N GLU A 846 35.66 13.54 -2.58
CA GLU A 846 34.65 13.96 -1.62
C GLU A 846 33.35 13.21 -1.83
N ARG A 847 33.07 12.80 -3.08
CA ARG A 847 31.79 12.18 -3.38
C ARG A 847 31.76 10.71 -2.96
N HIS A 848 32.90 10.01 -3.06
CA HIS A 848 32.98 8.69 -2.45
C HIS A 848 32.66 8.77 -0.96
N LYS A 849 33.29 9.73 -0.28
CA LYS A 849 33.06 9.89 1.15
C LYS A 849 31.60 10.25 1.44
N CYS A 850 31.01 11.11 0.62
CA CYS A 850 29.59 11.46 0.78
C CYS A 850 28.71 10.22 0.68
N ILE A 851 28.97 9.36 -0.30
CA ILE A 851 28.16 8.17 -0.47
C ILE A 851 28.26 7.27 0.75
N ASN A 852 29.50 7.03 1.22
CA ASN A 852 29.66 6.17 2.38
C ASN A 852 28.94 6.73 3.61
N PHE A 853 29.05 8.04 3.84
CA PHE A 853 28.40 8.63 5.01
C PHE A 853 26.90 8.54 4.90
N PHE A 854 26.35 8.79 3.71
CA PHE A 854 24.90 8.70 3.55
C PHE A 854 24.40 7.28 3.79
N VAL A 855 25.19 6.29 3.36
CA VAL A 855 24.85 4.91 3.66
C VAL A 855 24.82 4.69 5.17
N LYS A 856 25.79 5.27 5.89
CA LYS A 856 25.76 5.16 7.35
C LYS A 856 24.50 5.81 7.92
N VAL A 857 24.14 6.99 7.43
CA VAL A 857 22.99 7.71 7.97
C VAL A 857 21.71 6.93 7.75
N TYR A 858 21.52 6.39 6.55
CA TYR A 858 20.27 5.70 6.25
C TYR A 858 20.24 4.29 6.81
N GLY A 859 21.40 3.68 7.01
CA GLY A 859 21.48 2.30 7.44
C GLY A 859 21.59 1.29 6.32
N TYR A 860 21.40 1.72 5.08
CA TYR A 860 21.49 0.84 3.92
C TYR A 860 21.68 1.71 2.69
N MET A 861 22.01 1.06 1.58
CA MET A 861 22.13 1.75 0.30
C MET A 861 20.77 1.72 -0.41
N PRO A 862 20.11 2.86 -0.56
CA PRO A 862 18.78 2.86 -1.21
C PRO A 862 18.80 2.93 -2.72
N LEU A 863 19.97 3.13 -3.34
CA LEU A 863 20.01 3.29 -4.78
C LEU A 863 19.78 1.97 -5.50
N LEU A 864 19.19 2.04 -6.69
CA LEU A 864 18.89 0.88 -7.50
C LEU A 864 19.31 1.14 -8.94
N TYR A 865 19.66 0.07 -9.64
CA TYR A 865 20.15 0.17 -11.00
C TYR A 865 19.03 0.12 -12.02
N THR A 866 19.22 0.86 -13.11
CA THR A 866 18.38 0.77 -14.30
C THR A 866 19.27 0.50 -15.50
N GLN A 867 18.78 -0.35 -16.41
CA GLN A 867 19.53 -0.75 -17.60
C GLN A 867 18.92 -0.22 -18.89
N PHE A 868 18.09 0.82 -18.82
CA PHE A 868 17.46 1.36 -20.00
C PHE A 868 17.21 2.85 -19.83
N ARG A 869 17.05 3.53 -20.96
CA ARG A 869 16.64 4.92 -21.03
C ARG A 869 15.38 5.02 -21.88
N VAL A 870 14.79 6.20 -21.90
CA VAL A 870 13.52 6.42 -22.59
C VAL A 870 13.72 7.34 -23.78
N ASP A 871 12.96 7.08 -24.84
CA ASP A 871 12.96 7.90 -26.03
C ASP A 871 11.52 8.01 -26.53
N SER A 872 11.31 8.93 -27.46
CA SER A 872 9.99 9.10 -28.04
C SER A 872 9.60 7.86 -28.86
N VAL A 873 8.29 7.62 -28.94
CA VAL A 873 7.79 6.37 -29.53
C VAL A 873 8.30 6.20 -30.95
N LEU A 874 8.13 7.23 -31.78
CA LEU A 874 8.50 7.16 -33.19
C LEU A 874 9.92 7.65 -33.45
N PHE A 875 10.80 7.55 -32.45
CA PHE A 875 12.18 7.99 -32.62
C PHE A 875 12.92 7.05 -33.55
N LYS A 876 13.52 7.62 -34.59
CA LYS A 876 14.27 6.87 -35.60
C LYS A 876 13.44 5.76 -36.23
N THR A 877 12.18 6.03 -36.51
CA THR A 877 11.30 5.06 -37.16
C THR A 877 11.00 5.51 -38.59
N ARG A 878 10.90 4.54 -39.50
CA ARG A 878 10.60 4.82 -40.90
C ARG A 878 9.08 4.90 -41.05
N LEU A 879 8.58 6.12 -41.21
CA LEU A 879 7.15 6.36 -41.23
C LEU A 879 6.60 6.40 -42.65
N PRO A 880 5.31 6.12 -42.81
CA PRO A 880 4.66 6.45 -44.09
C PRO A 880 4.56 7.95 -44.26
N HIS A 881 4.44 8.38 -45.51
CA HIS A 881 4.59 9.80 -45.82
C HIS A 881 3.53 10.67 -45.15
N ASP A 882 2.37 10.10 -44.83
CA ASP A 882 1.32 10.89 -44.18
C ASP A 882 1.66 11.19 -42.73
N LYS A 883 2.40 10.32 -42.06
CA LYS A 883 2.71 10.47 -40.66
C LYS A 883 3.90 11.40 -40.47
N THR A 884 4.05 11.89 -39.23
CA THR A 884 5.13 12.79 -38.86
C THR A 884 5.70 12.36 -37.51
N LYS A 885 7.01 12.50 -37.35
CA LYS A 885 7.65 12.11 -36.10
C LYS A 885 7.29 13.07 -34.98
N CYS A 886 7.25 12.54 -33.76
CA CYS A 886 6.87 13.36 -32.61
C CYS A 886 7.87 14.49 -32.39
N PHE A 887 9.16 14.21 -32.48
CA PHE A 887 10.20 15.21 -32.43
C PHE A 887 11.16 15.01 -33.59
N LYS A 888 11.74 16.10 -34.06
CA LYS A 888 12.68 16.01 -35.18
C LYS A 888 13.95 15.25 -34.78
N PHE A 889 14.51 15.54 -33.62
CA PHE A 889 15.79 14.92 -33.19
C PHE A 889 15.68 14.12 -31.89
N ILE A 890 14.49 13.99 -31.29
CA ILE A 890 14.36 13.29 -30.01
C ILE A 890 13.34 12.16 -30.14
N GLY B 147 -14.78 -13.64 29.12
CA GLY B 147 -15.41 -14.08 27.83
C GLY B 147 -14.41 -14.80 26.96
N CYS B 148 -14.90 -15.67 26.08
CA CYS B 148 -14.02 -16.45 25.23
C CYS B 148 -13.23 -15.56 24.29
N ARG B 149 -11.93 -15.81 24.21
CA ARG B 149 -11.06 -15.22 23.22
C ARG B 149 -10.27 -16.34 22.56
N LEU B 150 -9.64 -16.03 21.43
CA LEU B 150 -8.96 -17.06 20.67
C LEU B 150 -7.79 -17.68 21.44
N HIS B 151 -7.26 -16.99 22.46
CA HIS B 151 -6.12 -17.51 23.20
C HIS B 151 -6.51 -18.31 24.43
N ASN B 152 -7.81 -18.37 24.77
CA ASN B 152 -8.25 -19.18 25.91
C ASN B 152 -9.44 -20.07 25.61
N CYS B 153 -9.88 -20.16 24.36
CA CYS B 153 -10.95 -21.07 23.96
C CYS B 153 -10.70 -21.80 22.66
N PHE B 154 -9.52 -21.66 22.06
CA PHE B 154 -9.17 -22.37 20.83
C PHE B 154 -8.03 -23.33 21.09
N ASP B 155 -8.14 -24.54 20.52
CA ASP B 155 -7.12 -25.58 20.67
C ASP B 155 -6.22 -25.55 19.45
N TYR B 156 -5.01 -25.02 19.62
CA TYR B 156 -4.06 -24.95 18.51
C TYR B 156 -3.40 -26.29 18.24
N SER B 157 -3.45 -27.23 19.17
CA SER B 157 -2.83 -28.53 18.95
C SER B 157 -3.46 -29.29 17.79
N ARG B 158 -4.71 -28.98 17.45
CA ARG B 158 -5.37 -29.58 16.30
C ARG B 158 -4.92 -28.97 14.98
N CYS B 159 -4.23 -27.84 15.01
CA CYS B 159 -4.02 -27.00 13.83
C CYS B 159 -2.56 -26.59 13.72
N PRO B 160 -1.68 -27.51 13.33
CA PRO B 160 -0.28 -27.14 13.09
C PRO B 160 -0.15 -26.22 11.88
N LEU B 161 0.94 -25.45 11.86
CA LEU B 161 1.12 -24.46 10.81
C LEU B 161 1.31 -25.10 9.45
N THR B 162 1.92 -26.29 9.40
CA THR B 162 2.29 -26.91 8.15
C THR B 162 1.26 -27.90 7.62
N SER B 163 0.30 -28.32 8.43
CA SER B 163 -0.60 -29.40 8.08
C SER B 163 -1.81 -28.94 7.27
N GLY B 164 -1.84 -27.69 6.83
CA GLY B 164 -3.00 -27.23 6.11
C GLY B 164 -4.13 -26.85 7.06
N PHE B 165 -5.32 -26.69 6.48
CA PHE B 165 -6.50 -26.22 7.18
C PHE B 165 -7.69 -27.12 6.86
N PRO B 166 -7.66 -28.37 7.33
CA PRO B 166 -8.78 -29.29 7.06
C PRO B 166 -10.02 -28.88 7.83
N VAL B 167 -11.16 -28.87 7.13
CA VAL B 167 -12.44 -28.44 7.68
C VAL B 167 -13.44 -29.56 7.54
N TYR B 168 -14.21 -29.81 8.60
CA TYR B 168 -15.33 -30.74 8.57
C TYR B 168 -16.64 -29.98 8.70
N VAL B 169 -17.57 -30.25 7.79
CA VAL B 169 -18.88 -29.62 7.77
C VAL B 169 -19.92 -30.67 8.15
N TYR B 170 -20.72 -30.37 9.17
CA TYR B 170 -21.82 -31.25 9.53
C TYR B 170 -22.89 -31.22 8.44
N ASP B 171 -23.52 -32.37 8.22
CA ASP B 171 -24.69 -32.45 7.35
C ASP B 171 -25.92 -32.10 8.19
N SER B 172 -26.49 -30.91 7.93
CA SER B 172 -27.58 -30.41 8.76
C SER B 172 -28.86 -31.22 8.57
N ASP B 173 -28.98 -31.96 7.48
CA ASP B 173 -30.15 -32.81 7.28
C ASP B 173 -30.27 -33.90 8.34
N GLN B 174 -29.17 -34.26 9.00
CA GLN B 174 -29.16 -35.32 10.00
C GLN B 174 -29.40 -34.79 11.41
N PHE B 175 -29.98 -33.59 11.53
CA PHE B 175 -30.20 -32.97 12.82
C PHE B 175 -31.46 -32.12 12.76
N VAL B 176 -31.99 -31.77 13.93
CA VAL B 176 -33.30 -31.13 14.00
C VAL B 176 -33.31 -29.77 13.32
N PHE B 177 -32.14 -29.14 13.16
CA PHE B 177 -32.10 -27.85 12.47
C PHE B 177 -32.58 -27.98 11.02
N GLY B 178 -32.28 -29.10 10.38
CA GLY B 178 -32.36 -29.17 8.93
C GLY B 178 -33.75 -28.89 8.38
N SER B 179 -34.79 -29.40 9.03
CA SER B 179 -36.14 -29.25 8.50
C SER B 179 -36.70 -27.85 8.68
N TYR B 180 -36.13 -27.05 9.57
CA TYR B 180 -36.60 -25.70 9.82
C TYR B 180 -35.78 -24.63 9.10
N LEU B 181 -34.69 -25.00 8.44
CA LEU B 181 -33.86 -24.03 7.75
C LEU B 181 -34.62 -23.42 6.57
N ASP B 182 -34.27 -22.18 6.23
CA ASP B 182 -34.76 -21.59 5.00
C ASP B 182 -34.19 -22.36 3.82
N PRO B 183 -35.02 -22.92 2.93
CA PRO B 183 -34.49 -23.88 1.95
C PRO B 183 -33.41 -23.32 1.06
N LEU B 184 -33.50 -22.05 0.64
CA LEU B 184 -32.49 -21.52 -0.29
C LEU B 184 -31.14 -21.37 0.39
N VAL B 185 -31.13 -20.91 1.63
CA VAL B 185 -29.88 -20.82 2.39
C VAL B 185 -29.24 -22.19 2.52
N LYS B 186 -30.03 -23.19 2.93
CA LYS B 186 -29.53 -24.55 3.07
C LYS B 186 -28.95 -25.05 1.75
N GLN B 187 -29.71 -24.87 0.67
CA GLN B 187 -29.29 -25.34 -0.65
C GLN B 187 -27.97 -24.71 -1.07
N ALA B 188 -27.88 -23.38 -1.01
CA ALA B 188 -26.67 -22.70 -1.43
C ALA B 188 -25.48 -23.10 -0.57
N PHE B 189 -25.67 -23.17 0.74
CA PHE B 189 -24.56 -23.49 1.63
C PHE B 189 -24.06 -24.91 1.38
N GLN B 190 -24.97 -25.86 1.21
CA GLN B 190 -24.54 -27.22 0.90
C GLN B 190 -23.79 -27.28 -0.42
N ALA B 191 -24.29 -26.56 -1.42
CA ALA B 191 -23.61 -26.55 -2.72
C ALA B 191 -22.19 -26.02 -2.59
N THR B 192 -22.00 -24.90 -1.87
CA THR B 192 -20.67 -24.32 -1.79
C THR B 192 -19.74 -25.15 -0.92
N ALA B 193 -20.26 -25.73 0.17
CA ALA B 193 -19.42 -26.56 1.03
C ALA B 193 -18.98 -27.82 0.31
N ARG B 194 -19.85 -28.39 -0.52
CA ARG B 194 -19.48 -29.57 -1.29
C ARG B 194 -18.28 -29.30 -2.19
N ALA B 195 -18.18 -28.08 -2.72
CA ALA B 195 -17.16 -27.77 -3.70
C ALA B 195 -15.87 -27.23 -3.11
N ASN B 196 -15.82 -26.96 -1.81
CA ASN B 196 -14.70 -26.23 -1.23
C ASN B 196 -13.47 -27.11 -1.09
N VAL B 197 -12.30 -26.51 -1.33
CA VAL B 197 -11.05 -27.26 -1.35
C VAL B 197 -10.63 -27.68 0.06
N TYR B 198 -10.95 -26.89 1.07
CA TYR B 198 -10.49 -27.18 2.43
C TYR B 198 -11.29 -28.28 3.12
N VAL B 199 -12.47 -28.62 2.59
CA VAL B 199 -13.40 -29.48 3.31
C VAL B 199 -12.94 -30.93 3.23
N THR B 200 -13.08 -31.66 4.34
CA THR B 200 -12.75 -33.07 4.41
C THR B 200 -13.89 -33.83 5.06
N GLU B 201 -13.99 -35.11 4.72
CA GLU B 201 -14.94 -36.01 5.37
C GLU B 201 -14.35 -36.70 6.59
N ASN B 202 -13.05 -36.56 6.82
CA ASN B 202 -12.35 -37.24 7.92
C ASN B 202 -12.44 -36.35 9.15
N ALA B 203 -13.37 -36.68 10.04
CA ALA B 203 -13.62 -35.85 11.21
C ALA B 203 -12.47 -35.86 12.21
N ASP B 204 -11.62 -36.89 12.19
CA ASP B 204 -10.58 -37.01 13.20
C ASP B 204 -9.42 -36.04 12.96
N ILE B 205 -9.19 -35.65 11.70
CA ILE B 205 -8.06 -34.75 11.39
C ILE B 205 -8.47 -33.30 11.33
N ALA B 206 -9.75 -32.99 11.48
CA ALA B 206 -10.25 -31.64 11.21
C ALA B 206 -9.72 -30.64 12.23
N CYS B 207 -9.31 -29.47 11.74
CA CYS B 207 -8.92 -28.38 12.62
C CYS B 207 -10.13 -27.57 13.06
N LEU B 208 -11.14 -27.50 12.21
CA LEU B 208 -12.33 -26.69 12.45
C LEU B 208 -13.57 -27.49 12.08
N TYR B 209 -14.65 -27.27 12.83
CA TYR B 209 -15.94 -27.91 12.58
C TYR B 209 -16.98 -26.84 12.32
N VAL B 210 -17.82 -27.06 11.31
CA VAL B 210 -18.79 -26.07 10.85
C VAL B 210 -20.17 -26.68 10.94
N ILE B 211 -21.09 -25.96 11.59
CA ILE B 211 -22.49 -26.35 11.70
C ILE B 211 -23.33 -25.16 11.28
N LEU B 212 -24.25 -25.40 10.35
CA LEU B 212 -25.16 -24.36 9.89
C LEU B 212 -26.48 -24.47 10.66
N VAL B 213 -26.77 -23.45 11.47
CA VAL B 213 -28.09 -23.33 12.07
C VAL B 213 -28.94 -22.33 11.29
N GLY B 214 -28.31 -21.40 10.58
CA GLY B 214 -28.95 -20.67 9.51
C GLY B 214 -30.14 -19.83 9.91
N GLU B 215 -30.62 -19.03 8.97
CA GLU B 215 -31.91 -18.39 9.11
C GLU B 215 -33.00 -19.45 9.05
N MET B 216 -33.93 -19.39 10.01
CA MET B 216 -35.00 -20.36 10.08
C MET B 216 -36.29 -19.77 9.52
N GLN B 217 -37.19 -20.66 9.10
CA GLN B 217 -38.47 -20.23 8.56
C GLN B 217 -39.26 -19.48 9.60
N GLU B 218 -39.95 -18.43 9.15
CA GLU B 218 -40.78 -17.63 10.05
C GLU B 218 -42.22 -18.14 10.06
N PRO B 219 -42.87 -18.22 11.23
CA PRO B 219 -42.31 -17.98 12.57
C PRO B 219 -41.44 -19.13 13.05
N VAL B 220 -40.50 -18.84 13.95
CA VAL B 220 -39.50 -19.82 14.34
C VAL B 220 -40.15 -20.82 15.30
N VAL B 221 -40.33 -22.05 14.84
CA VAL B 221 -40.93 -23.09 15.67
C VAL B 221 -39.99 -23.51 16.79
N LEU B 222 -38.69 -23.58 16.50
CA LEU B 222 -37.74 -24.14 17.44
C LEU B 222 -37.53 -23.22 18.62
N ARG B 223 -37.33 -23.83 19.80
CA ARG B 223 -37.12 -23.06 21.03
C ARG B 223 -35.62 -22.95 21.32
N PRO B 224 -35.19 -21.85 21.95
CA PRO B 224 -33.75 -21.69 22.22
C PRO B 224 -33.15 -22.83 23.02
N ALA B 225 -33.88 -23.33 24.03
CA ALA B 225 -33.35 -24.42 24.84
C ALA B 225 -33.15 -25.68 24.02
N GLU B 226 -34.06 -25.96 23.08
CA GLU B 226 -33.94 -27.18 22.29
C GLU B 226 -32.84 -27.04 21.23
N LEU B 227 -32.62 -25.83 20.71
CA LEU B 227 -31.47 -25.56 19.87
C LEU B 227 -30.17 -25.82 20.63
N GLU B 228 -30.11 -25.32 21.87
CA GLU B 228 -28.96 -25.59 22.74
C GLU B 228 -28.79 -27.09 22.95
N LYS B 229 -29.89 -27.79 23.18
CA LYS B 229 -29.84 -29.23 23.40
C LYS B 229 -29.27 -29.95 22.19
N GLN B 230 -29.65 -29.53 20.99
CA GLN B 230 -29.10 -30.16 19.79
C GLN B 230 -27.62 -29.83 19.61
N LEU B 231 -27.23 -28.58 19.89
CA LEU B 231 -25.82 -28.23 19.76
C LEU B 231 -24.95 -29.12 20.63
N TYR B 232 -25.27 -29.21 21.92
CA TYR B 232 -24.47 -29.97 22.86
C TYR B 232 -24.54 -31.48 22.63
N SER B 233 -25.29 -31.93 21.63
CA SER B 233 -25.38 -33.34 21.30
C SER B 233 -24.67 -33.70 20.01
N LEU B 234 -23.99 -32.76 19.38
CA LEU B 234 -23.35 -33.03 18.11
C LEU B 234 -22.24 -34.07 18.30
N PRO B 235 -21.97 -34.92 17.30
CA PRO B 235 -21.04 -36.03 17.50
C PRO B 235 -19.67 -35.62 18.02
N HIS B 236 -19.11 -34.51 17.53
CA HIS B 236 -17.76 -34.10 17.90
C HIS B 236 -17.75 -32.86 18.77
N TRP B 237 -18.92 -32.43 19.27
CA TRP B 237 -19.03 -31.42 20.32
C TRP B 237 -18.62 -32.10 21.61
N ARG B 238 -17.30 -32.13 21.85
CA ARG B 238 -16.74 -33.06 22.82
C ARG B 238 -17.32 -32.81 24.22
N THR B 239 -17.05 -31.65 24.80
CA THR B 239 -17.82 -31.23 25.97
C THR B 239 -18.22 -29.76 25.91
N ASP B 240 -17.48 -28.97 25.14
CA ASP B 240 -17.65 -27.52 25.16
C ASP B 240 -17.67 -26.89 23.77
N GLY B 241 -17.44 -27.66 22.71
CA GLY B 241 -17.54 -27.14 21.37
C GLY B 241 -16.38 -26.29 20.93
N HIS B 242 -15.18 -26.58 21.41
CA HIS B 242 -14.01 -25.85 20.97
C HIS B 242 -13.70 -26.19 19.51
N ASN B 243 -13.22 -25.19 18.78
CA ASN B 243 -12.91 -25.31 17.36
C ASN B 243 -14.17 -25.56 16.53
N HIS B 244 -15.30 -25.04 16.99
CA HIS B 244 -16.54 -25.03 16.25
C HIS B 244 -16.91 -23.60 15.88
N VAL B 245 -17.45 -23.41 14.68
CA VAL B 245 -18.03 -22.15 14.26
C VAL B 245 -19.48 -22.39 13.90
N ILE B 246 -20.38 -21.63 14.52
CA ILE B 246 -21.81 -21.71 14.26
C ILE B 246 -22.16 -20.62 13.27
N ILE B 247 -22.71 -21.02 12.13
CA ILE B 247 -23.01 -20.11 11.02
C ILE B 247 -24.51 -19.91 10.95
N ASN B 248 -24.93 -18.64 10.96
CA ASN B 248 -26.35 -18.26 10.89
C ASN B 248 -26.45 -17.13 9.86
N LEU B 249 -26.79 -17.50 8.63
CA LEU B 249 -26.83 -16.55 7.52
C LEU B 249 -28.22 -15.94 7.40
N SER B 250 -28.27 -14.62 7.19
CA SER B 250 -29.55 -13.92 7.07
C SER B 250 -29.89 -13.68 5.60
N ARG B 251 -31.12 -14.05 5.22
CA ARG B 251 -31.58 -13.83 3.87
C ARG B 251 -32.84 -12.97 3.79
N LYS B 252 -33.87 -13.33 4.57
CA LYS B 252 -35.19 -12.76 4.40
C LYS B 252 -35.65 -11.95 5.60
N SER B 253 -35.21 -12.30 6.80
CA SER B 253 -35.67 -11.64 8.03
C SER B 253 -34.59 -10.74 8.59
N ASP B 254 -35.00 -9.56 9.06
CA ASP B 254 -34.11 -8.63 9.74
C ASP B 254 -34.46 -8.47 11.21
N THR B 255 -35.28 -9.38 11.76
CA THR B 255 -35.64 -9.36 13.17
C THR B 255 -35.34 -10.67 13.88
N GLN B 256 -34.71 -11.63 13.21
CA GLN B 256 -34.42 -12.93 13.81
C GLN B 256 -33.08 -12.91 14.54
N ASN B 257 -33.09 -13.37 15.78
CA ASN B 257 -31.92 -13.33 16.66
C ASN B 257 -31.79 -14.65 17.41
N LEU B 258 -31.81 -15.76 16.64
CA LEU B 258 -31.92 -17.11 17.22
C LEU B 258 -31.08 -17.28 18.48
N LEU B 259 -29.78 -17.00 18.42
CA LEU B 259 -28.83 -17.46 19.42
C LEU B 259 -28.70 -16.55 20.63
N TYR B 260 -29.66 -15.65 20.85
CA TYR B 260 -29.49 -14.67 21.92
C TYR B 260 -29.54 -15.31 23.30
N ASN B 261 -30.43 -16.29 23.49
CA ASN B 261 -30.56 -16.98 24.76
C ASN B 261 -29.98 -18.39 24.73
N VAL B 262 -28.94 -18.62 23.92
CA VAL B 262 -28.37 -19.94 23.70
C VAL B 262 -26.93 -19.93 24.18
N SER B 263 -26.57 -20.94 24.97
CA SER B 263 -25.17 -21.10 25.38
C SER B 263 -24.41 -21.82 24.28
N THR B 264 -23.32 -21.21 23.82
CA THR B 264 -22.52 -21.74 22.73
C THR B 264 -21.18 -22.27 23.22
N GLY B 265 -20.94 -22.27 24.52
CA GLY B 265 -19.69 -22.80 25.04
C GLY B 265 -18.51 -22.05 24.48
N ARG B 266 -17.58 -22.79 23.88
CA ARG B 266 -16.35 -22.23 23.34
C ARG B 266 -16.41 -22.06 21.83
N ALA B 267 -17.59 -22.19 21.23
CA ALA B 267 -17.71 -22.10 19.78
C ALA B 267 -17.75 -20.65 19.31
N MET B 268 -17.22 -20.42 18.11
CA MET B 268 -17.35 -19.12 17.47
C MET B 268 -18.69 -19.02 16.76
N VAL B 269 -19.15 -17.78 16.57
CA VAL B 269 -20.43 -17.50 15.94
C VAL B 269 -20.20 -16.52 14.81
N ALA B 270 -20.75 -16.85 13.64
CA ALA B 270 -20.70 -16.00 12.46
C ALA B 270 -22.12 -15.65 12.05
N GLN B 271 -22.46 -14.37 12.15
CA GLN B 271 -23.80 -13.91 11.81
C GLN B 271 -23.74 -12.41 11.55
N SER B 272 -24.92 -11.84 11.26
CA SER B 272 -25.03 -10.45 10.84
C SER B 272 -25.63 -9.54 11.92
N THR B 273 -26.18 -10.11 12.99
CA THR B 273 -26.78 -9.32 14.07
C THR B 273 -26.12 -9.70 15.38
N PHE B 274 -25.65 -8.68 16.11
CA PHE B 274 -25.00 -8.86 17.39
C PHE B 274 -25.47 -7.80 18.37
N TYR B 275 -25.74 -8.21 19.59
CA TYR B 275 -25.82 -7.30 20.73
C TYR B 275 -24.52 -7.35 21.52
N THR B 276 -24.26 -6.27 22.26
CA THR B 276 -22.98 -6.16 22.97
C THR B 276 -22.76 -7.34 23.90
N VAL B 277 -23.82 -7.88 24.49
CA VAL B 277 -23.68 -8.98 25.44
C VAL B 277 -23.28 -10.29 24.78
N GLN B 278 -23.36 -10.38 23.46
CA GLN B 278 -23.04 -11.62 22.76
C GLN B 278 -22.01 -11.46 21.65
N TYR B 279 -21.36 -10.31 21.55
CA TYR B 279 -20.27 -10.12 20.61
C TYR B 279 -18.95 -10.19 21.36
N ARG B 280 -18.06 -11.05 20.89
CA ARG B 280 -16.73 -11.20 21.47
C ARG B 280 -15.68 -10.81 20.43
N PRO B 281 -15.13 -9.60 20.49
CA PRO B 281 -14.25 -9.14 19.40
C PRO B 281 -13.04 -10.03 19.21
N GLY B 282 -12.65 -10.21 17.95
CA GLY B 282 -11.55 -11.07 17.60
C GLY B 282 -11.84 -12.54 17.64
N PHE B 283 -13.03 -12.93 18.09
CA PHE B 283 -13.40 -14.34 18.22
C PHE B 283 -14.64 -14.61 17.36
N ASP B 284 -15.63 -13.73 17.45
CA ASP B 284 -16.81 -13.82 16.61
C ASP B 284 -16.59 -13.11 15.28
N LEU B 285 -17.43 -13.42 14.31
CA LEU B 285 -17.31 -12.90 12.95
C LEU B 285 -18.61 -12.22 12.56
N VAL B 286 -18.51 -11.00 12.04
CA VAL B 286 -19.64 -10.32 11.42
C VAL B 286 -19.57 -10.56 9.92
N VAL B 287 -20.63 -11.14 9.36
CA VAL B 287 -20.65 -11.56 7.97
C VAL B 287 -21.80 -10.85 7.25
N SER B 288 -21.70 -10.83 5.92
CA SER B 288 -22.71 -10.19 5.11
C SER B 288 -23.92 -11.10 4.93
N PRO B 289 -25.09 -10.52 4.65
CA PRO B 289 -26.28 -11.35 4.41
C PRO B 289 -26.21 -12.05 3.05
N LEU B 290 -26.97 -13.14 2.95
CA LEU B 290 -26.98 -13.97 1.73
C LEU B 290 -28.12 -13.51 0.84
N VAL B 291 -27.80 -12.61 -0.09
CA VAL B 291 -28.80 -12.06 -0.99
C VAL B 291 -28.96 -12.95 -2.22
N HIS B 292 -27.87 -13.17 -2.95
CA HIS B 292 -27.92 -13.92 -4.20
C HIS B 292 -27.76 -15.42 -3.93
N ALA B 293 -28.81 -15.99 -3.35
CA ALA B 293 -28.85 -17.42 -3.11
C ALA B 293 -29.43 -18.15 -4.31
N MET B 294 -28.69 -19.13 -4.83
CA MET B 294 -29.10 -19.85 -6.03
C MET B 294 -29.44 -18.88 -7.17
N SER B 295 -28.58 -17.88 -7.33
CA SER B 295 -28.75 -16.90 -8.40
C SER B 295 -27.39 -16.24 -8.61
N GLU B 296 -27.27 -15.54 -9.74
CA GLU B 296 -26.01 -14.92 -10.10
C GLU B 296 -26.18 -13.42 -10.19
N PRO B 297 -25.27 -12.63 -9.60
CA PRO B 297 -25.26 -11.19 -9.87
C PRO B 297 -24.60 -10.89 -11.22
N ASN B 298 -25.35 -10.23 -12.09
CA ASN B 298 -24.85 -9.89 -13.43
C ASN B 298 -24.32 -8.47 -13.42
N PHE B 299 -23.09 -8.30 -13.92
CA PHE B 299 -22.49 -6.98 -13.99
C PHE B 299 -23.17 -6.08 -15.01
N MET B 300 -23.96 -6.65 -15.93
CA MET B 300 -24.58 -5.85 -16.97
C MET B 300 -25.58 -4.85 -16.41
N GLU B 301 -26.13 -5.11 -15.22
CA GLU B 301 -27.11 -4.21 -14.62
C GLU B 301 -26.48 -3.22 -13.66
N ILE B 302 -25.20 -3.34 -13.35
CA ILE B 302 -24.52 -2.36 -12.49
C ILE B 302 -24.27 -1.09 -13.31
N PRO B 303 -24.64 0.09 -12.81
CA PRO B 303 -24.40 1.30 -13.57
C PRO B 303 -22.91 1.61 -13.65
N PRO B 304 -22.48 2.33 -14.69
CA PRO B 304 -21.05 2.61 -14.83
C PRO B 304 -20.52 3.52 -13.73
N GLN B 305 -19.23 3.36 -13.44
CA GLN B 305 -18.59 4.16 -12.41
C GLN B 305 -18.49 5.63 -12.78
N VAL B 306 -18.43 5.94 -14.07
CA VAL B 306 -18.34 7.31 -14.55
C VAL B 306 -19.64 7.62 -15.29
N PRO B 307 -20.24 8.80 -15.14
CA PRO B 307 -19.78 9.99 -14.41
C PRO B 307 -19.79 9.88 -12.88
N VAL B 308 -18.89 10.64 -12.25
CA VAL B 308 -18.76 10.60 -10.80
C VAL B 308 -20.03 11.12 -10.14
N LYS B 309 -20.51 12.28 -10.59
CA LYS B 309 -21.70 12.88 -10.00
C LYS B 309 -22.94 12.38 -10.72
N ARG B 310 -23.88 11.87 -9.94
CA ARG B 310 -25.16 11.38 -10.45
C ARG B 310 -26.25 12.38 -10.11
N LYS B 311 -27.50 12.01 -10.41
CA LYS B 311 -28.61 12.93 -10.23
C LYS B 311 -28.67 13.48 -8.81
N TYR B 312 -28.63 12.60 -7.81
CA TYR B 312 -28.75 13.00 -6.42
C TYR B 312 -27.38 12.90 -5.74
N LEU B 313 -27.10 13.85 -4.85
CA LEU B 313 -25.87 13.82 -4.08
C LEU B 313 -25.91 12.69 -3.05
N PHE B 314 -27.01 12.59 -2.30
CA PHE B 314 -27.24 11.47 -1.40
C PHE B 314 -28.74 11.25 -1.24
N THR B 315 -29.09 10.03 -0.84
CA THR B 315 -30.47 9.62 -0.71
C THR B 315 -30.63 8.78 0.55
N PHE B 316 -31.85 8.77 1.08
CA PHE B 316 -32.19 7.94 2.22
C PHE B 316 -33.69 7.63 2.20
N GLN B 317 -34.03 6.39 2.52
CA GLN B 317 -35.41 5.95 2.68
C GLN B 317 -35.49 5.07 3.91
N GLY B 318 -36.36 5.43 4.85
CA GLY B 318 -36.51 4.65 6.06
C GLY B 318 -37.65 5.17 6.90
N GLU B 319 -38.03 4.35 7.88
CA GLU B 319 -39.11 4.68 8.80
C GLU B 319 -38.75 4.18 10.18
N LYS B 320 -39.23 4.89 11.20
CA LYS B 320 -38.90 4.56 12.58
C LYS B 320 -40.08 4.88 13.50
N ASP B 345 -29.26 11.06 22.13
CA ASP B 345 -30.35 11.06 21.16
C ASP B 345 -30.15 12.15 20.11
N TYR B 346 -30.18 11.75 18.84
CA TYR B 346 -29.91 12.67 17.74
C TYR B 346 -30.91 12.57 16.60
N ASP B 347 -32.02 11.85 16.78
CA ASP B 347 -32.95 11.62 15.69
C ASP B 347 -33.49 12.94 15.13
N ASP B 348 -34.02 13.78 16.00
CA ASP B 348 -34.59 15.05 15.56
C ASP B 348 -33.53 15.95 14.93
N ARG B 349 -32.34 15.99 15.52
CA ARG B 349 -31.26 16.78 14.94
C ARG B 349 -30.96 16.35 13.51
N ILE B 350 -30.81 15.05 13.30
CA ILE B 350 -30.47 14.54 11.98
C ILE B 350 -31.60 14.86 10.99
N ILE B 351 -32.84 14.62 11.40
CA ILE B 351 -33.97 14.84 10.51
C ILE B 351 -34.04 16.30 10.09
N ALA B 352 -33.91 17.20 11.08
CA ALA B 352 -33.98 18.63 10.77
C ALA B 352 -32.84 19.05 9.87
N THR B 353 -31.62 18.59 10.14
CA THR B 353 -30.47 18.98 9.33
C THR B 353 -30.63 18.52 7.90
N LEU B 354 -31.05 17.27 7.69
CA LEU B 354 -31.15 16.75 6.34
C LEU B 354 -32.34 17.35 5.59
N LYS B 355 -33.45 17.63 6.30
CA LYS B 355 -34.55 18.33 5.68
C LYS B 355 -34.15 19.74 5.27
N ALA B 356 -33.34 20.41 6.09
CA ALA B 356 -32.84 21.73 5.72
C ALA B 356 -31.95 21.63 4.48
N VAL B 357 -31.09 20.62 4.41
CA VAL B 357 -30.26 20.43 3.23
C VAL B 357 -31.15 20.26 2.00
N GLN B 358 -32.22 19.46 2.13
CA GLN B 358 -33.13 19.26 1.01
C GLN B 358 -33.82 20.56 0.61
N ASP B 359 -34.27 21.34 1.59
CA ASP B 359 -34.99 22.57 1.29
C ASP B 359 -34.10 23.60 0.63
N SER B 360 -32.84 23.73 1.07
CA SER B 360 -31.96 24.75 0.54
C SER B 360 -31.67 24.57 -0.94
N LYS B 361 -31.60 23.32 -1.42
CA LYS B 361 -31.44 23.03 -2.84
C LYS B 361 -30.16 23.61 -3.41
N LEU B 362 -29.10 23.61 -2.60
CA LEU B 362 -27.76 23.79 -3.16
C LEU B 362 -27.36 22.61 -4.02
N ASP B 363 -27.79 21.41 -3.63
CA ASP B 363 -27.62 20.20 -4.44
C ASP B 363 -28.90 19.38 -4.32
N GLN B 364 -29.10 18.49 -5.29
CA GLN B 364 -30.29 17.66 -5.32
C GLN B 364 -30.12 16.46 -4.39
N VAL B 365 -31.05 16.34 -3.43
CA VAL B 365 -31.09 15.21 -2.53
C VAL B 365 -32.54 14.73 -2.42
N LEU B 366 -32.70 13.46 -2.07
CA LEU B 366 -34.02 12.87 -1.86
C LEU B 366 -33.95 12.09 -0.55
N VAL B 367 -34.52 12.67 0.51
CA VAL B 367 -34.48 12.09 1.84
C VAL B 367 -35.92 11.89 2.30
N GLU B 368 -36.28 10.65 2.59
CA GLU B 368 -37.62 10.29 3.06
C GLU B 368 -37.49 9.59 4.40
N PHE B 369 -38.28 10.04 5.38
CA PHE B 369 -38.30 9.43 6.70
C PHE B 369 -39.61 8.70 6.97
N THR B 370 -40.40 8.46 5.93
CA THR B 370 -41.52 7.52 5.97
C THR B 370 -41.48 6.66 4.72
N CYS B 371 -42.00 5.44 4.82
CA CYS B 371 -41.96 4.51 3.70
C CYS B 371 -43.26 4.62 2.90
N LYS B 372 -43.13 4.86 1.59
CA LYS B 372 -44.31 4.84 0.73
C LYS B 372 -44.82 3.41 0.56
N ASN B 373 -43.91 2.47 0.36
CA ASN B 373 -44.26 1.06 0.34
C ASN B 373 -44.09 0.50 1.75
N GLN B 374 -44.95 -0.45 2.11
CA GLN B 374 -45.05 -0.90 3.50
C GLN B 374 -43.66 -1.24 4.05
N PRO B 375 -43.31 -0.80 5.25
CA PRO B 375 -41.97 -1.07 5.78
C PRO B 375 -41.78 -2.54 6.14
N LYS B 376 -40.52 -2.95 6.11
CA LYS B 376 -40.16 -4.29 6.54
C LYS B 376 -40.02 -4.31 8.07
N PRO B 377 -40.35 -5.42 8.72
CA PRO B 377 -40.16 -5.49 10.17
C PRO B 377 -38.71 -5.27 10.56
N SER B 378 -38.51 -4.61 11.69
CA SER B 378 -37.18 -4.14 12.10
C SER B 378 -37.01 -4.31 13.59
N LEU B 379 -35.75 -4.25 14.02
CA LEU B 379 -35.44 -4.26 15.44
C LEU B 379 -35.96 -2.98 16.09
N PRO B 380 -36.11 -2.98 17.41
CA PRO B 380 -36.92 -1.92 18.06
C PRO B 380 -36.49 -0.50 17.74
N THR B 381 -35.18 -0.21 17.70
CA THR B 381 -34.70 1.15 17.56
C THR B 381 -33.98 1.40 16.25
N GLU B 382 -34.31 0.63 15.21
CA GLU B 382 -33.62 0.67 13.93
C GLU B 382 -34.50 1.32 12.87
N TRP B 383 -33.86 2.00 11.92
CA TRP B 383 -34.55 2.54 10.76
C TRP B 383 -34.93 1.40 9.82
N ALA B 384 -36.21 1.27 9.52
CA ALA B 384 -36.71 0.11 8.79
C ALA B 384 -36.51 0.28 7.29
N LEU B 385 -36.30 -0.85 6.62
CA LEU B 385 -36.17 -0.85 5.16
C LEU B 385 -37.54 -0.66 4.52
N CYS B 386 -37.58 0.13 3.46
CA CYS B 386 -38.83 0.40 2.77
C CYS B 386 -38.94 -0.43 1.49
N GLY B 387 -40.14 -0.94 1.24
CA GLY B 387 -40.43 -1.57 -0.02
C GLY B 387 -39.66 -2.86 -0.24
N GLU B 388 -39.52 -3.19 -1.53
CA GLU B 388 -38.77 -4.37 -1.96
C GLU B 388 -37.37 -3.98 -2.40
N ARG B 389 -36.53 -4.99 -2.58
CA ARG B 389 -35.14 -4.77 -2.95
C ARG B 389 -35.04 -4.04 -4.29
N GLU B 390 -35.93 -4.37 -5.23
CA GLU B 390 -35.88 -3.74 -6.54
C GLU B 390 -36.27 -2.27 -6.46
N ASP B 391 -37.17 -1.91 -5.55
CA ASP B 391 -37.56 -0.51 -5.40
C ASP B 391 -36.39 0.34 -4.92
N ARG B 392 -35.58 -0.20 -4.01
CA ARG B 392 -34.48 0.57 -3.42
C ARG B 392 -33.36 0.79 -4.42
N LEU B 393 -32.99 -0.26 -5.17
CA LEU B 393 -31.89 -0.15 -6.12
C LEU B 393 -32.17 0.92 -7.16
N GLU B 394 -33.44 1.12 -7.53
CA GLU B 394 -33.78 2.11 -8.53
C GLU B 394 -33.34 3.50 -8.09
N LEU B 395 -33.58 3.86 -6.83
CA LEU B 395 -33.15 5.16 -6.33
C LEU B 395 -31.66 5.18 -6.05
N LEU B 396 -31.10 4.06 -5.56
CA LEU B 396 -29.67 4.01 -5.27
C LEU B 396 -28.83 4.14 -6.54
N LYS B 397 -29.33 3.67 -7.67
CA LYS B 397 -28.59 3.78 -8.92
C LYS B 397 -28.43 5.24 -9.35
N LEU B 398 -29.23 6.15 -8.82
CA LEU B 398 -29.23 7.54 -9.23
C LEU B 398 -28.49 8.45 -8.26
N SER B 399 -27.81 7.90 -7.25
CA SER B 399 -27.27 8.68 -6.16
C SER B 399 -25.78 8.49 -6.05
N THR B 400 -25.07 9.61 -5.86
CA THR B 400 -23.62 9.56 -5.65
C THR B 400 -23.27 8.91 -4.33
N PHE B 401 -23.94 9.32 -3.26
CA PHE B 401 -23.72 8.78 -1.92
C PHE B 401 -24.99 8.10 -1.43
N ALA B 402 -24.82 7.18 -0.48
CA ALA B 402 -25.92 6.50 0.18
C ALA B 402 -25.77 6.67 1.68
N LEU B 403 -26.83 7.13 2.33
CA LEU B 403 -26.80 7.39 3.76
C LEU B 403 -27.22 6.16 4.54
N ILE B 404 -26.51 5.90 5.63
CA ILE B 404 -26.77 4.75 6.50
C ILE B 404 -26.77 5.27 7.94
N ILE B 405 -27.94 5.40 8.53
CA ILE B 405 -28.09 5.88 9.90
C ILE B 405 -28.18 4.67 10.83
N THR B 406 -27.32 4.62 11.83
CA THR B 406 -27.23 3.47 12.71
C THR B 406 -28.31 3.51 13.80
N PRO B 407 -28.59 2.38 14.44
CA PRO B 407 -29.66 2.34 15.44
C PRO B 407 -29.34 3.22 16.65
N GLY B 408 -30.41 3.73 17.27
CA GLY B 408 -30.27 4.53 18.47
C GLY B 408 -29.93 3.75 19.72
N ASP B 409 -30.23 2.46 19.76
CA ASP B 409 -29.93 1.65 20.92
C ASP B 409 -28.42 1.47 21.05
N PRO B 410 -27.79 1.84 22.15
CA PRO B 410 -26.33 1.72 22.25
C PRO B 410 -25.85 0.29 22.40
N ARG B 411 -26.71 -0.64 22.76
CA ARG B 411 -26.29 -2.04 22.94
C ARG B 411 -26.24 -2.81 21.64
N LEU B 412 -26.79 -2.28 20.56
CA LEU B 412 -26.86 -3.00 19.29
C LEU B 412 -25.60 -2.70 18.48
N VAL B 413 -24.77 -3.72 18.30
CA VAL B 413 -23.48 -3.53 17.63
C VAL B 413 -23.65 -3.44 16.13
N ILE B 414 -24.38 -4.38 15.53
CA ILE B 414 -24.61 -4.40 14.10
C ILE B 414 -25.91 -5.14 13.86
N SER B 415 -26.66 -4.67 12.87
CA SER B 415 -27.96 -5.24 12.53
C SER B 415 -27.95 -5.72 11.09
N SER B 416 -28.80 -6.71 10.80
CA SER B 416 -28.91 -7.22 9.45
C SER B 416 -29.39 -6.15 8.48
N GLY B 417 -30.20 -5.21 8.96
CA GLY B 417 -30.69 -4.13 8.12
C GLY B 417 -29.63 -3.17 7.64
N CYS B 418 -28.75 -2.76 8.54
CA CYS B 418 -27.65 -1.88 8.15
C CYS B 418 -26.71 -2.58 7.19
N ALA B 419 -26.44 -3.86 7.44
CA ALA B 419 -25.63 -4.64 6.50
C ALA B 419 -26.30 -4.76 5.15
N THR B 420 -27.62 -4.94 5.11
CA THR B 420 -28.33 -4.99 3.84
C THR B 420 -28.23 -3.67 3.10
N ARG B 421 -28.36 -2.56 3.81
CA ARG B 421 -28.19 -1.25 3.21
C ARG B 421 -26.80 -1.10 2.61
N LEU B 422 -25.78 -1.53 3.36
CA LEU B 422 -24.40 -1.45 2.87
C LEU B 422 -24.22 -2.31 1.62
N PHE B 423 -24.78 -3.52 1.63
CA PHE B 423 -24.71 -4.40 0.47
C PHE B 423 -25.32 -3.72 -0.76
N GLU B 424 -26.52 -3.16 -0.60
CA GLU B 424 -27.21 -2.56 -1.74
C GLU B 424 -26.48 -1.32 -2.23
N ALA B 425 -25.90 -0.53 -1.33
CA ALA B 425 -25.11 0.62 -1.76
C ALA B 425 -23.87 0.19 -2.54
N LEU B 426 -23.11 -0.78 -2.01
CA LEU B 426 -21.90 -1.21 -2.69
C LEU B 426 -22.20 -1.86 -4.02
N GLU B 427 -23.37 -2.49 -4.16
CA GLU B 427 -23.68 -3.19 -5.40
C GLU B 427 -23.75 -2.23 -6.59
N VAL B 428 -24.38 -1.06 -6.41
CA VAL B 428 -24.65 -0.14 -7.51
C VAL B 428 -23.76 1.08 -7.47
N GLY B 429 -22.70 1.08 -6.65
CA GLY B 429 -21.71 2.12 -6.73
C GLY B 429 -22.03 3.40 -5.98
N ALA B 430 -23.00 3.39 -5.08
CA ALA B 430 -23.25 4.54 -4.24
C ALA B 430 -22.38 4.44 -3.00
N VAL B 431 -21.58 5.47 -2.76
CA VAL B 431 -20.57 5.43 -1.69
C VAL B 431 -21.27 5.56 -0.35
N PRO B 432 -21.13 4.58 0.55
CA PRO B 432 -21.87 4.66 1.81
C PRO B 432 -21.38 5.78 2.70
N VAL B 433 -22.32 6.45 3.35
CA VAL B 433 -22.05 7.45 4.38
C VAL B 433 -22.73 6.97 5.65
N VAL B 434 -21.94 6.57 6.63
CA VAL B 434 -22.43 5.97 7.86
C VAL B 434 -22.41 7.02 8.96
N LEU B 435 -23.54 7.23 9.60
CA LEU B 435 -23.66 8.12 10.75
C LEU B 435 -23.63 7.28 12.02
N GLY B 436 -22.52 7.34 12.75
CA GLY B 436 -22.33 6.52 13.93
C GLY B 436 -21.09 5.66 13.83
N GLU B 437 -20.17 5.83 14.78
CA GLU B 437 -18.91 5.09 14.76
C GLU B 437 -18.91 3.83 15.60
N GLN B 438 -19.94 3.62 16.44
CA GLN B 438 -19.96 2.44 17.30
C GLN B 438 -20.25 1.16 16.53
N VAL B 439 -20.62 1.25 15.26
CA VAL B 439 -21.02 0.07 14.50
C VAL B 439 -19.79 -0.75 14.11
N GLN B 440 -19.98 -2.07 14.09
CA GLN B 440 -18.98 -3.00 13.57
C GLN B 440 -19.44 -3.48 12.19
N LEU B 441 -18.75 -3.03 11.15
CA LEU B 441 -19.10 -3.44 9.80
C LEU B 441 -18.61 -4.86 9.53
N PRO B 442 -19.17 -5.52 8.52
CA PRO B 442 -18.75 -6.89 8.20
C PRO B 442 -17.27 -6.98 7.88
N TYR B 443 -16.64 -8.04 8.39
CA TYR B 443 -15.23 -8.34 8.14
C TYR B 443 -14.33 -7.16 8.51
N GLN B 444 -14.73 -6.36 9.49
CA GLN B 444 -14.02 -5.12 9.80
C GLN B 444 -12.64 -5.39 10.38
N ASP B 445 -12.38 -6.58 10.89
CA ASP B 445 -11.06 -6.91 11.41
C ASP B 445 -10.01 -6.93 10.31
N MET B 446 -10.40 -7.30 9.09
CA MET B 446 -9.48 -7.43 7.97
C MET B 446 -9.55 -6.26 7.01
N LEU B 447 -10.73 -5.68 6.81
CA LEU B 447 -10.95 -4.69 5.76
C LEU B 447 -10.80 -3.28 6.31
N GLN B 448 -10.19 -2.41 5.52
CA GLN B 448 -10.11 -0.98 5.81
C GLN B 448 -11.31 -0.31 5.16
N TRP B 449 -12.41 -0.25 5.92
CA TRP B 449 -13.65 0.29 5.40
C TRP B 449 -13.55 1.78 5.13
N ASN B 450 -12.60 2.47 5.76
CA ASN B 450 -12.39 3.88 5.49
C ASN B 450 -12.03 4.14 4.04
N GLU B 451 -11.48 3.15 3.33
CA GLU B 451 -11.13 3.32 1.93
C GLU B 451 -12.34 3.24 1.01
N ALA B 452 -13.46 2.67 1.48
CA ALA B 452 -14.64 2.51 0.66
C ALA B 452 -15.87 3.22 1.19
N ALA B 453 -15.87 3.66 2.45
CA ALA B 453 -17.02 4.31 3.05
C ALA B 453 -16.56 5.48 3.90
N LEU B 454 -17.47 6.44 4.08
CA LEU B 454 -17.27 7.55 4.99
C LEU B 454 -18.06 7.29 6.26
N VAL B 455 -17.38 7.30 7.40
CA VAL B 455 -17.97 7.04 8.70
C VAL B 455 -17.89 8.34 9.50
N VAL B 456 -19.05 8.84 9.92
CA VAL B 456 -19.15 10.17 10.51
C VAL B 456 -19.88 10.09 11.84
N PRO B 457 -19.39 10.73 12.90
CA PRO B 457 -20.17 10.77 14.14
C PRO B 457 -21.47 11.53 13.97
N LYS B 458 -22.49 11.09 14.71
CA LYS B 458 -23.78 11.77 14.67
C LYS B 458 -23.68 13.23 15.09
N PRO B 459 -22.88 13.60 16.09
CA PRO B 459 -22.73 15.04 16.41
C PRO B 459 -22.27 15.89 15.25
N ARG B 460 -21.59 15.29 14.27
CA ARG B 460 -21.08 16.03 13.12
C ARG B 460 -22.04 16.02 11.94
N VAL B 461 -23.30 15.66 12.16
CA VAL B 461 -24.27 15.60 11.05
C VAL B 461 -24.40 16.97 10.38
N THR B 462 -24.23 18.05 11.14
CA THR B 462 -24.37 19.38 10.58
C THR B 462 -23.22 19.74 9.63
N GLU B 463 -22.16 18.94 9.59
CA GLU B 463 -21.03 19.19 8.70
C GLU B 463 -20.98 18.22 7.53
N VAL B 464 -21.99 17.37 7.36
CA VAL B 464 -21.92 16.32 6.36
C VAL B 464 -22.01 16.89 4.95
N HIS B 465 -22.90 17.87 4.75
CA HIS B 465 -23.08 18.43 3.41
C HIS B 465 -21.80 19.08 2.91
N PHE B 466 -21.17 19.90 3.75
CA PHE B 466 -19.89 20.52 3.38
C PHE B 466 -18.84 19.46 3.07
N LEU B 467 -18.76 18.42 3.91
CA LEU B 467 -17.75 17.39 3.72
C LEU B 467 -17.96 16.65 2.40
N LEU B 468 -19.20 16.30 2.09
CA LEU B 468 -19.48 15.59 0.85
C LEU B 468 -19.25 16.48 -0.37
N ARG B 469 -19.48 17.79 -0.24
CA ARG B 469 -19.19 18.68 -1.36
C ARG B 469 -17.69 18.90 -1.53
N SER B 470 -16.90 18.73 -0.47
CA SER B 470 -15.48 19.04 -0.54
C SER B 470 -14.68 17.97 -1.29
N LEU B 471 -15.14 16.71 -1.27
CA LEU B 471 -14.33 15.63 -1.82
C LEU B 471 -14.15 15.79 -3.32
N SER B 472 -12.97 15.40 -3.81
CA SER B 472 -12.64 15.53 -5.22
C SER B 472 -13.19 14.35 -6.02
N ASP B 473 -13.26 14.54 -7.33
CA ASP B 473 -13.81 13.51 -8.21
C ASP B 473 -12.95 12.25 -8.21
N SER B 474 -11.62 12.41 -8.27
CA SER B 474 -10.76 11.23 -8.34
C SER B 474 -10.79 10.42 -7.06
N ASP B 475 -10.81 11.09 -5.90
CA ASP B 475 -10.89 10.37 -4.63
C ASP B 475 -12.22 9.64 -4.49
N LEU B 476 -13.32 10.31 -4.86
CA LEU B 476 -14.63 9.67 -4.83
C LEU B 476 -14.69 8.46 -5.75
N LEU B 477 -14.09 8.59 -6.94
CA LEU B 477 -14.04 7.48 -7.88
C LEU B 477 -13.20 6.33 -7.35
N ALA B 478 -12.08 6.64 -6.69
CA ALA B 478 -11.29 5.59 -6.06
C ALA B 478 -12.09 4.86 -4.99
N MET B 479 -12.85 5.60 -4.20
CA MET B 479 -13.72 4.98 -3.20
C MET B 479 -14.74 4.05 -3.85
N ARG B 480 -15.36 4.51 -4.94
CA ARG B 480 -16.33 3.67 -5.66
C ARG B 480 -15.67 2.40 -6.17
N ARG B 481 -14.47 2.51 -6.74
CA ARG B 481 -13.76 1.36 -7.27
C ARG B 481 -13.43 0.36 -6.16
N GLN B 482 -12.95 0.87 -5.02
CA GLN B 482 -12.63 -0.02 -3.91
C GLN B 482 -13.88 -0.71 -3.37
N GLY B 483 -15.00 0.01 -3.31
CA GLY B 483 -16.24 -0.62 -2.91
C GLY B 483 -16.67 -1.73 -3.86
N ARG B 484 -16.51 -1.50 -5.15
CA ARG B 484 -16.80 -2.54 -6.14
C ARG B 484 -15.92 -3.76 -5.90
N PHE B 485 -14.62 -3.55 -5.69
CA PHE B 485 -13.73 -4.68 -5.39
C PHE B 485 -14.19 -5.44 -4.17
N LEU B 486 -14.46 -4.73 -3.07
CA LEU B 486 -14.86 -5.40 -1.84
C LEU B 486 -16.14 -6.19 -2.02
N TRP B 487 -17.13 -5.58 -2.67
CA TRP B 487 -18.40 -6.26 -2.88
C TRP B 487 -18.21 -7.53 -3.70
N GLU B 488 -17.53 -7.41 -4.84
CA GLU B 488 -17.36 -8.58 -5.71
C GLU B 488 -16.57 -9.67 -5.02
N THR B 489 -15.57 -9.31 -4.22
CA THR B 489 -14.70 -10.33 -3.63
C THR B 489 -15.33 -11.00 -2.41
N TYR B 490 -16.06 -10.26 -1.57
CA TYR B 490 -16.47 -10.79 -0.29
C TYR B 490 -17.98 -10.85 -0.04
N PHE B 491 -18.79 -10.15 -0.83
CA PHE B 491 -20.22 -10.01 -0.55
C PHE B 491 -21.12 -10.74 -1.52
N SER B 492 -20.68 -10.92 -2.77
CA SER B 492 -21.63 -11.12 -3.87
C SER B 492 -22.31 -12.48 -3.83
N THR B 493 -21.60 -13.54 -3.48
CA THR B 493 -22.14 -14.88 -3.55
C THR B 493 -21.98 -15.60 -2.22
N ALA B 494 -22.74 -16.69 -2.06
CA ALA B 494 -22.61 -17.53 -0.88
C ALA B 494 -21.23 -18.16 -0.80
N ASP B 495 -20.68 -18.56 -1.95
CA ASP B 495 -19.34 -19.11 -1.99
C ASP B 495 -18.32 -18.12 -1.45
N SER B 496 -18.44 -16.85 -1.84
CA SER B 496 -17.53 -15.82 -1.35
C SER B 496 -17.67 -15.65 0.16
N ILE B 497 -18.90 -15.67 0.68
CA ILE B 497 -19.10 -15.50 2.12
C ILE B 497 -18.46 -16.65 2.89
N PHE B 498 -18.67 -17.88 2.42
CA PHE B 498 -18.09 -19.05 3.08
C PHE B 498 -16.56 -19.01 3.02
N ASN B 499 -16.02 -18.66 1.86
CA ASN B 499 -14.57 -18.55 1.73
C ASN B 499 -14.01 -17.47 2.65
N THR B 500 -14.72 -16.35 2.78
CA THR B 500 -14.28 -15.27 3.65
C THR B 500 -14.27 -15.71 5.11
N VAL B 501 -15.31 -16.43 5.54
CA VAL B 501 -15.34 -16.95 6.91
C VAL B 501 -14.15 -17.85 7.16
N LEU B 502 -13.95 -18.82 6.26
CA LEU B 502 -12.84 -19.76 6.44
C LEU B 502 -11.49 -19.03 6.43
N ALA B 503 -11.33 -18.05 5.54
CA ALA B 503 -10.07 -17.34 5.44
C ALA B 503 -9.80 -16.47 6.66
N MET B 504 -10.84 -15.83 7.20
CA MET B 504 -10.67 -15.07 8.44
C MET B 504 -10.20 -15.96 9.57
N ILE B 505 -10.84 -17.12 9.73
CA ILE B 505 -10.45 -18.02 10.82
C ILE B 505 -9.04 -18.55 10.58
N ARG B 506 -8.73 -18.93 9.34
CA ARG B 506 -7.41 -19.45 9.02
C ARG B 506 -6.32 -18.41 9.25
N THR B 507 -6.60 -17.16 8.90
CA THR B 507 -5.61 -16.10 9.08
C THR B 507 -5.42 -15.75 10.55
N ARG B 508 -6.51 -15.77 11.33
CA ARG B 508 -6.38 -15.48 12.75
C ARG B 508 -5.42 -16.43 13.44
N ILE B 509 -5.42 -17.71 13.03
CA ILE B 509 -4.54 -18.71 13.61
C ILE B 509 -3.31 -18.93 12.74
N GLN B 510 -3.06 -18.04 11.78
CA GLN B 510 -1.78 -17.91 11.09
C GLN B 510 -1.44 -19.12 10.22
N ILE B 511 -2.40 -19.67 9.49
CA ILE B 511 -2.14 -20.77 8.59
C ILE B 511 -2.23 -20.27 7.14
N PRO B 512 -1.33 -20.68 6.25
CA PRO B 512 -1.37 -20.19 4.87
C PRO B 512 -2.55 -20.73 4.08
N ALA B 513 -2.86 -20.04 2.99
CA ALA B 513 -3.92 -20.45 2.09
C ALA B 513 -3.50 -21.66 1.26
N ALA B 514 -4.49 -22.32 0.67
CA ALA B 514 -4.23 -23.49 -0.14
C ALA B 514 -3.59 -23.07 -1.46
N PRO B 515 -2.65 -23.85 -1.99
CA PRO B 515 -2.02 -23.48 -3.27
C PRO B 515 -3.03 -23.51 -4.41
N ILE B 516 -2.84 -22.60 -5.37
CA ILE B 516 -3.72 -22.53 -6.52
C ILE B 516 -3.37 -23.64 -7.50
N ARG B 517 -4.40 -24.17 -8.17
CA ARG B 517 -4.22 -25.31 -9.05
C ARG B 517 -3.50 -24.92 -10.33
N GLU B 518 -2.68 -25.84 -10.84
CA GLU B 518 -2.02 -25.69 -12.13
C GLU B 518 -2.75 -26.50 -13.20
N GLU B 519 -2.48 -26.15 -14.46
CA GLU B 519 -3.09 -26.83 -15.59
C GLU B 519 -2.22 -28.02 -15.97
N ALA B 520 -2.59 -29.20 -15.47
CA ALA B 520 -1.92 -30.42 -15.86
C ALA B 520 -2.22 -30.72 -17.32
N ALA B 521 -1.22 -31.20 -18.04
CA ALA B 521 -1.34 -31.36 -19.48
C ALA B 521 -0.66 -32.64 -19.95
N ALA B 522 -1.16 -33.16 -21.06
CA ALA B 522 -0.56 -34.31 -21.72
C ALA B 522 0.44 -33.82 -22.76
N GLU B 523 1.66 -34.34 -22.72
CA GLU B 523 2.67 -33.98 -23.70
C GLU B 523 2.58 -34.90 -24.90
N ILE B 524 2.41 -34.33 -26.08
CA ILE B 524 2.35 -35.11 -27.32
C ILE B 524 3.76 -35.59 -27.65
N PRO B 525 4.01 -36.89 -27.70
CA PRO B 525 5.37 -37.36 -28.03
C PRO B 525 5.74 -36.99 -29.47
N HIS B 526 7.03 -36.72 -29.66
CA HIS B 526 7.52 -36.30 -30.97
C HIS B 526 8.97 -36.73 -31.12
N ARG B 527 9.43 -36.77 -32.37
CA ARG B 527 10.80 -37.15 -32.71
C ARG B 527 11.58 -35.93 -33.14
N SER B 528 12.75 -35.74 -32.54
CA SER B 528 13.59 -34.59 -32.85
C SER B 528 14.57 -34.91 -33.97
N PRO B 553 22.25 -24.67 -19.20
CA PRO B 553 21.35 -25.68 -18.64
C PRO B 553 20.12 -25.06 -17.96
N PRO B 554 18.91 -25.47 -18.37
CA PRO B 554 17.69 -25.01 -17.69
C PRO B 554 17.86 -24.93 -16.17
N TYR B 555 17.51 -23.77 -15.62
CA TYR B 555 17.44 -23.53 -14.19
C TYR B 555 16.03 -23.10 -13.86
N ALA B 556 15.41 -23.75 -12.88
CA ALA B 556 14.03 -23.47 -12.51
C ALA B 556 13.99 -22.51 -11.33
N SER B 557 13.10 -21.54 -11.40
CA SER B 557 13.00 -20.54 -10.34
C SER B 557 12.35 -21.17 -9.10
N PRO B 558 12.80 -20.78 -7.90
CA PRO B 558 12.24 -21.39 -6.68
C PRO B 558 10.80 -20.97 -6.45
N ARG B 559 10.07 -21.83 -5.73
CA ARG B 559 8.63 -21.70 -5.55
C ARG B 559 8.27 -21.71 -4.07
N TYR B 560 7.18 -21.00 -3.76
CA TYR B 560 6.58 -21.02 -2.43
C TYR B 560 7.60 -20.71 -1.34
N LEU B 561 8.17 -19.50 -1.41
CA LEU B 561 9.17 -19.05 -0.45
C LEU B 561 8.62 -18.06 0.56
N ARG B 562 7.36 -17.65 0.46
CA ARG B 562 6.81 -16.57 1.27
C ARG B 562 5.45 -16.94 1.86
N ASN B 563 5.30 -18.16 2.37
CA ASN B 563 4.01 -18.61 2.87
C ASN B 563 3.53 -17.73 4.02
N PHE B 564 4.28 -17.72 5.12
CA PHE B 564 3.87 -16.99 6.31
C PHE B 564 3.85 -15.49 6.06
N THR B 565 4.86 -14.97 5.37
CA THR B 565 4.90 -13.54 5.08
C THR B 565 3.62 -13.07 4.41
N LEU B 566 3.13 -13.82 3.41
CA LEU B 566 1.99 -13.36 2.64
C LEU B 566 0.69 -13.42 3.44
N THR B 567 0.56 -14.34 4.40
CA THR B 567 -0.69 -14.47 5.13
C THR B 567 -0.75 -13.55 6.36
N VAL B 568 0.39 -13.22 6.95
CA VAL B 568 0.45 -12.50 8.22
C VAL B 568 1.12 -11.15 8.06
N THR B 569 2.30 -11.12 7.43
CA THR B 569 3.08 -9.89 7.36
C THR B 569 2.49 -8.90 6.36
N ASP B 570 2.01 -9.39 5.21
CA ASP B 570 1.44 -8.55 4.16
C ASP B 570 -0.09 -8.54 4.23
N PHE B 571 -0.58 -8.52 5.47
CA PHE B 571 -2.01 -8.61 5.75
C PHE B 571 -2.82 -7.59 4.95
N TYR B 572 -2.38 -6.33 4.98
CA TYR B 572 -3.16 -5.26 4.36
C TYR B 572 -3.27 -5.45 2.85
N ARG B 573 -2.14 -5.71 2.18
CA ARG B 573 -2.19 -5.92 0.73
C ARG B 573 -3.00 -7.15 0.40
N SER B 574 -2.89 -8.19 1.21
CA SER B 574 -3.60 -9.43 0.94
C SER B 574 -5.11 -9.22 0.97
N TRP B 575 -5.61 -8.44 1.92
CA TRP B 575 -7.05 -8.32 2.08
C TRP B 575 -7.68 -7.11 1.42
N ASN B 576 -6.92 -6.06 1.13
CA ASN B 576 -7.49 -4.83 0.60
C ASN B 576 -7.07 -4.52 -0.83
N CYS B 577 -6.34 -5.42 -1.47
CA CYS B 577 -5.94 -5.25 -2.87
C CYS B 577 -6.25 -6.52 -3.65
N ALA B 578 -6.63 -6.33 -4.90
CA ALA B 578 -6.88 -7.47 -5.78
C ALA B 578 -5.61 -8.29 -5.94
N PRO B 579 -5.71 -9.62 -6.12
CA PRO B 579 -6.93 -10.42 -6.32
C PRO B 579 -7.64 -10.86 -5.03
N GLY B 580 -6.99 -10.70 -3.88
CA GLY B 580 -7.56 -11.13 -2.63
C GLY B 580 -6.75 -12.19 -1.93
N PRO B 581 -7.23 -12.64 -0.77
CA PRO B 581 -6.45 -13.54 0.10
C PRO B 581 -6.73 -15.02 -0.05
N PHE B 582 -7.50 -15.46 -1.04
CA PHE B 582 -8.03 -16.82 -1.03
C PHE B 582 -7.07 -17.84 -1.63
N HIS B 583 -5.98 -17.41 -2.26
CA HIS B 583 -5.08 -18.33 -2.94
C HIS B 583 -3.63 -18.03 -2.60
N LEU B 584 -2.81 -19.07 -2.63
CA LEU B 584 -1.38 -18.98 -2.46
C LEU B 584 -0.69 -19.26 -3.79
N PHE B 585 0.08 -18.30 -4.28
CA PHE B 585 0.73 -18.44 -5.57
C PHE B 585 2.20 -18.82 -5.40
N PRO B 586 2.74 -19.63 -6.31
CA PRO B 586 4.17 -19.98 -6.21
C PRO B 586 5.10 -18.80 -6.36
N HIS B 587 4.75 -17.83 -7.20
CA HIS B 587 5.55 -16.63 -7.37
C HIS B 587 4.63 -15.43 -7.43
N THR B 588 5.20 -14.25 -7.26
CA THR B 588 4.44 -13.01 -7.29
C THR B 588 5.36 -11.91 -7.80
N PRO B 589 4.88 -11.06 -8.71
CA PRO B 589 5.73 -9.99 -9.25
C PRO B 589 5.99 -8.85 -8.28
N PHE B 590 5.33 -8.84 -7.13
CA PHE B 590 5.47 -7.79 -6.13
C PHE B 590 6.36 -8.21 -4.97
N ASP B 591 7.12 -9.29 -5.13
CA ASP B 591 8.02 -9.73 -4.07
C ASP B 591 9.08 -8.66 -3.83
N PRO B 592 9.41 -8.35 -2.57
CA PRO B 592 10.42 -7.31 -2.31
C PRO B 592 11.78 -7.70 -2.85
N VAL B 593 12.51 -6.72 -3.35
CA VAL B 593 13.86 -6.94 -3.86
C VAL B 593 14.87 -6.55 -2.79
N LEU B 594 16.04 -7.16 -2.86
CA LEU B 594 17.10 -6.84 -1.91
C LEU B 594 17.77 -5.51 -2.28
N PRO B 595 18.41 -4.86 -1.30
CA PRO B 595 19.22 -3.69 -1.62
C PRO B 595 20.47 -4.09 -2.40
N SER B 596 21.14 -3.07 -2.95
CA SER B 596 22.31 -3.30 -3.78
C SER B 596 23.44 -3.96 -2.99
N GLU B 597 23.53 -3.68 -1.69
CA GLU B 597 24.66 -4.17 -0.90
C GLU B 597 24.55 -5.63 -0.52
N ALA B 598 23.32 -6.16 -0.39
CA ALA B 598 23.14 -7.47 0.20
C ALA B 598 23.86 -8.56 -0.58
N LYS B 599 23.84 -8.50 -1.91
CA LYS B 599 24.48 -9.54 -2.71
C LYS B 599 25.98 -9.63 -2.45
N PHE B 600 26.59 -8.56 -1.91
CA PHE B 600 28.00 -8.60 -1.55
C PHE B 600 28.23 -8.96 -0.08
N LEU B 601 27.21 -8.79 0.76
CA LEU B 601 27.40 -8.93 2.20
C LEU B 601 26.51 -10.02 2.80
N GLY B 602 26.42 -11.17 2.14
CA GLY B 602 25.83 -12.36 2.73
C GLY B 602 24.60 -12.91 2.06
N SER B 603 24.12 -12.27 0.99
CA SER B 603 22.95 -12.76 0.25
C SER B 603 23.23 -12.80 -1.24
N GLY B 604 24.45 -13.17 -1.62
CA GLY B 604 24.84 -13.17 -3.02
C GLY B 604 24.45 -14.40 -3.80
N THR B 605 23.78 -15.36 -3.17
CA THR B 605 23.38 -16.58 -3.86
C THR B 605 22.51 -16.26 -5.08
N GLY B 606 23.00 -16.64 -6.26
CA GLY B 606 22.26 -16.47 -7.49
C GLY B 606 22.49 -15.16 -8.21
N PHE B 607 23.20 -14.22 -7.62
CA PHE B 607 23.42 -12.93 -8.28
C PHE B 607 24.60 -13.01 -9.23
N ARG B 608 24.51 -12.28 -10.33
CA ARG B 608 25.56 -12.18 -11.34
C ARG B 608 25.81 -10.71 -11.64
N PRO B 609 26.59 -10.03 -10.79
CA PRO B 609 26.85 -8.61 -11.01
C PRO B 609 27.65 -8.38 -12.28
N ILE B 610 27.57 -7.16 -12.80
CA ILE B 610 28.31 -6.77 -13.98
C ILE B 610 29.70 -6.29 -13.56
N GLY B 611 30.73 -6.89 -14.14
CA GLY B 611 32.08 -6.53 -13.78
C GLY B 611 32.47 -6.86 -12.36
N GLY B 612 31.76 -7.77 -11.72
CA GLY B 612 32.01 -8.09 -10.34
C GLY B 612 31.57 -7.04 -9.35
N GLY B 613 30.76 -6.08 -9.79
CA GLY B 613 30.35 -4.95 -8.97
C GLY B 613 31.00 -3.65 -9.37
N ALA B 614 32.04 -3.68 -10.20
CA ALA B 614 32.68 -2.47 -10.70
C ALA B 614 31.96 -1.85 -11.88
N GLY B 615 30.98 -2.55 -12.46
CA GLY B 615 30.33 -2.06 -13.65
C GLY B 615 31.23 -2.22 -14.86
N GLY B 616 30.79 -1.63 -15.96
CA GLY B 616 31.59 -1.64 -17.17
C GLY B 616 30.75 -1.34 -18.39
N SER B 617 31.36 -1.56 -19.55
CA SER B 617 30.80 -1.25 -20.85
C SER B 617 30.24 -2.51 -21.50
N GLY B 618 29.92 -2.41 -22.80
CA GLY B 618 29.24 -3.49 -23.50
C GLY B 618 29.70 -4.88 -23.11
N LYS B 619 31.01 -5.10 -23.05
CA LYS B 619 31.50 -6.44 -22.72
C LYS B 619 30.95 -6.91 -21.38
N GLU B 620 31.26 -6.19 -20.30
CA GLU B 620 30.81 -6.59 -18.98
C GLU B 620 29.30 -6.69 -18.93
N PHE B 621 28.60 -5.86 -19.72
CA PHE B 621 27.15 -5.92 -19.77
C PHE B 621 26.67 -7.22 -20.42
N GLN B 622 27.28 -7.61 -21.54
CA GLN B 622 26.86 -8.83 -22.23
C GLN B 622 27.25 -10.09 -21.47
N ALA B 623 28.21 -9.99 -20.53
CA ALA B 623 28.69 -11.17 -19.82
C ALA B 623 27.84 -11.53 -18.61
N ALA B 624 26.98 -10.62 -18.15
CA ALA B 624 26.18 -10.90 -16.96
C ALA B 624 24.84 -10.18 -17.08
N LEU B 625 23.83 -10.74 -16.42
CA LEU B 625 22.51 -10.12 -16.41
C LEU B 625 22.52 -8.82 -15.62
N GLY B 626 23.21 -8.80 -14.49
CA GLY B 626 23.19 -7.62 -13.64
C GLY B 626 21.82 -7.40 -13.05
N GLY B 627 21.48 -6.13 -12.86
CA GLY B 627 20.19 -5.77 -12.33
C GLY B 627 20.12 -5.91 -10.82
N ASN B 628 18.88 -5.90 -10.32
CA ASN B 628 18.61 -5.88 -8.90
C ASN B 628 18.07 -7.20 -8.37
N VAL B 629 18.02 -8.24 -9.19
CA VAL B 629 17.47 -9.53 -8.76
C VAL B 629 18.36 -10.65 -9.25
N PRO B 630 18.25 -11.83 -8.63
CA PRO B 630 19.12 -12.96 -9.00
C PRO B 630 18.94 -13.41 -10.45
N ARG B 631 19.80 -14.34 -10.85
CA ARG B 631 19.79 -14.83 -12.23
C ARG B 631 18.48 -15.56 -12.53
N GLU B 632 18.11 -15.57 -13.80
CA GLU B 632 16.76 -15.96 -14.19
C GLU B 632 16.78 -16.47 -15.63
N GLN B 633 15.80 -17.31 -15.95
CA GLN B 633 15.56 -17.75 -17.32
C GLN B 633 14.10 -17.48 -17.68
N PHE B 634 13.77 -17.69 -18.95
CA PHE B 634 12.42 -17.48 -19.45
C PHE B 634 12.01 -18.64 -20.35
N THR B 635 10.69 -18.81 -20.47
CA THR B 635 10.08 -19.88 -21.26
C THR B 635 9.28 -19.28 -22.40
N VAL B 636 9.39 -19.88 -23.58
CA VAL B 636 8.63 -19.43 -24.74
C VAL B 636 7.38 -20.28 -24.88
N VAL B 637 6.24 -19.60 -25.01
CA VAL B 637 4.95 -20.25 -25.20
C VAL B 637 4.45 -19.87 -26.58
N MET B 638 4.13 -20.87 -27.40
CA MET B 638 3.80 -20.67 -28.82
C MET B 638 2.51 -21.39 -29.14
N LEU B 639 1.52 -20.65 -29.62
CA LEU B 639 0.25 -21.21 -30.05
C LEU B 639 0.27 -21.41 -31.56
N THR B 640 -0.15 -22.60 -32.00
CA THR B 640 -0.07 -22.97 -33.42
C THR B 640 -1.38 -23.58 -33.85
N TYR B 641 -1.72 -23.39 -35.13
CA TYR B 641 -2.98 -23.90 -35.68
C TYR B 641 -2.87 -23.93 -37.19
N GLU B 642 -2.88 -25.13 -37.77
CA GLU B 642 -2.87 -25.33 -39.22
C GLU B 642 -1.73 -24.56 -39.90
N ARG B 643 -0.60 -24.41 -39.22
CA ARG B 643 0.57 -23.74 -39.79
C ARG B 643 1.83 -24.57 -39.54
N GLU B 644 1.76 -25.85 -39.91
CA GLU B 644 2.73 -26.85 -39.47
C GLU B 644 4.15 -26.52 -39.92
N GLU B 645 4.30 -25.83 -41.05
CA GLU B 645 5.63 -25.63 -41.64
C GLU B 645 6.31 -24.39 -41.06
N VAL B 646 5.59 -23.28 -41.01
CA VAL B 646 6.15 -22.06 -40.42
C VAL B 646 6.54 -22.33 -38.98
N LEU B 647 5.84 -23.24 -38.31
CA LEU B 647 6.20 -23.59 -36.94
C LEU B 647 7.60 -24.17 -36.87
N MET B 648 7.94 -25.08 -37.79
CA MET B 648 9.29 -25.63 -37.82
C MET B 648 10.32 -24.54 -38.02
N ASN B 649 10.08 -23.64 -38.99
CA ASN B 649 11.07 -22.60 -39.25
C ASN B 649 11.25 -21.67 -38.05
N SER B 650 10.13 -21.25 -37.45
CA SER B 650 10.21 -20.35 -36.30
C SER B 650 10.90 -21.02 -35.12
N LEU B 651 10.61 -22.30 -34.87
CA LEU B 651 11.30 -23.00 -33.80
C LEU B 651 12.79 -23.07 -34.08
N GLU B 652 13.18 -23.32 -35.33
CA GLU B 652 14.59 -23.34 -35.67
C GLU B 652 15.25 -21.98 -35.40
N ARG B 653 14.52 -20.89 -35.65
CA ARG B 653 15.09 -19.57 -35.38
C ARG B 653 15.43 -19.36 -33.90
N LEU B 654 14.81 -20.11 -32.99
CA LEU B 654 15.09 -19.95 -31.56
C LEU B 654 16.37 -20.63 -31.12
N ASN B 655 17.05 -21.33 -32.02
CA ASN B 655 18.27 -22.04 -31.67
C ASN B 655 19.33 -21.06 -31.19
N GLY B 656 19.81 -21.27 -29.96
CA GLY B 656 20.90 -20.49 -29.42
C GLY B 656 20.53 -19.33 -28.53
N LEU B 657 19.25 -19.17 -28.18
CA LEU B 657 18.88 -18.10 -27.27
C LEU B 657 19.57 -18.30 -25.93
N PRO B 658 20.31 -17.31 -25.42
CA PRO B 658 21.13 -17.55 -24.22
C PRO B 658 20.36 -17.93 -22.97
N TYR B 659 19.20 -17.33 -22.70
CA TYR B 659 18.52 -17.53 -21.44
C TYR B 659 17.18 -18.25 -21.60
N LEU B 660 17.09 -19.19 -22.54
CA LEU B 660 15.86 -19.92 -22.80
C LEU B 660 15.85 -21.21 -21.99
N ASN B 661 14.74 -21.44 -21.29
CA ASN B 661 14.62 -22.65 -20.47
C ASN B 661 14.03 -23.80 -21.26
N LYS B 662 12.89 -23.56 -21.91
CA LYS B 662 12.28 -24.54 -22.80
C LYS B 662 11.23 -23.84 -23.63
N VAL B 663 10.76 -24.53 -24.66
CA VAL B 663 9.73 -24.02 -25.56
C VAL B 663 8.49 -24.88 -25.38
N VAL B 664 7.35 -24.24 -25.13
CA VAL B 664 6.08 -24.91 -24.96
C VAL B 664 5.22 -24.59 -26.16
N VAL B 665 4.88 -25.62 -26.93
CA VAL B 665 4.06 -25.48 -28.13
C VAL B 665 2.66 -25.98 -27.78
N VAL B 666 1.68 -25.09 -27.87
CA VAL B 666 0.31 -25.38 -27.49
C VAL B 666 -0.43 -25.77 -28.76
N TRP B 667 -0.70 -27.07 -28.89
CA TRP B 667 -1.32 -27.61 -30.11
C TRP B 667 -2.83 -27.45 -30.00
N ASN B 668 -3.38 -26.55 -30.80
CA ASN B 668 -4.80 -26.23 -30.77
C ASN B 668 -5.62 -27.03 -31.78
N SER B 669 -5.01 -27.47 -32.87
CA SER B 669 -5.78 -28.08 -33.94
C SER B 669 -6.44 -29.38 -33.46
N PRO B 670 -7.64 -29.69 -33.94
CA PRO B 670 -8.26 -30.97 -33.55
C PRO B 670 -7.44 -32.18 -33.97
N LYS B 671 -6.71 -32.08 -35.08
CA LYS B 671 -5.88 -33.17 -35.55
C LYS B 671 -4.48 -33.09 -34.93
N LEU B 672 -3.97 -34.25 -34.51
CA LEU B 672 -2.66 -34.31 -33.90
C LEU B 672 -1.56 -34.11 -34.94
N PRO B 673 -0.36 -33.73 -34.50
CA PRO B 673 0.75 -33.64 -35.45
C PRO B 673 1.11 -35.00 -36.03
N SER B 674 1.54 -35.00 -37.29
CA SER B 674 1.85 -36.25 -37.98
C SER B 674 3.17 -36.82 -37.49
N GLU B 675 3.30 -38.14 -37.62
CA GLU B 675 4.50 -38.84 -37.15
C GLU B 675 5.72 -38.55 -38.01
N ASP B 676 5.53 -38.11 -39.25
CA ASP B 676 6.65 -37.84 -40.16
C ASP B 676 7.26 -36.47 -39.95
N LEU B 677 6.69 -35.65 -39.07
CA LEU B 677 7.16 -34.28 -38.86
C LEU B 677 8.39 -34.32 -37.96
N LEU B 678 9.53 -33.91 -38.50
CA LEU B 678 10.78 -33.90 -37.73
C LEU B 678 10.93 -32.54 -37.04
N TRP B 679 10.91 -32.56 -35.72
CA TRP B 679 11.06 -31.32 -34.97
C TRP B 679 12.54 -30.99 -34.80
N PRO B 680 12.91 -29.72 -34.92
CA PRO B 680 14.33 -29.36 -34.89
C PRO B 680 14.94 -29.54 -33.51
N ASP B 681 16.27 -29.59 -33.49
CA ASP B 681 17.05 -29.70 -32.26
C ASP B 681 17.64 -28.32 -31.98
N ILE B 682 17.00 -27.59 -31.08
CA ILE B 682 17.31 -26.18 -30.86
C ILE B 682 18.10 -26.00 -29.56
N GLY B 683 18.53 -27.11 -28.96
CA GLY B 683 19.33 -27.06 -27.76
C GLY B 683 18.57 -27.04 -26.47
N VAL B 684 17.25 -26.86 -26.50
CA VAL B 684 16.43 -26.88 -25.29
C VAL B 684 15.26 -27.80 -25.54
N PRO B 685 14.64 -28.31 -24.47
CA PRO B 685 13.47 -29.17 -24.65
C PRO B 685 12.34 -28.46 -25.39
N ILE B 686 11.67 -29.20 -26.25
CA ILE B 686 10.43 -28.77 -26.88
C ILE B 686 9.33 -29.68 -26.36
N MET B 687 8.32 -29.08 -25.75
CA MET B 687 7.21 -29.81 -25.15
C MET B 687 5.92 -29.41 -25.84
N VAL B 688 5.27 -30.36 -26.49
CA VAL B 688 4.02 -30.14 -27.20
C VAL B 688 2.89 -30.61 -26.30
N VAL B 689 2.01 -29.69 -25.92
CA VAL B 689 0.96 -29.95 -24.94
C VAL B 689 -0.37 -30.02 -25.67
N ARG B 690 -1.17 -31.02 -25.31
CA ARG B 690 -2.43 -31.27 -25.97
C ARG B 690 -3.55 -30.47 -25.30
N THR B 691 -4.26 -29.68 -26.09
CA THR B 691 -5.36 -28.87 -25.59
C THR B 691 -6.67 -29.65 -25.68
N GLU B 692 -7.50 -29.50 -24.66
CA GLU B 692 -8.76 -30.24 -24.61
C GLU B 692 -9.83 -29.60 -25.49
N LYS B 693 -9.68 -28.32 -25.83
CA LYS B 693 -10.57 -27.69 -26.79
C LYS B 693 -9.88 -26.50 -27.42
N ASN B 694 -10.31 -26.15 -28.62
CA ASN B 694 -9.66 -25.11 -29.41
C ASN B 694 -10.11 -23.74 -28.91
N SER B 695 -9.16 -22.96 -28.41
CA SER B 695 -9.46 -21.66 -27.81
C SER B 695 -8.19 -20.84 -27.74
N LEU B 696 -8.31 -19.54 -28.01
CA LEU B 696 -7.18 -18.64 -27.84
C LEU B 696 -6.82 -18.41 -26.38
N ASN B 697 -7.72 -18.76 -25.45
CA ASN B 697 -7.40 -18.63 -24.04
C ASN B 697 -6.38 -19.65 -23.58
N ASN B 698 -6.05 -20.63 -24.42
CA ASN B 698 -5.13 -21.68 -24.02
C ASN B 698 -3.70 -21.18 -23.90
N ARG B 699 -3.35 -20.08 -24.58
CA ARG B 699 -1.99 -19.57 -24.48
C ARG B 699 -1.69 -18.96 -23.12
N PHE B 700 -2.72 -18.60 -22.36
CA PHE B 700 -2.54 -18.06 -21.01
C PHE B 700 -2.86 -19.06 -19.92
N LEU B 701 -2.99 -20.34 -20.25
CA LEU B 701 -3.18 -21.35 -19.22
C LEU B 701 -1.87 -21.57 -18.47
N PRO B 702 -1.91 -21.63 -17.14
CA PRO B 702 -0.66 -21.83 -16.38
C PRO B 702 -0.18 -23.27 -16.44
N TRP B 703 0.41 -23.62 -17.57
CA TRP B 703 0.80 -25.00 -17.82
C TRP B 703 1.80 -25.48 -16.78
N ASN B 704 1.63 -26.73 -16.35
CA ASN B 704 2.57 -27.37 -15.44
C ASN B 704 3.98 -27.38 -16.00
N GLU B 705 4.13 -27.35 -17.33
CA GLU B 705 5.45 -27.45 -17.94
C GLU B 705 6.27 -26.18 -17.77
N ILE B 706 5.64 -25.06 -17.42
CA ILE B 706 6.35 -23.79 -17.31
C ILE B 706 7.05 -23.74 -15.96
N GLU B 707 8.39 -23.73 -15.99
CA GLU B 707 9.21 -23.76 -14.78
C GLU B 707 9.77 -22.39 -14.42
N THR B 708 9.40 -21.34 -15.15
CA THR B 708 9.98 -20.02 -14.96
C THR B 708 8.90 -19.00 -14.62
N GLU B 709 9.32 -17.94 -13.91
CA GLU B 709 8.44 -16.82 -13.66
C GLU B 709 8.08 -16.09 -14.95
N ALA B 710 9.07 -15.89 -15.82
CA ALA B 710 8.87 -15.12 -17.05
C ALA B 710 8.35 -16.01 -18.17
N ILE B 711 7.39 -15.48 -18.92
CA ILE B 711 6.87 -16.11 -20.12
C ILE B 711 7.05 -15.16 -21.28
N LEU B 712 7.64 -15.66 -22.37
CA LEU B 712 7.68 -14.93 -23.63
C LEU B 712 6.62 -15.50 -24.54
N SER B 713 5.57 -14.72 -24.80
CA SER B 713 4.47 -15.15 -25.63
C SER B 713 4.69 -14.65 -27.05
N ILE B 714 4.80 -15.59 -28.00
CA ILE B 714 5.18 -15.28 -29.36
C ILE B 714 4.31 -16.08 -30.32
N ASP B 715 3.80 -15.41 -31.35
CA ASP B 715 3.08 -16.10 -32.41
C ASP B 715 4.04 -16.97 -33.21
N ASP B 716 3.51 -18.03 -33.81
CA ASP B 716 4.33 -19.01 -34.50
C ASP B 716 4.90 -18.49 -35.82
N ASP B 717 4.52 -17.28 -36.22
CA ASP B 717 5.03 -16.68 -37.45
C ASP B 717 5.73 -15.34 -37.22
N ALA B 718 6.10 -15.02 -35.98
CA ALA B 718 6.75 -13.76 -35.69
C ALA B 718 8.26 -13.88 -35.87
N HIS B 719 8.87 -12.78 -36.28
CA HIS B 719 10.31 -12.71 -36.51
C HIS B 719 10.92 -11.71 -35.54
N LEU B 720 11.67 -12.22 -34.56
CA LEU B 720 12.38 -11.41 -33.60
C LEU B 720 13.86 -11.77 -33.61
N ARG B 721 14.72 -10.76 -33.62
CA ARG B 721 16.15 -10.99 -33.49
C ARG B 721 16.50 -11.30 -32.04
N HIS B 722 17.59 -12.06 -31.88
CA HIS B 722 17.99 -12.49 -30.54
C HIS B 722 18.28 -11.30 -29.62
N ASP B 723 18.83 -10.22 -30.18
CA ASP B 723 19.23 -9.10 -29.34
C ASP B 723 18.04 -8.28 -28.86
N GLU B 724 16.93 -8.31 -29.61
CA GLU B 724 15.70 -7.67 -29.13
C GLU B 724 15.12 -8.44 -27.96
N ILE B 725 15.10 -9.77 -28.07
CA ILE B 725 14.53 -10.61 -27.02
C ILE B 725 15.30 -10.43 -25.72
N MET B 726 16.63 -10.41 -25.79
CA MET B 726 17.45 -10.31 -24.59
C MET B 726 17.27 -8.96 -23.89
N PHE B 727 17.24 -7.88 -24.66
CA PHE B 727 17.01 -6.56 -24.06
C PHE B 727 15.62 -6.49 -23.43
N GLY B 728 14.61 -7.03 -24.11
CA GLY B 728 13.29 -7.09 -23.52
C GLY B 728 13.27 -7.88 -22.23
N PHE B 729 14.03 -8.98 -22.18
CA PHE B 729 14.12 -9.77 -20.95
C PHE B 729 14.73 -8.98 -19.82
N ARG B 730 15.79 -8.23 -20.11
CA ARG B 730 16.40 -7.39 -19.07
C ARG B 730 15.41 -6.34 -18.57
N VAL B 731 14.73 -5.68 -19.50
CA VAL B 731 13.73 -4.67 -19.10
C VAL B 731 12.67 -5.29 -18.22
N TRP B 732 12.16 -6.47 -18.61
CA TRP B 732 11.14 -7.12 -17.79
C TRP B 732 11.70 -7.48 -16.42
N ARG B 733 12.92 -8.00 -16.36
CA ARG B 733 13.54 -8.24 -15.06
C ARG B 733 13.52 -6.98 -14.21
N GLU B 734 13.63 -5.82 -14.84
CA GLU B 734 13.51 -4.57 -14.11
C GLU B 734 12.07 -4.12 -13.89
N ALA B 735 11.10 -4.71 -14.58
CA ALA B 735 9.71 -4.23 -14.57
C ALA B 735 8.75 -5.42 -14.48
N ARG B 736 8.96 -6.29 -13.49
CA ARG B 736 8.33 -7.61 -13.48
C ARG B 736 6.81 -7.56 -13.49
N ASP B 737 6.20 -6.47 -13.03
CA ASP B 737 4.74 -6.41 -12.95
C ASP B 737 4.09 -5.81 -14.19
N ARG B 738 4.86 -5.47 -15.22
CA ARG B 738 4.32 -4.87 -16.43
C ARG B 738 4.33 -5.87 -17.58
N ILE B 739 3.53 -5.58 -18.60
CA ILE B 739 3.68 -6.22 -19.90
C ILE B 739 4.75 -5.46 -20.67
N VAL B 740 5.78 -6.19 -21.11
CA VAL B 740 6.92 -5.61 -21.81
C VAL B 740 6.97 -6.28 -23.17
N GLY B 741 6.71 -5.51 -24.22
CA GLY B 741 6.62 -6.10 -25.54
C GLY B 741 6.76 -5.10 -26.66
N PHE B 742 6.87 -5.64 -27.86
CA PHE B 742 7.22 -4.94 -29.08
C PHE B 742 6.04 -4.29 -29.81
N PRO B 743 4.91 -4.98 -30.03
CA PRO B 743 3.83 -4.37 -30.80
C PRO B 743 2.97 -3.44 -29.96
N GLY B 744 2.65 -2.27 -30.49
CA GLY B 744 1.91 -1.25 -29.75
C GLY B 744 0.62 -0.86 -30.44
N ARG B 745 -0.40 -0.60 -29.62
CA ARG B 745 -1.70 -0.14 -30.09
C ARG B 745 -2.23 0.87 -29.08
N TYR B 746 -3.33 1.54 -29.42
CA TYR B 746 -3.93 2.50 -28.53
C TYR B 746 -5.43 2.57 -28.75
N HIS B 747 -6.13 3.09 -27.76
CA HIS B 747 -7.58 3.20 -27.75
C HIS B 747 -7.98 4.67 -27.87
N ALA B 748 -9.05 4.91 -28.62
CA ALA B 748 -9.48 6.25 -28.99
C ALA B 748 -10.96 6.44 -28.68
N TRP B 749 -11.34 7.70 -28.51
CA TRP B 749 -12.70 8.07 -28.15
C TRP B 749 -13.46 8.50 -29.40
N ASP B 750 -14.65 7.93 -29.59
CA ASP B 750 -15.51 8.26 -30.73
C ASP B 750 -16.58 9.22 -30.22
N ILE B 751 -16.43 10.50 -30.58
CA ILE B 751 -17.31 11.53 -30.04
C ILE B 751 -18.75 11.34 -30.51
N PRO B 752 -19.03 11.10 -31.80
CA PRO B 752 -20.44 10.95 -32.22
C PRO B 752 -21.19 9.85 -31.50
N HIS B 753 -20.51 8.80 -31.05
CA HIS B 753 -21.15 7.67 -30.40
C HIS B 753 -20.78 7.51 -28.93
N GLN B 754 -19.88 8.34 -28.41
CA GLN B 754 -19.50 8.28 -27.00
C GLN B 754 -19.06 6.87 -26.61
N SER B 755 -18.25 6.27 -27.47
CA SER B 755 -17.74 4.92 -27.25
C SER B 755 -16.26 4.89 -27.62
N TRP B 756 -15.64 3.75 -27.37
CA TRP B 756 -14.23 3.57 -27.60
C TRP B 756 -13.96 2.90 -28.94
N LEU B 757 -12.80 3.19 -29.51
CA LEU B 757 -12.34 2.58 -30.75
C LEU B 757 -10.95 1.99 -30.58
N TYR B 758 -10.71 0.87 -31.26
CA TYR B 758 -9.39 0.29 -31.36
C TYR B 758 -8.65 0.86 -32.55
N ASN B 759 -7.41 1.28 -32.33
CA ASN B 759 -6.63 1.97 -33.36
C ASN B 759 -5.25 1.33 -33.48
N SER B 760 -4.76 1.23 -34.71
CA SER B 760 -3.47 0.62 -34.99
C SER B 760 -2.60 1.46 -35.93
N ASN B 761 -2.99 2.69 -36.22
CA ASN B 761 -2.14 3.59 -36.98
C ASN B 761 -0.82 3.76 -36.23
N TYR B 762 0.18 4.36 -36.88
CA TYR B 762 1.33 4.81 -36.10
C TYR B 762 0.89 5.98 -35.22
N SER B 763 1.46 6.05 -34.03
CA SER B 763 1.02 7.01 -33.03
C SER B 763 2.21 7.43 -32.18
N CYS B 764 2.07 8.59 -31.54
CA CYS B 764 3.06 9.08 -30.60
C CYS B 764 2.75 8.69 -29.16
N GLU B 765 1.58 8.12 -28.90
CA GLU B 765 1.24 7.60 -27.59
C GLU B 765 0.53 6.26 -27.74
N LEU B 766 0.72 5.40 -26.75
CA LEU B 766 0.23 4.03 -26.79
C LEU B 766 -0.50 3.69 -25.50
N SER B 767 -1.32 2.65 -25.57
CA SER B 767 -1.99 2.11 -24.38
C SER B 767 -1.98 0.60 -24.29
N MET B 768 -1.65 -0.13 -25.34
CA MET B 768 -1.64 -1.59 -25.33
C MET B 768 -0.38 -2.13 -25.98
N VAL B 769 0.13 -3.23 -25.44
CA VAL B 769 1.20 -4.00 -26.05
C VAL B 769 0.65 -5.40 -26.30
N LEU B 770 0.54 -5.77 -27.57
CA LEU B 770 -0.07 -7.06 -27.91
C LEU B 770 0.84 -8.21 -27.52
N THR B 771 0.23 -9.26 -27.00
CA THR B 771 0.96 -10.45 -26.57
C THR B 771 1.46 -11.30 -27.73
N GLY B 772 1.26 -10.86 -28.97
CA GLY B 772 1.89 -11.53 -30.09
C GLY B 772 3.40 -11.59 -29.97
N ALA B 773 4.00 -10.61 -29.28
CA ALA B 773 5.41 -10.68 -28.89
C ALA B 773 5.56 -9.81 -27.63
N ALA B 774 5.57 -10.47 -26.48
CA ALA B 774 5.62 -9.75 -25.21
C ALA B 774 6.03 -10.68 -24.07
N PHE B 775 6.69 -10.09 -23.08
CA PHE B 775 7.01 -10.77 -21.84
C PHE B 775 5.95 -10.46 -20.78
N PHE B 776 5.67 -11.44 -19.93
CA PHE B 776 4.83 -11.18 -18.76
C PHE B 776 5.03 -12.29 -17.74
N HIS B 777 4.58 -12.01 -16.52
CA HIS B 777 4.71 -12.93 -15.39
C HIS B 777 3.62 -13.99 -15.41
N LYS B 778 4.00 -15.22 -15.05
CA LYS B 778 3.06 -16.33 -15.04
C LYS B 778 1.90 -16.09 -14.08
N TYR B 779 2.15 -15.37 -12.99
CA TYR B 779 1.09 -14.94 -12.07
C TYR B 779 -0.16 -14.49 -12.80
N TYR B 780 0.03 -13.65 -13.82
CA TYR B 780 -1.11 -13.17 -14.60
C TYR B 780 -1.79 -14.27 -15.38
N ALA B 781 -1.09 -15.36 -15.72
CA ALA B 781 -1.75 -16.49 -16.34
C ALA B 781 -2.73 -17.16 -15.39
N TYR B 782 -2.32 -17.38 -14.14
CA TYR B 782 -3.23 -17.87 -13.12
C TYR B 782 -4.43 -16.96 -12.98
N LEU B 783 -4.18 -15.65 -12.88
CA LEU B 783 -5.28 -14.70 -12.72
C LEU B 783 -6.24 -14.75 -13.91
N TYR B 784 -5.69 -14.76 -15.13
CA TYR B 784 -6.52 -14.81 -16.33
C TYR B 784 -7.37 -16.06 -16.36
N SER B 785 -6.78 -17.21 -16.00
CA SER B 785 -7.48 -18.47 -16.14
C SER B 785 -8.50 -18.70 -15.03
N TYR B 786 -8.24 -18.23 -13.80
CA TYR B 786 -9.04 -18.65 -12.66
C TYR B 786 -9.67 -17.54 -11.83
N VAL B 787 -9.27 -16.27 -11.99
CA VAL B 787 -9.79 -15.20 -11.15
C VAL B 787 -10.49 -14.14 -11.99
N MET B 788 -10.13 -14.01 -13.25
CA MET B 788 -10.77 -13.04 -14.13
C MET B 788 -12.21 -13.47 -14.40
N PRO B 789 -13.13 -12.53 -14.65
CA PRO B 789 -14.52 -12.90 -14.89
C PRO B 789 -14.68 -13.84 -16.07
N GLN B 790 -15.66 -14.75 -15.95
CA GLN B 790 -15.89 -15.77 -16.97
C GLN B 790 -16.42 -15.16 -18.26
N ALA B 791 -17.20 -14.08 -18.17
CA ALA B 791 -17.78 -13.46 -19.36
C ALA B 791 -16.71 -13.07 -20.37
N ILE B 792 -15.56 -12.58 -19.89
CA ILE B 792 -14.50 -12.15 -20.80
C ILE B 792 -13.96 -13.33 -21.59
N ARG B 793 -13.71 -14.45 -20.92
CA ARG B 793 -13.22 -15.64 -21.61
C ARG B 793 -14.27 -16.19 -22.57
N ASP B 794 -15.54 -16.17 -22.16
CA ASP B 794 -16.60 -16.61 -23.07
C ASP B 794 -16.64 -15.75 -24.33
N MET B 795 -16.47 -14.43 -24.18
CA MET B 795 -16.43 -13.57 -25.35
C MET B 795 -15.22 -13.87 -26.23
N VAL B 796 -14.06 -14.10 -25.61
CA VAL B 796 -12.88 -14.45 -26.39
C VAL B 796 -13.18 -15.70 -27.23
N ASP B 797 -13.86 -16.68 -26.63
CA ASP B 797 -14.23 -17.88 -27.37
C ASP B 797 -15.22 -17.55 -28.49
N GLU B 798 -16.17 -16.66 -28.25
CA GLU B 798 -17.23 -16.40 -29.23
C GLU B 798 -16.68 -15.79 -30.51
N TYR B 799 -15.80 -14.80 -30.40
CA TYR B 799 -15.23 -14.18 -31.58
C TYR B 799 -13.95 -14.85 -32.05
N ILE B 800 -13.38 -15.76 -31.25
CA ILE B 800 -12.07 -16.42 -31.53
C ILE B 800 -11.08 -15.28 -31.80
N ASN B 801 -11.17 -14.22 -31.00
CA ASN B 801 -10.38 -12.96 -31.11
C ASN B 801 -10.34 -12.26 -29.76
N CYS B 802 -9.52 -11.22 -29.64
CA CYS B 802 -9.40 -10.25 -28.52
C CYS B 802 -8.80 -10.84 -27.24
N GLU B 803 -7.96 -11.88 -27.27
CA GLU B 803 -7.37 -12.37 -26.03
C GLU B 803 -6.27 -11.46 -25.51
N ASP B 804 -5.54 -10.79 -26.41
CA ASP B 804 -4.51 -9.85 -25.99
C ASP B 804 -5.10 -8.63 -25.30
N ILE B 805 -6.18 -8.09 -25.85
CA ILE B 805 -6.84 -6.93 -25.25
C ILE B 805 -7.29 -7.26 -23.83
N ALA B 806 -7.81 -8.48 -23.62
CA ALA B 806 -8.24 -8.88 -22.29
C ALA B 806 -7.09 -8.88 -21.30
N MET B 807 -5.93 -9.40 -21.72
CA MET B 807 -4.78 -9.44 -20.83
C MET B 807 -4.28 -8.03 -20.50
N ASN B 808 -4.28 -7.14 -21.48
CA ASN B 808 -3.91 -5.75 -21.19
C ASN B 808 -4.89 -5.13 -20.20
N PHE B 809 -6.18 -5.37 -20.38
CA PHE B 809 -7.18 -4.89 -19.43
C PHE B 809 -6.88 -5.40 -18.03
N LEU B 810 -6.59 -6.70 -17.90
CA LEU B 810 -6.33 -7.30 -16.60
C LEU B 810 -5.12 -6.66 -15.93
N VAL B 811 -4.00 -6.58 -16.66
CA VAL B 811 -2.77 -6.12 -16.05
C VAL B 811 -2.87 -4.63 -15.70
N SER B 812 -3.54 -3.83 -16.53
CA SER B 812 -3.75 -2.44 -16.16
C SER B 812 -4.68 -2.31 -14.96
N HIS B 813 -5.70 -3.17 -14.86
CA HIS B 813 -6.58 -3.15 -13.70
C HIS B 813 -5.82 -3.45 -12.42
N ILE B 814 -4.91 -4.43 -12.46
CA ILE B 814 -4.17 -4.80 -11.26
C ILE B 814 -3.19 -3.69 -10.86
N THR B 815 -2.43 -3.16 -11.82
CA THR B 815 -1.32 -2.28 -11.51
C THR B 815 -1.66 -0.80 -11.63
N ARG B 816 -2.63 -0.44 -12.46
CA ARG B 816 -2.91 0.96 -12.75
C ARG B 816 -1.69 1.65 -13.36
N LYS B 817 -0.95 0.91 -14.18
CA LYS B 817 0.18 1.44 -14.92
C LYS B 817 0.13 0.95 -16.35
N PRO B 818 0.64 1.74 -17.29
CA PRO B 818 0.62 1.32 -18.69
C PRO B 818 1.72 0.34 -18.99
N PRO B 819 1.69 -0.30 -20.16
CA PRO B 819 2.76 -1.24 -20.53
C PRO B 819 4.00 -0.51 -21.02
N ILE B 820 5.02 -1.29 -21.33
CA ILE B 820 6.33 -0.78 -21.76
C ILE B 820 6.60 -1.26 -23.18
N LYS B 821 6.87 -0.30 -24.06
CA LYS B 821 7.24 -0.56 -25.45
C LYS B 821 8.76 -0.63 -25.55
N VAL B 822 9.28 -1.65 -26.21
CA VAL B 822 10.69 -2.00 -26.07
C VAL B 822 11.56 -1.45 -27.19
N THR B 823 11.15 -1.57 -28.45
CA THR B 823 12.00 -1.15 -29.56
C THR B 823 11.23 -0.25 -30.51
N SER B 824 11.91 0.09 -31.62
CA SER B 824 11.37 1.01 -32.61
C SER B 824 10.51 0.32 -33.65
N ARG B 825 10.54 -1.00 -33.72
CA ARG B 825 9.86 -1.70 -34.80
C ARG B 825 8.35 -1.75 -34.57
N TRP B 826 7.61 -1.70 -35.67
CA TRP B 826 6.15 -1.73 -35.64
C TRP B 826 5.54 -2.91 -36.38
N THR B 827 6.32 -3.59 -37.22
CA THR B 827 5.85 -4.77 -37.93
C THR B 827 6.88 -5.88 -37.77
N PHE B 828 6.41 -7.11 -37.67
CA PHE B 828 7.25 -8.26 -37.32
C PHE B 828 7.02 -9.44 -38.27
N ARG B 829 6.96 -9.15 -39.56
CA ARG B 829 6.80 -10.19 -40.57
C ARG B 829 8.15 -10.63 -41.10
N ASP B 840 -8.60 -9.41 -41.41
CA ASP B 840 -9.66 -8.88 -42.26
C ASP B 840 -10.46 -7.80 -41.53
N ASP B 841 -11.40 -7.18 -42.23
CA ASP B 841 -12.14 -6.07 -41.67
C ASP B 841 -13.02 -6.49 -40.50
N SER B 842 -13.74 -7.60 -40.64
CA SER B 842 -14.55 -8.08 -39.53
C SER B 842 -13.69 -8.36 -38.30
N HIS B 843 -12.49 -8.91 -38.52
CA HIS B 843 -11.55 -9.13 -37.44
C HIS B 843 -11.18 -7.82 -36.76
N PHE B 844 -11.38 -6.69 -37.45
CA PHE B 844 -11.03 -5.39 -36.90
C PHE B 844 -12.19 -4.76 -36.14
N HIS B 845 -13.42 -4.92 -36.65
CA HIS B 845 -14.59 -4.41 -35.96
C HIS B 845 -14.89 -5.20 -34.70
N GLU B 846 -14.61 -6.51 -34.73
CA GLU B 846 -14.81 -7.34 -33.54
C GLU B 846 -14.06 -6.76 -32.34
N ARG B 847 -12.94 -6.09 -32.60
CA ARG B 847 -12.11 -5.60 -31.50
C ARG B 847 -12.68 -4.33 -30.87
N HIS B 848 -13.31 -3.46 -31.67
CA HIS B 848 -14.07 -2.37 -31.08
C HIS B 848 -15.13 -2.91 -30.13
N LYS B 849 -15.88 -3.92 -30.59
CA LYS B 849 -16.92 -4.50 -29.75
C LYS B 849 -16.33 -5.14 -28.50
N CYS B 850 -15.19 -5.82 -28.64
CA CYS B 850 -14.53 -6.43 -27.49
C CYS B 850 -14.17 -5.37 -26.44
N ILE B 851 -13.62 -4.23 -26.90
CA ILE B 851 -13.23 -3.18 -25.97
C ILE B 851 -14.46 -2.66 -25.22
N ASN B 852 -15.53 -2.38 -25.96
CA ASN B 852 -16.74 -1.86 -25.31
C ASN B 852 -17.28 -2.84 -24.27
N PHE B 853 -17.33 -4.12 -24.63
CA PHE B 853 -17.87 -5.11 -23.69
C PHE B 853 -16.99 -5.24 -22.46
N PHE B 854 -15.66 -5.22 -22.64
CA PHE B 854 -14.78 -5.33 -21.48
C PHE B 854 -14.95 -4.12 -20.57
N VAL B 855 -15.16 -2.94 -21.14
CA VAL B 855 -15.45 -1.77 -20.33
C VAL B 855 -16.73 -1.99 -19.53
N LYS B 856 -17.74 -2.58 -20.15
CA LYS B 856 -18.96 -2.90 -19.41
C LYS B 856 -18.68 -3.86 -18.26
N VAL B 857 -17.88 -4.90 -18.52
CA VAL B 857 -17.62 -5.92 -17.51
C VAL B 857 -16.87 -5.32 -16.32
N TYR B 858 -15.86 -4.49 -16.58
CA TYR B 858 -15.05 -3.96 -15.50
C TYR B 858 -15.72 -2.78 -14.81
N GLY B 859 -16.61 -2.07 -15.51
CA GLY B 859 -17.23 -0.88 -15.00
C GLY B 859 -16.50 0.40 -15.34
N TYR B 860 -15.31 0.32 -15.90
CA TYR B 860 -14.52 1.48 -16.27
C TYR B 860 -13.47 1.03 -17.26
N MET B 861 -12.81 2.01 -17.88
CA MET B 861 -11.70 1.74 -18.78
C MET B 861 -10.40 1.75 -17.99
N PRO B 862 -9.73 0.60 -17.82
CA PRO B 862 -8.50 0.58 -17.03
C PRO B 862 -7.24 0.94 -17.79
N LEU B 863 -7.30 1.10 -19.10
CA LEU B 863 -6.09 1.36 -19.88
C LEU B 863 -5.59 2.78 -19.67
N LEU B 864 -4.28 2.94 -19.76
CA LEU B 864 -3.62 4.22 -19.57
C LEU B 864 -2.60 4.45 -20.68
N TYR B 865 -2.37 5.71 -21.00
CA TYR B 865 -1.48 6.07 -22.09
C TYR B 865 -0.04 6.23 -21.62
N THR B 866 0.88 5.86 -22.52
CA THR B 866 2.30 6.14 -22.35
C THR B 866 2.79 6.87 -23.60
N GLN B 867 3.67 7.85 -23.38
CA GLN B 867 4.20 8.68 -24.47
C GLN B 867 5.69 8.44 -24.71
N PHE B 868 6.22 7.30 -24.28
CA PHE B 868 7.63 7.03 -24.48
C PHE B 868 7.85 5.52 -24.60
N ARG B 869 8.99 5.18 -25.18
CA ARG B 869 9.48 3.81 -25.27
C ARG B 869 10.88 3.75 -24.66
N VAL B 870 11.39 2.55 -24.51
CA VAL B 870 12.67 2.33 -23.84
C VAL B 870 13.70 1.84 -24.83
N ASP B 871 14.94 2.26 -24.63
CA ASP B 871 16.07 1.81 -25.42
C ASP B 871 17.27 1.62 -24.50
N SER B 872 18.30 0.96 -25.01
CA SER B 872 19.51 0.77 -24.24
C SER B 872 20.20 2.10 -23.96
N VAL B 873 20.93 2.15 -22.84
CA VAL B 873 21.48 3.41 -22.36
C VAL B 873 22.38 4.06 -23.41
N LEU B 874 23.32 3.28 -23.96
CA LEU B 874 24.29 3.80 -24.92
C LEU B 874 23.83 3.63 -26.36
N PHE B 875 22.52 3.58 -26.59
CA PHE B 875 21.99 3.43 -27.94
C PHE B 875 22.23 4.70 -28.74
N LYS B 876 22.87 4.54 -29.90
CA LYS B 876 23.19 5.65 -30.80
C LYS B 876 23.98 6.75 -30.10
N THR B 877 24.93 6.37 -29.25
CA THR B 877 25.78 7.34 -28.56
C THR B 877 27.20 7.26 -29.11
N ARG B 878 27.86 8.41 -29.20
CA ARG B 878 29.23 8.49 -29.69
C ARG B 878 30.17 8.22 -28.53
N LEU B 879 30.77 7.04 -28.52
CA LEU B 879 31.57 6.58 -27.40
C LEU B 879 33.05 6.86 -27.63
N PRO B 880 33.83 6.96 -26.56
CA PRO B 880 35.29 6.91 -26.71
C PRO B 880 35.72 5.51 -27.13
N HIS B 881 36.89 5.43 -27.75
CA HIS B 881 37.30 4.20 -28.41
C HIS B 881 37.43 3.03 -27.45
N ASP B 882 37.70 3.30 -26.17
CA ASP B 882 37.84 2.20 -25.22
C ASP B 882 36.49 1.56 -24.89
N LYS B 883 35.41 2.33 -24.94
CA LYS B 883 34.09 1.83 -24.58
C LYS B 883 33.45 1.08 -25.74
N THR B 884 32.42 0.30 -25.41
CA THR B 884 31.68 -0.49 -26.38
C THR B 884 30.19 -0.36 -26.08
N LYS B 885 29.38 -0.34 -27.14
CA LYS B 885 27.94 -0.22 -26.98
C LYS B 885 27.35 -1.50 -26.41
N CYS B 886 26.27 -1.34 -25.64
CA CYS B 886 25.63 -2.49 -25.01
C CYS B 886 25.10 -3.47 -26.05
N PHE B 887 24.45 -2.97 -27.08
CA PHE B 887 24.01 -3.78 -28.21
C PHE B 887 24.44 -3.10 -29.50
N LYS B 888 24.70 -3.92 -30.52
CA LYS B 888 25.12 -3.38 -31.81
C LYS B 888 24.00 -2.57 -32.47
N PHE B 889 22.77 -3.08 -32.47
CA PHE B 889 21.64 -2.41 -33.16
C PHE B 889 20.49 -2.03 -32.21
N ILE B 890 20.60 -2.27 -30.90
CA ILE B 890 19.49 -1.98 -29.99
C ILE B 890 19.97 -1.03 -28.88
#